data_7PQ4
#
_entry.id   7PQ4
#
_entity_poly.entity_id   1
_entity_poly.type   'polypeptide(L)'
_entity_poly.pdbx_seq_one_letter_code
;MAHHHHHHVDDDDKMGTSIADVANDKPYTVAVSGKTITVESPAAGLTIFDMNGRRVATAKNRMVFEAQNGVYAVRIATEG
KTYTEKVIVK
;
_entity_poly.pdbx_strand_id   A
#
# COMPACT_ATOMS: atom_id res chain seq x y z
N MET A 1 20.97 -6.08 32.43
CA MET A 1 20.46 -7.47 32.36
C MET A 1 21.33 -8.34 31.46
N ALA A 2 22.19 -9.15 32.07
CA ALA A 2 23.08 -10.03 31.33
C ALA A 2 22.45 -11.40 31.12
N HIS A 3 21.28 -11.61 31.71
CA HIS A 3 20.57 -12.87 31.60
C HIS A 3 19.84 -12.97 30.26
N HIS A 4 19.39 -11.81 29.76
CA HIS A 4 18.68 -11.77 28.48
C HIS A 4 19.12 -10.56 27.66
N HIS A 5 19.15 -10.73 26.34
CA HIS A 5 19.55 -9.65 25.44
C HIS A 5 18.51 -9.46 24.34
N HIS A 6 17.95 -8.24 24.28
CA HIS A 6 16.94 -7.93 23.28
C HIS A 6 17.57 -7.21 22.09
N HIS A 7 17.03 -7.48 20.90
CA HIS A 7 17.54 -6.85 19.68
C HIS A 7 16.55 -5.83 19.13
N HIS A 8 16.68 -4.58 19.58
CA HIS A 8 15.79 -3.51 19.14
C HIS A 8 16.14 -3.05 17.73
N VAL A 9 15.12 -2.85 16.90
CA VAL A 9 15.32 -2.42 15.53
C VAL A 9 15.25 -0.89 15.41
N ASP A 10 16.07 -0.33 14.53
CA ASP A 10 16.10 1.12 14.34
C ASP A 10 15.74 1.47 12.89
N ASP A 11 15.85 2.75 12.56
CA ASP A 11 15.54 3.23 11.22
C ASP A 11 16.64 2.81 10.23
N ASP A 12 16.50 3.25 8.98
CA ASP A 12 17.46 2.92 7.93
C ASP A 12 17.61 1.42 7.77
N ASP A 13 16.89 0.86 6.81
CA ASP A 13 16.94 -0.58 6.53
C ASP A 13 16.53 -1.39 7.76
N LYS A 14 15.31 -1.92 7.72
CA LYS A 14 14.79 -2.73 8.83
C LYS A 14 15.69 -3.93 9.09
N MET A 15 15.87 -4.26 10.37
CA MET A 15 16.72 -5.39 10.76
C MET A 15 15.87 -6.63 11.00
N GLY A 16 14.55 -6.45 11.10
CA GLY A 16 13.66 -7.57 11.32
C GLY A 16 12.24 -7.11 11.60
N THR A 17 11.34 -7.39 10.67
CA THR A 17 9.94 -7.00 10.82
C THR A 17 9.04 -8.23 10.94
N SER A 18 7.86 -8.04 11.51
CA SER A 18 6.90 -9.13 11.69
C SER A 18 6.07 -9.33 10.44
N ILE A 19 6.46 -8.67 9.35
CA ILE A 19 5.75 -8.76 8.08
C ILE A 19 6.72 -8.96 6.91
N ALA A 20 7.16 -10.20 6.73
CA ALA A 20 8.09 -10.54 5.65
C ALA A 20 9.40 -9.78 5.81
N ASP A 21 10.44 -10.47 6.26
CA ASP A 21 11.75 -9.87 6.45
C ASP A 21 12.36 -9.43 5.13
N VAL A 22 11.78 -9.91 4.04
CA VAL A 22 12.27 -9.55 2.70
C VAL A 22 11.28 -8.67 1.96
N ALA A 23 10.40 -8.02 2.72
CA ALA A 23 9.39 -7.14 2.14
C ALA A 23 8.86 -6.15 3.18
N ASN A 24 9.74 -5.27 3.65
CA ASN A 24 9.37 -4.28 4.65
C ASN A 24 9.86 -2.89 4.24
N ASP A 25 10.60 -2.83 3.14
CA ASP A 25 11.14 -1.58 2.64
C ASP A 25 10.16 -0.89 1.68
N LYS A 26 8.88 -1.24 1.80
CA LYS A 26 7.85 -0.67 0.94
C LYS A 26 7.65 0.81 1.25
N PRO A 27 7.49 1.66 0.21
CA PRO A 27 7.30 3.09 0.39
C PRO A 27 5.85 3.45 0.77
N TYR A 28 5.08 2.44 1.15
CA TYR A 28 3.69 2.65 1.54
C TYR A 28 3.33 1.77 2.73
N THR A 29 2.10 1.93 3.23
CA THR A 29 1.63 1.17 4.37
C THR A 29 0.13 0.94 4.29
N VAL A 30 -0.26 -0.32 4.03
CA VAL A 30 -1.68 -0.67 3.94
C VAL A 30 -2.19 -1.26 5.24
N ALA A 31 -3.39 -0.87 5.63
CA ALA A 31 -4.00 -1.36 6.87
C ALA A 31 -5.51 -1.32 6.79
N VAL A 32 -6.15 -2.46 7.05
CA VAL A 32 -7.60 -2.57 7.01
C VAL A 32 -8.14 -2.98 8.38
N SER A 33 -9.22 -2.31 8.81
CA SER A 33 -9.83 -2.62 10.10
C SER A 33 -11.35 -2.68 9.99
N GLY A 34 -11.87 -3.87 9.72
CA GLY A 34 -13.31 -4.05 9.60
C GLY A 34 -13.87 -3.40 8.35
N LYS A 35 -14.38 -2.19 8.49
CA LYS A 35 -14.95 -1.46 7.36
C LYS A 35 -14.19 -0.17 7.10
N THR A 36 -13.01 -0.05 7.71
CA THR A 36 -12.18 1.14 7.55
C THR A 36 -10.96 0.85 6.68
N ILE A 37 -10.75 1.68 5.67
CA ILE A 37 -9.63 1.51 4.76
C ILE A 37 -8.61 2.64 4.95
N THR A 38 -7.47 2.30 5.54
CA THR A 38 -6.41 3.28 5.79
C THR A 38 -5.16 2.97 4.99
N VAL A 39 -4.66 3.97 4.25
CA VAL A 39 -3.47 3.81 3.44
C VAL A 39 -2.56 5.02 3.58
N GLU A 40 -1.37 4.80 4.13
CA GLU A 40 -0.40 5.87 4.33
C GLU A 40 0.80 5.71 3.41
N SER A 41 1.14 6.78 2.70
CA SER A 41 2.27 6.77 1.78
C SER A 41 2.83 8.18 1.60
N PRO A 42 3.88 8.53 2.37
CA PRO A 42 4.50 9.87 2.29
C PRO A 42 4.71 10.34 0.85
N ALA A 43 4.05 11.43 0.50
CA ALA A 43 4.15 12.01 -0.84
C ALA A 43 3.79 10.98 -1.90
N ALA A 44 2.48 10.79 -2.12
CA ALA A 44 2.00 9.85 -3.11
C ALA A 44 0.52 10.06 -3.40
N GLY A 45 0.14 9.88 -4.66
CA GLY A 45 -1.25 10.06 -5.05
C GLY A 45 -2.06 8.79 -4.89
N LEU A 46 -3.05 8.83 -4.01
CA LEU A 46 -3.89 7.67 -3.75
C LEU A 46 -5.26 7.82 -4.41
N THR A 47 -5.77 6.72 -4.96
CA THR A 47 -7.06 6.71 -5.62
C THR A 47 -7.74 5.35 -5.47
N ILE A 48 -8.80 5.30 -4.68
CA ILE A 48 -9.53 4.06 -4.44
C ILE A 48 -10.57 3.82 -5.52
N PHE A 49 -10.66 2.57 -5.98
CA PHE A 49 -11.62 2.19 -7.01
C PHE A 49 -12.53 1.08 -6.50
N ASP A 50 -13.84 1.25 -6.72
CA ASP A 50 -14.83 0.26 -6.30
C ASP A 50 -14.71 -1.00 -7.15
N MET A 51 -15.67 -1.92 -6.98
CA MET A 51 -15.66 -3.17 -7.74
C MET A 51 -15.67 -2.90 -9.25
N ASN A 52 -16.49 -1.94 -9.66
CA ASN A 52 -16.60 -1.59 -11.08
C ASN A 52 -15.39 -0.79 -11.54
N GLY A 53 -14.41 -0.63 -10.65
CA GLY A 53 -13.22 0.11 -11.00
C GLY A 53 -13.48 1.59 -11.17
N ARG A 54 -14.61 2.06 -10.65
CA ARG A 54 -14.99 3.46 -10.75
C ARG A 54 -14.46 4.25 -9.56
N ARG A 55 -13.98 5.46 -9.83
CA ARG A 55 -13.45 6.33 -8.79
C ARG A 55 -14.48 6.57 -7.70
N VAL A 56 -14.24 6.02 -6.52
CA VAL A 56 -15.16 6.17 -5.40
C VAL A 56 -14.61 7.11 -4.33
N ALA A 57 -13.29 7.17 -4.22
CA ALA A 57 -12.64 8.04 -3.24
C ALA A 57 -11.25 8.46 -3.72
N THR A 58 -10.83 9.66 -3.32
CA THR A 58 -9.53 10.18 -3.71
C THR A 58 -8.88 10.99 -2.58
N ALA A 59 -7.60 10.75 -2.36
CA ALA A 59 -6.85 11.46 -1.33
C ALA A 59 -5.35 11.39 -1.60
N LYS A 60 -4.58 12.08 -0.76
CA LYS A 60 -3.13 12.10 -0.91
C LYS A 60 -2.44 11.78 0.42
N ASN A 61 -1.29 11.12 0.34
CA ASN A 61 -0.52 10.76 1.53
C ASN A 61 -1.30 9.79 2.41
N ARG A 62 -2.20 10.33 3.24
CA ARG A 62 -3.01 9.51 4.13
C ARG A 62 -4.48 9.56 3.72
N MET A 63 -5.15 8.41 3.80
CA MET A 63 -6.56 8.32 3.44
C MET A 63 -7.33 7.43 4.40
N VAL A 64 -8.59 7.79 4.63
CA VAL A 64 -9.45 7.03 5.53
C VAL A 64 -10.91 7.10 5.07
N PHE A 65 -11.47 5.96 4.70
CA PHE A 65 -12.85 5.90 4.25
C PHE A 65 -13.55 4.64 4.75
N GLU A 66 -14.80 4.80 5.19
CA GLU A 66 -15.57 3.68 5.70
C GLU A 66 -16.37 3.02 4.57
N ALA A 67 -15.86 1.91 4.06
CA ALA A 67 -16.51 1.18 2.98
C ALA A 67 -17.17 -0.09 3.48
N GLN A 68 -18.20 -0.53 2.77
CA GLN A 68 -18.92 -1.75 3.16
C GLN A 68 -18.44 -2.94 2.34
N ASN A 69 -19.15 -4.06 2.47
CA ASN A 69 -18.79 -5.28 1.75
C ASN A 69 -18.56 -5.00 0.27
N GLY A 70 -17.57 -5.68 -0.31
CA GLY A 70 -17.26 -5.50 -1.72
C GLY A 70 -15.76 -5.42 -1.97
N VAL A 71 -15.37 -5.66 -3.21
CA VAL A 71 -13.95 -5.61 -3.58
C VAL A 71 -13.55 -4.21 -4.00
N TYR A 72 -12.32 -3.84 -3.66
CA TYR A 72 -11.81 -2.51 -3.99
C TYR A 72 -10.40 -2.60 -4.58
N ALA A 73 -9.88 -1.46 -5.02
CA ALA A 73 -8.55 -1.40 -5.61
C ALA A 73 -7.90 -0.04 -5.38
N VAL A 74 -7.01 0.03 -4.40
CA VAL A 74 -6.33 1.28 -4.07
C VAL A 74 -5.02 1.39 -4.85
N ARG A 75 -4.93 2.41 -5.69
CA ARG A 75 -3.74 2.63 -6.51
C ARG A 75 -2.81 3.65 -5.85
N ILE A 76 -1.70 3.18 -5.30
CA ILE A 76 -0.74 4.04 -4.64
C ILE A 76 0.39 4.41 -5.60
N ALA A 77 0.32 5.60 -6.19
CA ALA A 77 1.33 6.06 -7.13
C ALA A 77 2.45 6.81 -6.41
N THR A 78 3.65 6.24 -6.43
CA THR A 78 4.80 6.85 -5.80
C THR A 78 5.86 7.22 -6.83
N GLU A 79 6.66 8.23 -6.51
CA GLU A 79 7.72 8.68 -7.42
C GLU A 79 8.73 7.56 -7.67
N GLY A 80 8.51 6.81 -8.74
CA GLY A 80 9.40 5.72 -9.08
C GLY A 80 8.66 4.51 -9.62
N LYS A 81 7.76 3.97 -8.80
CA LYS A 81 6.99 2.80 -9.20
C LYS A 81 5.56 2.88 -8.67
N THR A 82 4.59 2.86 -9.58
CA THR A 82 3.19 2.93 -9.21
C THR A 82 2.65 1.57 -8.78
N TYR A 83 2.27 1.47 -7.51
CA TYR A 83 1.73 0.23 -6.96
C TYR A 83 0.21 0.22 -7.04
N THR A 84 -0.36 -0.98 -7.11
CA THR A 84 -1.81 -1.14 -7.18
C THR A 84 -2.29 -2.26 -6.26
N GLU A 85 -2.79 -1.88 -5.10
CA GLU A 85 -3.30 -2.85 -4.13
C GLU A 85 -4.82 -2.95 -4.20
N LYS A 86 -5.38 -3.95 -3.53
CA LYS A 86 -6.83 -4.15 -3.52
C LYS A 86 -7.32 -4.46 -2.12
N VAL A 87 -8.46 -3.90 -1.75
CA VAL A 87 -9.03 -4.13 -0.42
C VAL A 87 -10.29 -4.99 -0.51
N ILE A 88 -10.19 -6.23 -0.04
CA ILE A 88 -11.32 -7.15 -0.06
C ILE A 88 -11.94 -7.30 1.32
N VAL A 89 -13.07 -6.62 1.52
CA VAL A 89 -13.77 -6.67 2.79
C VAL A 89 -14.98 -7.62 2.73
N LYS A 90 -15.05 -8.56 3.67
CA LYS A 90 -16.14 -9.52 3.71
C LYS A 90 -16.78 -9.54 5.09
N MET A 1 23.22 9.97 -2.67
CA MET A 1 22.19 9.11 -2.04
C MET A 1 22.39 7.65 -2.44
N ALA A 2 22.46 7.41 -3.74
CA ALA A 2 22.64 6.05 -4.26
C ALA A 2 24.12 5.73 -4.43
N HIS A 3 24.39 4.50 -4.87
CA HIS A 3 25.76 4.04 -5.09
C HIS A 3 26.58 4.15 -3.80
N HIS A 4 26.42 3.17 -2.92
CA HIS A 4 27.14 3.15 -1.65
C HIS A 4 28.10 1.97 -1.59
N HIS A 5 29.19 2.13 -0.83
CA HIS A 5 30.18 1.08 -0.69
C HIS A 5 30.10 0.44 0.70
N HIS A 6 30.46 -0.85 0.76
CA HIS A 6 30.43 -1.59 2.02
C HIS A 6 29.03 -1.62 2.61
N HIS A 7 28.32 -2.72 2.38
CA HIS A 7 26.96 -2.88 2.89
C HIS A 7 26.72 -4.31 3.36
N HIS A 8 25.79 -4.48 4.30
CA HIS A 8 25.47 -5.80 4.84
C HIS A 8 23.96 -6.00 4.91
N VAL A 9 23.47 -6.95 4.12
CA VAL A 9 22.04 -7.26 4.09
C VAL A 9 21.76 -8.62 4.71
N ASP A 10 20.55 -8.80 5.22
CA ASP A 10 20.16 -10.05 5.85
C ASP A 10 18.98 -10.68 5.12
N ASP A 11 18.24 -9.86 4.37
CA ASP A 11 17.09 -10.34 3.62
C ASP A 11 17.04 -9.71 2.24
N ASP A 12 16.01 -10.05 1.47
CA ASP A 12 15.85 -9.50 0.13
C ASP A 12 15.67 -7.99 0.16
N ASP A 13 14.55 -7.54 0.71
CA ASP A 13 14.24 -6.12 0.80
C ASP A 13 13.76 -5.75 2.21
N LYS A 14 12.91 -6.60 2.77
CA LYS A 14 12.39 -6.38 4.11
C LYS A 14 13.50 -6.43 5.15
N MET A 15 13.89 -5.27 5.66
CA MET A 15 14.95 -5.18 6.66
C MET A 15 14.50 -4.35 7.86
N GLY A 16 14.47 -4.98 9.02
CA GLY A 16 14.07 -4.28 10.23
C GLY A 16 15.16 -3.38 10.77
N THR A 17 14.79 -2.48 11.68
CA THR A 17 15.75 -1.55 12.27
C THR A 17 16.46 -0.74 11.21
N SER A 18 15.79 0.27 10.68
CA SER A 18 16.35 1.13 9.65
C SER A 18 15.50 2.39 9.47
N ILE A 19 15.58 3.00 8.29
CA ILE A 19 14.82 4.22 8.00
C ILE A 19 13.34 4.02 8.30
N ALA A 20 12.88 2.77 8.18
CA ALA A 20 11.48 2.44 8.44
C ALA A 20 11.36 1.06 9.06
N ASP A 21 11.20 1.03 10.38
CA ASP A 21 11.06 -0.23 11.12
C ASP A 21 9.63 -0.73 11.08
N VAL A 22 8.72 0.15 10.67
CA VAL A 22 7.30 -0.20 10.59
C VAL A 22 6.85 -0.34 9.14
N ALA A 23 7.82 -0.52 8.25
CA ALA A 23 7.53 -0.68 6.82
C ALA A 23 8.67 -1.39 6.11
N ASN A 24 9.75 -1.63 6.85
CA ASN A 24 10.93 -2.31 6.31
C ASN A 24 11.52 -1.54 5.13
N ASP A 25 11.01 -1.81 3.94
CA ASP A 25 11.51 -1.15 2.73
C ASP A 25 10.36 -0.52 1.93
N LYS A 26 9.16 -1.05 2.12
CA LYS A 26 7.98 -0.54 1.41
C LYS A 26 7.69 0.91 1.81
N PRO A 27 7.72 1.84 0.85
CA PRO A 27 7.45 3.26 1.12
C PRO A 27 5.98 3.53 1.38
N TYR A 28 5.18 2.47 1.43
CA TYR A 28 3.75 2.60 1.67
C TYR A 28 3.28 1.63 2.75
N THR A 29 2.13 1.95 3.35
CA THR A 29 1.56 1.12 4.40
C THR A 29 0.07 0.90 4.19
N VAL A 30 -0.29 -0.29 3.69
CA VAL A 30 -1.68 -0.63 3.44
C VAL A 30 -2.26 -1.47 4.58
N ALA A 31 -3.33 -0.96 5.19
CA ALA A 31 -3.98 -1.66 6.29
C ALA A 31 -5.49 -1.44 6.26
N VAL A 32 -6.24 -2.44 6.73
CA VAL A 32 -7.69 -2.36 6.75
C VAL A 32 -8.25 -2.82 8.09
N SER A 33 -9.23 -2.07 8.62
CA SER A 33 -9.86 -2.40 9.89
C SER A 33 -11.34 -2.66 9.72
N GLY A 34 -11.69 -3.92 9.46
CA GLY A 34 -13.08 -4.29 9.28
C GLY A 34 -13.71 -3.63 8.06
N LYS A 35 -14.34 -2.48 8.27
CA LYS A 35 -14.99 -1.76 7.18
C LYS A 35 -14.36 -0.39 6.96
N THR A 36 -13.06 -0.29 7.25
CA THR A 36 -12.34 0.96 7.08
C THR A 36 -11.03 0.76 6.33
N ILE A 37 -10.87 1.48 5.22
CA ILE A 37 -9.66 1.38 4.42
C ILE A 37 -8.67 2.48 4.79
N THR A 38 -7.57 2.09 5.44
CA THR A 38 -6.56 3.05 5.87
C THR A 38 -5.23 2.80 5.16
N VAL A 39 -4.87 3.68 4.24
CA VAL A 39 -3.62 3.55 3.50
C VAL A 39 -2.79 4.84 3.60
N GLU A 40 -1.56 4.70 4.07
CA GLU A 40 -0.67 5.85 4.22
C GLU A 40 0.58 5.68 3.37
N SER A 41 0.78 6.60 2.42
CA SER A 41 1.94 6.55 1.55
C SER A 41 2.53 7.95 1.36
N PRO A 42 3.64 8.27 2.08
CA PRO A 42 4.30 9.57 1.98
C PRO A 42 4.54 9.99 0.53
N ALA A 43 3.99 11.14 0.16
CA ALA A 43 4.14 11.66 -1.20
C ALA A 43 3.70 10.63 -2.24
N ALA A 44 2.39 10.47 -2.39
CA ALA A 44 1.85 9.51 -3.34
C ALA A 44 0.36 9.77 -3.60
N GLY A 45 -0.07 9.54 -4.83
CA GLY A 45 -1.47 9.74 -5.18
C GLY A 45 -2.30 8.49 -4.95
N LEU A 46 -3.04 8.47 -3.85
CA LEU A 46 -3.88 7.32 -3.51
C LEU A 46 -5.27 7.46 -4.12
N THR A 47 -5.78 6.35 -4.66
CA THR A 47 -7.10 6.34 -5.28
C THR A 47 -7.75 4.97 -5.14
N ILE A 48 -8.95 4.94 -4.58
CA ILE A 48 -9.68 3.68 -4.39
C ILE A 48 -10.72 3.48 -5.49
N PHE A 49 -10.84 2.25 -5.95
CA PHE A 49 -11.81 1.91 -7.00
C PHE A 49 -12.75 0.82 -6.53
N ASP A 50 -14.05 1.13 -6.49
CA ASP A 50 -15.06 0.17 -6.06
C ASP A 50 -15.15 -1.00 -7.04
N MET A 51 -16.11 -1.88 -6.80
CA MET A 51 -16.30 -3.05 -7.66
C MET A 51 -16.51 -2.62 -9.12
N ASN A 52 -17.29 -1.56 -9.31
CA ASN A 52 -17.58 -1.06 -10.64
C ASN A 52 -16.32 -0.48 -11.29
N GLY A 53 -15.34 -0.14 -10.45
CA GLY A 53 -14.09 0.42 -10.96
C GLY A 53 -14.13 1.93 -11.02
N ARG A 54 -15.11 2.53 -10.36
CA ARG A 54 -15.24 3.98 -10.34
C ARG A 54 -14.61 4.56 -9.08
N ARG A 55 -14.06 5.76 -9.21
CA ARG A 55 -13.41 6.44 -8.09
C ARG A 55 -14.38 6.63 -6.93
N VAL A 56 -14.13 5.95 -5.82
CA VAL A 56 -14.98 6.05 -4.65
C VAL A 56 -14.33 6.96 -3.60
N ALA A 57 -13.03 7.17 -3.72
CA ALA A 57 -12.29 8.01 -2.79
C ALA A 57 -10.94 8.41 -3.36
N THR A 58 -10.58 9.69 -3.21
CA THR A 58 -9.31 10.21 -3.71
C THR A 58 -8.65 11.13 -2.70
N ALA A 59 -7.39 10.82 -2.37
CA ALA A 59 -6.65 11.62 -1.40
C ALA A 59 -5.14 11.39 -1.55
N LYS A 60 -4.35 12.38 -1.14
CA LYS A 60 -2.90 12.29 -1.22
C LYS A 60 -2.29 12.00 0.14
N ASN A 61 -1.12 11.37 0.14
CA ASN A 61 -0.41 11.03 1.38
C ASN A 61 -1.26 10.11 2.26
N ARG A 62 -2.07 10.71 3.13
CA ARG A 62 -2.94 9.94 4.02
C ARG A 62 -4.33 9.81 3.42
N MET A 63 -4.89 8.61 3.51
CA MET A 63 -6.24 8.35 2.97
C MET A 63 -7.04 7.47 3.92
N VAL A 64 -8.25 7.91 4.23
CA VAL A 64 -9.15 7.17 5.11
C VAL A 64 -10.60 7.29 4.64
N PHE A 65 -11.27 6.14 4.50
CA PHE A 65 -12.65 6.13 4.04
C PHE A 65 -13.37 4.85 4.50
N GLU A 66 -14.66 4.99 4.79
CA GLU A 66 -15.47 3.86 5.24
C GLU A 66 -15.96 3.05 4.05
N ALA A 67 -15.54 1.79 3.98
CA ALA A 67 -15.94 0.92 2.89
C ALA A 67 -16.96 -0.11 3.35
N GLN A 68 -17.86 -0.48 2.44
CA GLN A 68 -18.90 -1.45 2.74
C GLN A 68 -18.52 -2.83 2.24
N ASN A 69 -19.41 -3.80 2.41
CA ASN A 69 -19.16 -5.17 1.97
C ASN A 69 -18.97 -5.23 0.45
N GLY A 70 -17.72 -5.10 0.02
CA GLY A 70 -17.42 -5.14 -1.40
C GLY A 70 -15.93 -5.16 -1.69
N VAL A 71 -15.58 -5.33 -2.95
CA VAL A 71 -14.19 -5.38 -3.37
C VAL A 71 -13.72 -4.01 -3.83
N TYR A 72 -12.48 -3.66 -3.51
CA TYR A 72 -11.92 -2.37 -3.88
C TYR A 72 -10.54 -2.54 -4.49
N ALA A 73 -9.97 -1.44 -4.96
CA ALA A 73 -8.64 -1.45 -5.58
C ALA A 73 -7.92 -0.13 -5.36
N VAL A 74 -6.97 -0.13 -4.42
CA VAL A 74 -6.21 1.07 -4.11
C VAL A 74 -5.03 1.22 -5.07
N ARG A 75 -4.65 2.47 -5.34
CA ARG A 75 -3.54 2.75 -6.25
C ARG A 75 -2.56 3.73 -5.62
N ILE A 76 -1.43 3.21 -5.17
CA ILE A 76 -0.39 4.03 -4.56
C ILE A 76 0.67 4.42 -5.60
N ALA A 77 0.56 5.65 -6.09
CA ALA A 77 1.50 6.15 -7.10
C ALA A 77 2.62 6.97 -6.45
N THR A 78 3.79 6.38 -6.34
CA THR A 78 4.95 7.05 -5.76
C THR A 78 5.74 7.78 -6.84
N GLU A 79 6.73 8.57 -6.42
CA GLU A 79 7.57 9.32 -7.34
C GLU A 79 8.69 8.44 -7.91
N GLY A 80 8.32 7.26 -8.38
CA GLY A 80 9.29 6.35 -8.94
C GLY A 80 8.63 5.09 -9.49
N LYS A 81 7.53 4.69 -8.86
CA LYS A 81 6.79 3.50 -9.28
C LYS A 81 5.29 3.70 -9.06
N THR A 82 4.52 2.63 -9.29
CA THR A 82 3.07 2.69 -9.12
C THR A 82 2.53 1.33 -8.66
N TYR A 83 2.29 1.21 -7.37
CA TYR A 83 1.77 -0.03 -6.79
C TYR A 83 0.24 -0.08 -6.87
N THR A 84 -0.32 -1.27 -6.70
CA THR A 84 -1.75 -1.46 -6.74
C THR A 84 -2.20 -2.55 -5.77
N GLU A 85 -2.73 -2.12 -4.62
CA GLU A 85 -3.19 -3.06 -3.61
C GLU A 85 -4.70 -3.00 -3.46
N LYS A 86 -5.38 -4.07 -3.86
CA LYS A 86 -6.84 -4.14 -3.77
C LYS A 86 -7.27 -4.53 -2.36
N VAL A 87 -8.41 -4.02 -1.93
CA VAL A 87 -8.93 -4.32 -0.60
C VAL A 87 -10.22 -5.12 -0.66
N ILE A 88 -10.17 -6.36 -0.19
CA ILE A 88 -11.33 -7.24 -0.19
C ILE A 88 -11.97 -7.29 1.19
N VAL A 89 -13.05 -6.52 1.36
CA VAL A 89 -13.75 -6.47 2.63
C VAL A 89 -14.74 -7.62 2.79
N LYS A 90 -14.89 -8.07 4.03
CA LYS A 90 -15.80 -9.15 4.35
C LYS A 90 -15.80 -9.45 5.85
N MET A 1 12.05 -25.45 -10.16
CA MET A 1 11.74 -24.48 -9.08
C MET A 1 12.45 -23.14 -9.35
N ALA A 2 13.09 -23.04 -10.50
CA ALA A 2 13.81 -21.83 -10.88
C ALA A 2 14.12 -21.82 -12.37
N HIS A 3 13.42 -22.68 -13.12
CA HIS A 3 13.61 -22.78 -14.56
C HIS A 3 15.05 -23.17 -14.90
N HIS A 4 15.92 -22.17 -14.99
CA HIS A 4 17.33 -22.41 -15.31
C HIS A 4 18.19 -21.25 -14.85
N HIS A 5 17.59 -20.07 -14.74
CA HIS A 5 18.30 -18.87 -14.32
C HIS A 5 18.30 -18.75 -12.79
N HIS A 6 19.46 -18.97 -12.18
CA HIS A 6 19.59 -18.88 -10.73
C HIS A 6 19.53 -17.44 -10.26
N HIS A 7 18.37 -17.05 -9.73
CA HIS A 7 18.18 -15.68 -9.25
C HIS A 7 17.88 -15.69 -7.75
N HIS A 8 18.81 -15.15 -6.96
CA HIS A 8 18.66 -15.09 -5.52
C HIS A 8 19.47 -13.94 -4.92
N VAL A 9 20.48 -13.49 -5.68
CA VAL A 9 21.33 -12.39 -5.22
C VAL A 9 20.66 -11.05 -5.47
N ASP A 10 20.64 -10.21 -4.44
CA ASP A 10 20.03 -8.89 -4.53
C ASP A 10 21.08 -7.79 -4.37
N ASP A 11 20.90 -6.70 -5.10
CA ASP A 11 21.83 -5.57 -5.04
C ASP A 11 21.07 -4.26 -4.86
N ASP A 12 21.72 -3.28 -4.23
CA ASP A 12 21.10 -1.98 -4.00
C ASP A 12 19.79 -2.12 -3.23
N ASP A 13 19.90 -2.22 -1.90
CA ASP A 13 18.72 -2.35 -1.04
C ASP A 13 17.92 -3.59 -1.40
N LYS A 14 16.78 -3.77 -0.73
CA LYS A 14 15.90 -4.92 -0.98
C LYS A 14 16.67 -6.24 -0.82
N MET A 15 17.02 -6.56 0.43
CA MET A 15 17.75 -7.78 0.72
C MET A 15 17.87 -7.99 2.23
N GLY A 16 18.38 -6.96 2.91
CA GLY A 16 18.54 -7.04 4.35
C GLY A 16 19.41 -5.93 4.90
N THR A 17 18.77 -4.90 5.46
CA THR A 17 19.49 -3.77 6.03
C THR A 17 18.85 -3.30 7.33
N SER A 18 19.54 -3.56 8.44
CA SER A 18 19.07 -3.17 9.77
C SER A 18 17.72 -3.83 10.08
N ILE A 19 17.18 -3.49 11.25
CA ILE A 19 15.90 -4.03 11.70
C ILE A 19 15.98 -5.54 11.95
N ALA A 20 15.94 -6.33 10.88
CA ALA A 20 16.00 -7.79 11.00
C ALA A 20 16.57 -8.41 9.74
N ASP A 21 16.97 -7.57 8.80
CA ASP A 21 17.55 -8.02 7.54
C ASP A 21 16.64 -9.04 6.84
N VAL A 22 15.33 -8.85 7.01
CA VAL A 22 14.35 -9.75 6.41
C VAL A 22 13.90 -9.22 5.04
N ALA A 23 14.74 -8.39 4.44
CA ALA A 23 14.46 -7.81 3.13
C ALA A 23 13.14 -7.03 3.15
N ASN A 24 13.01 -6.12 4.11
CA ASN A 24 11.80 -5.32 4.23
C ASN A 24 12.03 -3.93 3.64
N ASP A 25 11.22 -3.57 2.64
CA ASP A 25 11.33 -2.27 1.99
C ASP A 25 10.06 -1.93 1.23
N LYS A 26 9.24 -1.07 1.81
CA LYS A 26 7.98 -0.65 1.18
C LYS A 26 7.66 0.80 1.53
N PRO A 27 7.64 1.71 0.52
CA PRO A 27 7.34 3.13 0.76
C PRO A 27 5.87 3.37 1.06
N TYR A 28 5.09 2.29 1.13
CA TYR A 28 3.66 2.38 1.41
C TYR A 28 3.28 1.49 2.58
N THR A 29 2.11 1.76 3.17
CA THR A 29 1.62 0.97 4.29
C THR A 29 0.10 0.87 4.27
N VAL A 30 -0.40 -0.30 3.90
CA VAL A 30 -1.85 -0.52 3.82
C VAL A 30 -2.38 -1.13 5.12
N ALA A 31 -3.57 -0.70 5.52
CA ALA A 31 -4.19 -1.20 6.74
C ALA A 31 -5.71 -1.17 6.63
N VAL A 32 -6.34 -2.31 6.82
CA VAL A 32 -7.80 -2.42 6.75
C VAL A 32 -8.37 -3.03 8.02
N SER A 33 -9.02 -2.22 8.82
CA SER A 33 -9.62 -2.68 10.08
C SER A 33 -11.14 -2.77 9.97
N GLY A 34 -11.65 -3.97 9.76
CA GLY A 34 -13.09 -4.16 9.65
C GLY A 34 -13.68 -3.45 8.45
N LYS A 35 -14.34 -2.32 8.70
CA LYS A 35 -14.97 -1.54 7.64
C LYS A 35 -14.24 -0.21 7.44
N THR A 36 -12.95 -0.19 7.71
CA THR A 36 -12.15 1.02 7.56
C THR A 36 -10.91 0.76 6.71
N ILE A 37 -10.74 1.58 5.67
CA ILE A 37 -9.60 1.45 4.78
C ILE A 37 -8.67 2.66 4.92
N THR A 38 -7.60 2.48 5.69
CA THR A 38 -6.63 3.56 5.91
C THR A 38 -5.28 3.23 5.29
N VAL A 39 -4.92 3.96 4.23
CA VAL A 39 -3.64 3.76 3.56
C VAL A 39 -2.75 4.98 3.69
N GLU A 40 -1.51 4.77 4.13
CA GLU A 40 -0.57 5.87 4.31
C GLU A 40 0.64 5.71 3.39
N SER A 41 1.01 6.79 2.72
CA SER A 41 2.15 6.80 1.81
C SER A 41 2.58 8.23 1.48
N PRO A 42 3.55 8.79 2.25
CA PRO A 42 4.03 10.14 2.03
C PRO A 42 4.45 10.41 0.58
N ALA A 43 4.02 11.56 0.05
CA ALA A 43 4.34 11.94 -1.31
C ALA A 43 3.91 10.87 -2.31
N ALA A 44 2.63 10.50 -2.24
CA ALA A 44 2.08 9.47 -3.13
C ALA A 44 0.59 9.66 -3.35
N GLY A 45 0.15 9.51 -4.60
CA GLY A 45 -1.26 9.67 -4.91
C GLY A 45 -2.05 8.40 -4.68
N LEU A 46 -3.10 8.50 -3.87
CA LEU A 46 -3.94 7.35 -3.56
C LEU A 46 -5.31 7.45 -4.24
N THR A 47 -5.82 6.33 -4.70
CA THR A 47 -7.11 6.29 -5.37
C THR A 47 -7.81 4.95 -5.14
N ILE A 48 -9.02 4.99 -4.60
CA ILE A 48 -9.77 3.78 -4.32
C ILE A 48 -10.87 3.57 -5.37
N PHE A 49 -10.80 2.44 -6.06
CA PHE A 49 -11.77 2.11 -7.10
C PHE A 49 -12.77 1.07 -6.59
N ASP A 50 -14.06 1.32 -6.85
CA ASP A 50 -15.12 0.42 -6.41
C ASP A 50 -15.23 -0.77 -7.35
N MET A 51 -16.23 -1.63 -7.12
CA MET A 51 -16.43 -2.80 -7.95
C MET A 51 -16.66 -2.42 -9.41
N ASN A 52 -17.49 -1.40 -9.63
CA ASN A 52 -17.79 -0.94 -10.98
C ASN A 52 -16.54 -0.39 -11.66
N GLY A 53 -15.53 -0.08 -10.85
CA GLY A 53 -14.28 0.45 -11.39
C GLY A 53 -14.23 1.96 -11.32
N ARG A 54 -15.33 2.57 -10.90
CA ARG A 54 -15.41 4.03 -10.79
C ARG A 54 -14.68 4.52 -9.54
N ARG A 55 -14.27 5.79 -9.56
CA ARG A 55 -13.58 6.38 -8.43
C ARG A 55 -14.55 6.71 -7.30
N VAL A 56 -14.50 5.93 -6.23
CA VAL A 56 -15.37 6.14 -5.09
C VAL A 56 -14.75 7.12 -4.09
N ALA A 57 -13.43 7.26 -4.16
CA ALA A 57 -12.72 8.17 -3.26
C ALA A 57 -11.31 8.46 -3.77
N THR A 58 -10.87 9.70 -3.59
CA THR A 58 -9.54 10.12 -4.04
C THR A 58 -8.87 11.01 -3.00
N ALA A 59 -7.60 10.74 -2.73
CA ALA A 59 -6.84 11.52 -1.75
C ALA A 59 -5.34 11.36 -1.97
N LYS A 60 -4.55 12.06 -1.15
CA LYS A 60 -3.09 12.00 -1.26
C LYS A 60 -2.46 11.79 0.11
N ASN A 61 -1.24 11.24 0.12
CA ASN A 61 -0.51 10.98 1.35
C ASN A 61 -1.30 10.06 2.28
N ARG A 62 -2.11 10.66 3.15
CA ARG A 62 -2.93 9.90 4.08
C ARG A 62 -4.37 9.81 3.58
N MET A 63 -4.91 8.60 3.52
CA MET A 63 -6.27 8.41 3.04
C MET A 63 -7.06 7.48 3.98
N VAL A 64 -8.32 7.85 4.21
CA VAL A 64 -9.20 7.07 5.08
C VAL A 64 -10.65 7.20 4.62
N PHE A 65 -11.30 6.05 4.42
CA PHE A 65 -12.69 6.05 3.97
C PHE A 65 -13.46 4.87 4.57
N GLU A 66 -14.72 5.12 4.91
CA GLU A 66 -15.57 4.09 5.48
C GLU A 66 -16.21 3.24 4.39
N ALA A 67 -15.63 2.08 4.13
CA ALA A 67 -16.14 1.19 3.10
C ALA A 67 -16.79 -0.05 3.69
N GLN A 68 -17.83 -0.55 3.02
CA GLN A 68 -18.55 -1.73 3.48
C GLN A 68 -18.16 -2.95 2.65
N ASN A 69 -18.93 -4.02 2.79
CA ASN A 69 -18.68 -5.26 2.05
C ASN A 69 -18.55 -4.98 0.55
N GLY A 70 -17.63 -5.68 -0.10
CA GLY A 70 -17.42 -5.49 -1.53
C GLY A 70 -15.96 -5.57 -1.92
N VAL A 71 -15.67 -5.28 -3.18
CA VAL A 71 -14.30 -5.31 -3.68
C VAL A 71 -13.80 -3.92 -4.05
N TYR A 72 -12.55 -3.64 -3.73
CA TYR A 72 -11.95 -2.34 -4.02
C TYR A 72 -10.56 -2.51 -4.61
N ALA A 73 -9.96 -1.38 -5.02
CA ALA A 73 -8.63 -1.39 -5.60
C ALA A 73 -7.90 -0.09 -5.32
N VAL A 74 -6.96 -0.11 -4.37
CA VAL A 74 -6.20 1.08 -4.01
C VAL A 74 -4.93 1.18 -4.85
N ARG A 75 -4.68 2.38 -5.39
CA ARG A 75 -3.51 2.61 -6.21
C ARG A 75 -2.56 3.60 -5.53
N ILE A 76 -1.37 3.11 -5.16
CA ILE A 76 -0.38 3.95 -4.50
C ILE A 76 0.74 4.34 -5.47
N ALA A 77 0.70 5.56 -5.97
CA ALA A 77 1.71 6.04 -6.90
C ALA A 77 2.78 6.85 -6.19
N THR A 78 3.93 6.22 -5.95
CA THR A 78 5.04 6.88 -5.28
C THR A 78 5.86 7.72 -6.26
N GLU A 79 6.89 8.38 -5.74
CA GLU A 79 7.75 9.23 -6.57
C GLU A 79 8.79 8.39 -7.30
N GLY A 80 8.33 7.57 -8.24
CA GLY A 80 9.25 6.74 -9.00
C GLY A 80 8.57 5.49 -9.56
N LYS A 81 7.75 4.85 -8.74
CA LYS A 81 7.06 3.64 -9.16
C LYS A 81 5.57 3.73 -8.84
N THR A 82 4.81 2.72 -9.26
CA THR A 82 3.37 2.68 -9.03
C THR A 82 2.93 1.28 -8.60
N TYR A 83 2.25 1.21 -7.45
CA TYR A 83 1.78 -0.05 -6.92
C TYR A 83 0.25 -0.12 -6.97
N THR A 84 -0.28 -1.33 -6.82
CA THR A 84 -1.73 -1.52 -6.84
C THR A 84 -2.15 -2.63 -5.88
N GLU A 85 -2.75 -2.24 -4.76
CA GLU A 85 -3.21 -3.18 -3.76
C GLU A 85 -4.73 -3.13 -3.61
N LYS A 86 -5.40 -4.20 -4.02
CA LYS A 86 -6.86 -4.27 -3.94
C LYS A 86 -7.30 -4.69 -2.54
N VAL A 87 -8.36 -4.05 -2.04
CA VAL A 87 -8.88 -4.36 -0.72
C VAL A 87 -10.08 -5.31 -0.80
N ILE A 88 -10.04 -6.36 0.00
CA ILE A 88 -11.12 -7.34 0.03
C ILE A 88 -11.74 -7.43 1.42
N VAL A 89 -12.93 -6.88 1.57
CA VAL A 89 -13.63 -6.89 2.84
C VAL A 89 -14.94 -7.68 2.74
N LYS A 90 -15.10 -8.67 3.61
CA LYS A 90 -16.30 -9.50 3.63
C LYS A 90 -16.42 -10.25 4.96
N MET A 1 10.97 -29.78 3.61
CA MET A 1 11.03 -30.62 2.40
C MET A 1 12.48 -30.88 1.98
N ALA A 2 13.40 -30.20 2.63
CA ALA A 2 14.83 -30.35 2.34
C ALA A 2 15.63 -30.59 3.61
N HIS A 3 15.04 -31.35 4.54
CA HIS A 3 15.69 -31.67 5.80
C HIS A 3 15.97 -30.40 6.61
N HIS A 4 15.15 -30.15 7.63
CA HIS A 4 15.31 -28.98 8.47
C HIS A 4 15.18 -27.70 7.65
N HIS A 5 13.96 -27.16 7.59
CA HIS A 5 13.70 -25.95 6.83
C HIS A 5 12.34 -25.37 7.18
N HIS A 6 12.33 -24.08 7.53
CA HIS A 6 11.09 -23.39 7.88
C HIS A 6 11.28 -21.88 7.82
N HIS A 7 12.52 -21.43 7.97
CA HIS A 7 12.84 -20.01 7.92
C HIS A 7 13.16 -19.58 6.50
N HIS A 8 13.20 -18.27 6.27
CA HIS A 8 13.49 -17.73 4.94
C HIS A 8 14.61 -16.69 5.02
N VAL A 9 15.84 -17.12 4.77
CA VAL A 9 16.98 -16.21 4.81
C VAL A 9 17.03 -15.34 3.56
N ASP A 10 17.17 -14.04 3.76
CA ASP A 10 17.24 -13.09 2.65
C ASP A 10 17.74 -11.74 3.13
N ASP A 11 19.06 -11.57 3.15
CA ASP A 11 19.67 -10.32 3.59
C ASP A 11 19.49 -9.23 2.54
N ASP A 12 18.31 -8.61 2.54
CA ASP A 12 18.01 -7.54 1.59
C ASP A 12 17.18 -6.44 2.24
N ASP A 13 16.00 -6.80 2.71
CA ASP A 13 15.10 -5.84 3.35
C ASP A 13 14.49 -6.44 4.62
N LYS A 14 14.09 -7.69 4.53
CA LYS A 14 13.48 -8.39 5.67
C LYS A 14 14.49 -8.56 6.81
N MET A 15 14.06 -9.22 7.87
CA MET A 15 14.90 -9.46 9.05
C MET A 15 15.32 -8.16 9.70
N GLY A 16 14.65 -7.07 9.34
CA GLY A 16 14.95 -5.77 9.91
C GLY A 16 16.24 -5.19 9.38
N THR A 17 16.22 -3.91 9.02
CA THR A 17 17.41 -3.24 8.49
C THR A 17 17.83 -2.10 9.40
N SER A 18 19.11 -1.73 9.30
CA SER A 18 19.66 -0.65 10.12
C SER A 18 19.30 0.71 9.52
N ILE A 19 18.33 0.70 8.62
CA ILE A 19 17.88 1.93 7.96
C ILE A 19 16.37 2.10 8.09
N ALA A 20 15.88 2.10 9.33
CA ALA A 20 14.45 2.24 9.60
C ALA A 20 13.66 1.08 9.01
N ASP A 21 13.28 0.14 9.87
CA ASP A 21 12.51 -1.03 9.44
C ASP A 21 11.17 -0.62 8.85
N VAL A 22 10.76 0.61 9.13
CA VAL A 22 9.49 1.12 8.62
C VAL A 22 9.67 1.81 7.27
N ALA A 23 10.81 1.58 6.63
CA ALA A 23 11.10 2.17 5.33
C ALA A 23 12.37 1.59 4.74
N ASN A 24 12.25 0.39 4.16
CA ASN A 24 13.40 -0.28 3.55
C ASN A 24 12.96 -1.14 2.36
N ASP A 25 11.81 -1.81 2.51
CA ASP A 25 11.30 -2.67 1.44
C ASP A 25 10.23 -1.94 0.63
N LYS A 26 9.08 -1.72 1.25
CA LYS A 26 7.97 -1.03 0.58
C LYS A 26 7.84 0.41 1.07
N PRO A 27 7.61 1.37 0.15
CA PRO A 27 7.48 2.78 0.51
C PRO A 27 6.07 3.14 0.96
N TYR A 28 5.16 2.17 0.88
CA TYR A 28 3.77 2.39 1.29
C TYR A 28 3.43 1.54 2.50
N THR A 29 2.24 1.77 3.05
CA THR A 29 1.77 1.02 4.21
C THR A 29 0.25 0.90 4.22
N VAL A 30 -0.24 -0.31 3.97
CA VAL A 30 -1.67 -0.55 3.94
C VAL A 30 -2.14 -1.23 5.22
N ALA A 31 -3.35 -0.88 5.67
CA ALA A 31 -3.91 -1.47 6.89
C ALA A 31 -5.43 -1.32 6.92
N VAL A 32 -6.13 -2.44 6.97
CA VAL A 32 -7.59 -2.44 7.00
C VAL A 32 -8.10 -2.75 8.41
N SER A 33 -9.07 -1.97 8.87
CA SER A 33 -9.66 -2.17 10.19
C SER A 33 -11.16 -2.40 10.10
N GLY A 34 -11.54 -3.67 9.96
CA GLY A 34 -12.94 -4.02 9.87
C GLY A 34 -13.59 -3.45 8.63
N LYS A 35 -14.28 -2.32 8.78
CA LYS A 35 -14.95 -1.67 7.66
C LYS A 35 -14.31 -0.32 7.35
N THR A 36 -13.01 -0.20 7.63
CA THR A 36 -12.27 1.02 7.38
C THR A 36 -11.04 0.77 6.54
N ILE A 37 -10.77 1.67 5.60
CA ILE A 37 -9.61 1.56 4.72
C ILE A 37 -8.56 2.61 5.06
N THR A 38 -7.50 2.19 5.75
CA THR A 38 -6.44 3.10 6.14
C THR A 38 -5.17 2.85 5.32
N VAL A 39 -4.80 3.84 4.52
CA VAL A 39 -3.59 3.73 3.68
C VAL A 39 -2.70 4.95 3.87
N GLU A 40 -1.47 4.71 4.29
CA GLU A 40 -0.50 5.78 4.51
C GLU A 40 0.70 5.66 3.57
N SER A 41 0.89 6.66 2.73
CA SER A 41 1.99 6.68 1.78
C SER A 41 2.40 8.11 1.45
N PRO A 42 3.27 8.72 2.28
CA PRO A 42 3.74 10.10 2.07
C PRO A 42 4.25 10.34 0.65
N ALA A 43 3.93 11.50 0.10
CA ALA A 43 4.36 11.87 -1.25
C ALA A 43 3.90 10.83 -2.27
N ALA A 44 2.65 10.40 -2.15
CA ALA A 44 2.10 9.40 -3.07
C ALA A 44 0.61 9.64 -3.30
N GLY A 45 0.18 9.45 -4.54
CA GLY A 45 -1.22 9.66 -4.87
C GLY A 45 -2.07 8.42 -4.62
N LEU A 46 -3.03 8.54 -3.71
CA LEU A 46 -3.91 7.43 -3.38
C LEU A 46 -5.25 7.55 -4.10
N THR A 47 -5.66 6.48 -4.76
CA THR A 47 -6.92 6.46 -5.49
C THR A 47 -7.64 5.13 -5.32
N ILE A 48 -8.75 5.16 -4.58
CA ILE A 48 -9.52 3.95 -4.34
C ILE A 48 -10.54 3.70 -5.45
N PHE A 49 -10.49 2.51 -6.03
CA PHE A 49 -11.40 2.14 -7.11
C PHE A 49 -12.45 1.16 -6.62
N ASP A 50 -13.71 1.43 -6.94
CA ASP A 50 -14.80 0.56 -6.53
C ASP A 50 -14.87 -0.68 -7.43
N MET A 51 -15.89 -1.50 -7.22
CA MET A 51 -16.07 -2.72 -8.00
C MET A 51 -16.09 -2.42 -9.50
N ASN A 52 -16.92 -1.45 -9.89
CA ASN A 52 -17.04 -1.07 -11.29
C ASN A 52 -15.71 -0.52 -11.83
N GLY A 53 -14.86 -0.07 -10.92
CA GLY A 53 -13.57 0.47 -11.33
C GLY A 53 -13.54 1.98 -11.33
N ARG A 54 -14.62 2.59 -10.84
CA ARG A 54 -14.72 4.05 -10.79
C ARG A 54 -14.13 4.59 -9.49
N ARG A 55 -13.47 5.74 -9.58
CA ARG A 55 -12.85 6.38 -8.42
C ARG A 55 -13.90 6.68 -7.35
N VAL A 56 -13.98 5.82 -6.34
CA VAL A 56 -14.93 6.00 -5.25
C VAL A 56 -14.41 7.01 -4.22
N ALA A 57 -13.09 7.19 -4.20
CA ALA A 57 -12.46 8.12 -3.27
C ALA A 57 -11.06 8.50 -3.74
N THR A 58 -10.72 9.78 -3.60
CA THR A 58 -9.40 10.26 -4.02
C THR A 58 -8.76 11.11 -2.94
N ALA A 59 -7.50 10.81 -2.61
CA ALA A 59 -6.77 11.55 -1.60
C ALA A 59 -5.26 11.40 -1.79
N LYS A 60 -4.49 12.17 -1.04
CA LYS A 60 -3.04 12.11 -1.13
C LYS A 60 -2.41 11.79 0.23
N ASN A 61 -1.28 11.11 0.19
CA ASN A 61 -0.55 10.73 1.41
C ASN A 61 -1.41 9.82 2.30
N ARG A 62 -2.17 10.43 3.19
CA ARG A 62 -3.02 9.66 4.10
C ARG A 62 -4.48 9.70 3.66
N MET A 63 -5.14 8.56 3.70
CA MET A 63 -6.54 8.46 3.30
C MET A 63 -7.32 7.57 4.26
N VAL A 64 -8.52 7.99 4.62
CA VAL A 64 -9.38 7.22 5.52
C VAL A 64 -10.82 7.25 5.05
N PHE A 65 -11.36 6.08 4.73
CA PHE A 65 -12.73 5.95 4.25
C PHE A 65 -13.37 4.66 4.76
N GLU A 66 -14.61 4.76 5.22
CA GLU A 66 -15.32 3.60 5.73
C GLU A 66 -16.09 2.90 4.60
N ALA A 67 -15.64 1.72 4.22
CA ALA A 67 -16.27 0.96 3.15
C ALA A 67 -16.95 -0.31 3.70
N GLN A 68 -18.03 -0.72 3.02
CA GLN A 68 -18.76 -1.92 3.42
C GLN A 68 -18.37 -3.10 2.56
N ASN A 69 -19.11 -4.20 2.70
CA ASN A 69 -18.84 -5.41 1.93
C ASN A 69 -18.77 -5.10 0.43
N GLY A 70 -17.65 -5.45 -0.18
CA GLY A 70 -17.47 -5.20 -1.60
C GLY A 70 -16.02 -5.30 -2.03
N VAL A 71 -15.77 -5.25 -3.33
CA VAL A 71 -14.41 -5.33 -3.86
C VAL A 71 -13.89 -3.95 -4.25
N TYR A 72 -12.72 -3.60 -3.72
CA TYR A 72 -12.10 -2.31 -3.99
C TYR A 72 -10.67 -2.49 -4.49
N ALA A 73 -10.05 -1.39 -4.91
CA ALA A 73 -8.68 -1.42 -5.41
C ALA A 73 -7.97 -0.09 -5.15
N VAL A 74 -7.14 -0.06 -4.12
CA VAL A 74 -6.40 1.14 -3.76
C VAL A 74 -5.13 1.26 -4.60
N ARG A 75 -4.98 2.39 -5.28
CA ARG A 75 -3.81 2.64 -6.12
C ARG A 75 -2.83 3.58 -5.45
N ILE A 76 -1.62 3.10 -5.20
CA ILE A 76 -0.58 3.91 -4.56
C ILE A 76 0.50 4.30 -5.57
N ALA A 77 0.45 5.53 -6.05
CA ALA A 77 1.41 6.02 -7.01
C ALA A 77 2.57 6.75 -6.31
N THR A 78 3.74 6.15 -6.33
CA THR A 78 4.92 6.74 -5.71
C THR A 78 5.88 7.30 -6.74
N GLU A 79 6.82 8.13 -6.30
CA GLU A 79 7.80 8.74 -7.20
C GLU A 79 8.77 7.69 -7.72
N GLY A 80 8.41 7.06 -8.83
CA GLY A 80 9.25 6.04 -9.42
C GLY A 80 8.45 4.89 -9.99
N LYS A 81 7.52 4.37 -9.18
CA LYS A 81 6.68 3.25 -9.61
C LYS A 81 5.23 3.48 -9.20
N THR A 82 4.36 2.52 -9.54
CA THR A 82 2.95 2.61 -9.20
C THR A 82 2.39 1.25 -8.83
N TYR A 83 2.09 1.08 -7.54
CA TYR A 83 1.55 -0.18 -7.04
C TYR A 83 0.03 -0.15 -6.98
N THR A 84 -0.59 -1.32 -7.00
CA THR A 84 -2.04 -1.43 -6.94
C THR A 84 -2.47 -2.64 -6.12
N GLU A 85 -3.18 -2.39 -5.03
CA GLU A 85 -3.65 -3.46 -4.15
C GLU A 85 -5.18 -3.48 -4.07
N LYS A 86 -5.77 -4.63 -4.32
CA LYS A 86 -7.21 -4.78 -4.27
C LYS A 86 -7.69 -5.06 -2.85
N VAL A 87 -8.40 -4.10 -2.26
CA VAL A 87 -8.89 -4.25 -0.90
C VAL A 87 -10.31 -4.82 -0.90
N ILE A 88 -10.43 -6.09 -0.55
CA ILE A 88 -11.73 -6.75 -0.49
C ILE A 88 -12.13 -7.09 0.94
N VAL A 89 -13.36 -6.72 1.30
CA VAL A 89 -13.85 -6.97 2.65
C VAL A 89 -15.08 -7.88 2.61
N LYS A 90 -15.10 -8.87 3.50
CA LYS A 90 -16.20 -9.83 3.58
C LYS A 90 -16.61 -10.07 5.02
N MET A 1 18.18 -2.80 -21.31
CA MET A 1 18.20 -1.35 -21.58
C MET A 1 18.25 -0.55 -20.29
N ALA A 2 17.17 -0.62 -19.51
CA ALA A 2 17.09 0.10 -18.25
C ALA A 2 17.71 -0.71 -17.12
N HIS A 3 18.98 -0.47 -16.86
CA HIS A 3 19.70 -1.18 -15.80
C HIS A 3 20.99 -0.46 -15.44
N HIS A 4 21.09 0.80 -15.87
CA HIS A 4 22.27 1.62 -15.59
C HIS A 4 23.54 0.98 -16.17
N HIS A 5 24.19 0.13 -15.37
CA HIS A 5 25.40 -0.54 -15.82
C HIS A 5 25.69 -1.77 -14.95
N HIS A 6 25.32 -1.68 -13.67
CA HIS A 6 25.53 -2.78 -12.74
C HIS A 6 24.73 -2.57 -11.46
N HIS A 7 23.54 -1.98 -11.61
CA HIS A 7 22.67 -1.71 -10.47
C HIS A 7 23.35 -0.81 -9.44
N HIS A 8 22.62 -0.49 -8.37
CA HIS A 8 23.15 0.36 -7.31
C HIS A 8 22.95 -0.29 -5.94
N VAL A 9 24.06 -0.59 -5.28
CA VAL A 9 24.01 -1.22 -3.96
C VAL A 9 23.88 -0.19 -2.85
N ASP A 10 23.20 -0.56 -1.77
CA ASP A 10 23.01 0.31 -0.63
C ASP A 10 23.25 -0.44 0.68
N ASP A 11 22.95 0.21 1.80
CA ASP A 11 23.14 -0.40 3.12
C ASP A 11 22.22 -1.61 3.29
N ASP A 12 20.92 -1.35 3.43
CA ASP A 12 19.95 -2.42 3.61
C ASP A 12 18.65 -2.09 2.87
N ASP A 13 18.77 -1.40 1.75
CA ASP A 13 17.61 -1.03 0.94
C ASP A 13 17.89 -1.23 -0.54
N LYS A 14 16.85 -1.07 -1.36
CA LYS A 14 16.96 -1.24 -2.81
C LYS A 14 17.42 -2.66 -3.17
N MET A 15 17.64 -2.88 -4.45
CA MET A 15 18.09 -4.20 -4.94
C MET A 15 17.06 -5.27 -4.61
N GLY A 16 17.35 -6.50 -5.02
CA GLY A 16 16.44 -7.61 -4.76
C GLY A 16 17.13 -8.79 -4.10
N THR A 17 16.87 -8.97 -2.81
CA THR A 17 17.47 -10.06 -2.05
C THR A 17 16.59 -10.44 -0.87
N SER A 18 16.82 -11.62 -0.31
CA SER A 18 16.05 -12.10 0.83
C SER A 18 14.56 -12.16 0.48
N ILE A 19 13.71 -12.25 1.51
CA ILE A 19 12.28 -12.30 1.32
C ILE A 19 11.78 -11.13 0.47
N ALA A 20 10.93 -11.44 -0.51
CA ALA A 20 10.37 -10.42 -1.39
C ALA A 20 11.47 -9.62 -2.09
N ASP A 21 11.88 -10.09 -3.27
CA ASP A 21 12.92 -9.41 -4.03
C ASP A 21 12.31 -8.43 -5.03
N VAL A 22 10.99 -8.33 -5.01
CA VAL A 22 10.27 -7.43 -5.91
C VAL A 22 9.51 -6.36 -5.13
N ALA A 23 9.84 -6.22 -3.85
CA ALA A 23 9.20 -5.23 -2.99
C ALA A 23 9.96 -5.04 -1.69
N ASN A 24 11.29 -5.02 -1.80
CA ASN A 24 12.15 -4.85 -0.64
C ASN A 24 11.90 -3.51 0.04
N ASP A 25 11.40 -3.57 1.27
CA ASP A 25 11.10 -2.35 2.04
C ASP A 25 10.16 -1.44 1.27
N LYS A 26 8.85 -1.70 1.37
CA LYS A 26 7.85 -0.90 0.69
C LYS A 26 7.85 0.53 1.20
N PRO A 27 7.63 1.52 0.31
CA PRO A 27 7.61 2.93 0.68
C PRO A 27 6.25 3.37 1.22
N TYR A 28 5.29 2.45 1.23
CA TYR A 28 3.95 2.75 1.71
C TYR A 28 3.59 1.86 2.91
N THR A 29 2.38 2.05 3.44
CA THR A 29 1.91 1.27 4.58
C THR A 29 0.40 1.10 4.54
N VAL A 30 -0.06 -0.06 4.11
CA VAL A 30 -1.49 -0.35 4.02
C VAL A 30 -1.98 -1.06 5.27
N ALA A 31 -3.21 -0.74 5.67
CA ALA A 31 -3.82 -1.33 6.85
C ALA A 31 -5.34 -1.19 6.83
N VAL A 32 -6.03 -2.31 6.88
CA VAL A 32 -7.49 -2.30 6.86
C VAL A 32 -8.06 -2.73 8.21
N SER A 33 -8.88 -1.85 8.79
CA SER A 33 -9.50 -2.12 10.09
C SER A 33 -10.99 -2.36 9.94
N GLY A 34 -11.36 -3.62 9.73
CA GLY A 34 -12.77 -3.96 9.59
C GLY A 34 -13.40 -3.36 8.34
N LYS A 35 -14.12 -2.26 8.52
CA LYS A 35 -14.78 -1.59 7.40
C LYS A 35 -14.18 -0.22 7.15
N THR A 36 -12.89 -0.07 7.46
CA THR A 36 -12.20 1.20 7.27
C THR A 36 -10.88 0.99 6.53
N ILE A 37 -10.72 1.69 5.41
CA ILE A 37 -9.50 1.59 4.62
C ILE A 37 -8.52 2.70 4.99
N THR A 38 -7.41 2.31 5.63
CA THR A 38 -6.40 3.27 6.04
C THR A 38 -5.07 3.00 5.34
N VAL A 39 -4.71 3.88 4.41
CA VAL A 39 -3.46 3.74 3.67
C VAL A 39 -2.62 5.01 3.79
N GLU A 40 -1.43 4.87 4.36
CA GLU A 40 -0.54 6.01 4.54
C GLU A 40 0.68 5.91 3.62
N SER A 41 1.02 7.02 2.98
CA SER A 41 2.16 7.06 2.06
C SER A 41 2.55 8.50 1.76
N PRO A 42 3.50 9.07 2.54
CA PRO A 42 3.96 10.46 2.34
C PRO A 42 4.31 10.75 0.89
N ALA A 43 3.73 11.83 0.36
CA ALA A 43 3.97 12.23 -1.03
C ALA A 43 3.60 11.11 -2.00
N ALA A 44 2.29 10.87 -2.14
CA ALA A 44 1.81 9.83 -3.04
C ALA A 44 0.32 10.00 -3.33
N GLY A 45 -0.07 9.75 -4.57
CA GLY A 45 -1.47 9.88 -4.95
C GLY A 45 -2.25 8.60 -4.70
N LEU A 46 -3.11 8.62 -3.69
CA LEU A 46 -3.91 7.45 -3.34
C LEU A 46 -5.32 7.56 -3.92
N THR A 47 -5.66 6.62 -4.81
CA THR A 47 -6.98 6.60 -5.43
C THR A 47 -7.63 5.23 -5.23
N ILE A 48 -8.78 5.22 -4.55
CA ILE A 48 -9.50 3.98 -4.28
C ILE A 48 -10.72 3.82 -5.19
N PHE A 49 -11.00 2.57 -5.56
CA PHE A 49 -12.14 2.24 -6.41
C PHE A 49 -12.92 1.08 -5.83
N ASP A 50 -13.94 0.66 -6.57
CA ASP A 50 -14.72 -0.51 -6.19
C ASP A 50 -14.96 -1.40 -7.41
N MET A 51 -15.61 -2.55 -7.19
CA MET A 51 -15.91 -3.50 -8.29
C MET A 51 -16.04 -2.74 -9.60
N ASN A 52 -16.95 -1.78 -9.60
CA ASN A 52 -17.16 -0.87 -10.71
C ASN A 52 -17.36 0.48 -10.11
N GLY A 53 -17.00 0.56 -8.84
CA GLY A 53 -17.12 1.78 -8.10
C GLY A 53 -16.19 2.81 -8.58
N ARG A 54 -15.66 2.58 -9.79
CA ARG A 54 -14.68 3.44 -10.40
C ARG A 54 -14.05 4.37 -9.37
N ARG A 55 -13.37 5.40 -9.79
CA ARG A 55 -12.76 6.27 -8.79
C ARG A 55 -13.82 6.69 -7.78
N VAL A 56 -13.81 6.00 -6.63
CA VAL A 56 -14.77 6.23 -5.57
C VAL A 56 -14.25 7.21 -4.52
N ALA A 57 -12.93 7.37 -4.45
CA ALA A 57 -12.32 8.27 -3.48
C ALA A 57 -10.90 8.65 -3.89
N THR A 58 -10.46 9.83 -3.45
CA THR A 58 -9.12 10.31 -3.77
C THR A 58 -8.54 11.15 -2.63
N ALA A 59 -7.29 10.86 -2.28
CA ALA A 59 -6.60 11.59 -1.20
C ALA A 59 -5.10 11.44 -1.32
N LYS A 60 -4.36 12.46 -0.90
CA LYS A 60 -2.90 12.44 -0.95
C LYS A 60 -2.32 12.15 0.43
N ASN A 61 -1.08 11.66 0.45
CA ASN A 61 -0.39 11.33 1.70
C ASN A 61 -1.19 10.28 2.49
N ARG A 62 -2.10 10.74 3.33
CA ARG A 62 -2.93 9.85 4.13
C ARG A 62 -4.33 9.75 3.53
N MET A 63 -4.92 8.56 3.59
CA MET A 63 -6.24 8.33 3.05
C MET A 63 -7.08 7.46 3.98
N VAL A 64 -8.28 7.95 4.32
CA VAL A 64 -9.18 7.22 5.19
C VAL A 64 -10.62 7.30 4.67
N PHE A 65 -11.24 6.15 4.48
CA PHE A 65 -12.61 6.10 3.98
C PHE A 65 -13.33 4.85 4.49
N GLU A 66 -14.62 5.00 4.79
CA GLU A 66 -15.42 3.88 5.28
C GLU A 66 -16.02 3.08 4.13
N ALA A 67 -15.46 1.92 3.86
CA ALA A 67 -15.93 1.05 2.78
C ALA A 67 -16.75 -0.11 3.33
N GLN A 68 -17.81 -0.46 2.62
CA GLN A 68 -18.69 -1.56 3.04
C GLN A 68 -18.34 -2.83 2.28
N ASN A 69 -19.24 -3.81 2.31
CA ASN A 69 -19.03 -5.08 1.63
C ASN A 69 -18.77 -4.87 0.13
N GLY A 70 -17.94 -5.72 -0.44
CA GLY A 70 -17.61 -5.61 -1.86
C GLY A 70 -16.11 -5.65 -2.11
N VAL A 71 -15.73 -5.60 -3.38
CA VAL A 71 -14.32 -5.63 -3.75
C VAL A 71 -13.83 -4.24 -4.16
N TYR A 72 -12.76 -3.79 -3.52
CA TYR A 72 -12.20 -2.48 -3.81
C TYR A 72 -10.80 -2.62 -4.40
N ALA A 73 -10.22 -1.50 -4.82
CA ALA A 73 -8.89 -1.51 -5.41
C ALA A 73 -8.16 -0.20 -5.13
N VAL A 74 -7.28 -0.22 -4.14
CA VAL A 74 -6.51 0.97 -3.77
C VAL A 74 -5.26 1.10 -4.65
N ARG A 75 -5.00 2.32 -5.12
CA ARG A 75 -3.84 2.57 -5.97
C ARG A 75 -2.90 3.57 -5.32
N ILE A 76 -1.69 3.12 -5.00
CA ILE A 76 -0.69 3.99 -4.37
C ILE A 76 0.35 4.41 -5.40
N ALA A 77 0.22 5.63 -5.90
CA ALA A 77 1.16 6.16 -6.89
C ALA A 77 2.29 6.93 -6.23
N THR A 78 3.49 6.35 -6.25
CA THR A 78 4.66 6.97 -5.67
C THR A 78 5.65 7.42 -6.74
N GLU A 79 6.63 8.22 -6.34
CA GLU A 79 7.63 8.72 -7.28
C GLU A 79 8.52 7.59 -7.78
N GLY A 80 8.10 6.95 -8.87
CA GLY A 80 8.88 5.86 -9.43
C GLY A 80 8.00 4.75 -9.99
N LYS A 81 7.18 4.15 -9.13
CA LYS A 81 6.29 3.07 -9.55
C LYS A 81 4.94 3.19 -8.85
N THR A 82 3.87 2.89 -9.59
CA THR A 82 2.52 2.97 -9.06
C THR A 82 2.02 1.57 -8.65
N TYR A 83 1.94 1.34 -7.35
CA TYR A 83 1.48 0.06 -6.84
C TYR A 83 -0.04 0.04 -6.76
N THR A 84 -0.61 -1.17 -6.73
CA THR A 84 -2.07 -1.32 -6.67
C THR A 84 -2.46 -2.47 -5.75
N GLU A 85 -2.94 -2.12 -4.56
CA GLU A 85 -3.36 -3.13 -3.59
C GLU A 85 -4.87 -3.08 -3.40
N LYS A 86 -5.55 -4.15 -3.82
CA LYS A 86 -7.00 -4.21 -3.71
C LYS A 86 -7.43 -4.65 -2.31
N VAL A 87 -8.55 -4.11 -1.85
CA VAL A 87 -9.07 -4.45 -0.53
C VAL A 87 -10.34 -5.29 -0.63
N ILE A 88 -10.23 -6.57 -0.32
CA ILE A 88 -11.37 -7.48 -0.38
C ILE A 88 -12.01 -7.65 1.00
N VAL A 89 -13.22 -7.14 1.15
CA VAL A 89 -13.94 -7.23 2.42
C VAL A 89 -15.24 -8.01 2.25
N LYS A 90 -15.42 -9.05 3.06
CA LYS A 90 -16.62 -9.87 3.01
C LYS A 90 -16.79 -10.68 4.30
N MET A 1 10.94 -24.07 12.72
CA MET A 1 9.93 -25.16 12.80
C MET A 1 9.36 -25.27 14.20
N ALA A 2 9.58 -24.23 15.01
CA ALA A 2 9.09 -24.22 16.38
C ALA A 2 8.01 -23.15 16.56
N HIS A 3 7.07 -23.43 17.48
CA HIS A 3 5.96 -22.51 17.75
C HIS A 3 5.10 -22.31 16.51
N HIS A 4 5.54 -21.41 15.62
CA HIS A 4 4.80 -21.13 14.40
C HIS A 4 4.68 -22.39 13.54
N HIS A 5 3.51 -23.01 13.60
CA HIS A 5 3.25 -24.23 12.84
C HIS A 5 3.44 -23.99 11.34
N HIS A 6 3.30 -22.73 10.94
CA HIS A 6 3.45 -22.37 9.53
C HIS A 6 4.26 -21.08 9.39
N HIS A 7 5.45 -21.19 8.83
CA HIS A 7 6.33 -20.03 8.64
C HIS A 7 6.59 -19.78 7.16
N HIS A 8 7.25 -20.73 6.51
CA HIS A 8 7.56 -20.63 5.09
C HIS A 8 8.42 -19.40 4.80
N VAL A 9 9.71 -19.63 4.60
CA VAL A 9 10.64 -18.53 4.32
C VAL A 9 10.40 -17.97 2.92
N ASP A 10 10.27 -16.65 2.84
CA ASP A 10 10.03 -15.99 1.56
C ASP A 10 11.18 -15.03 1.23
N ASP A 11 11.57 -15.00 -0.04
CA ASP A 11 12.66 -14.13 -0.48
C ASP A 11 12.22 -13.26 -1.66
N ASP A 12 12.68 -12.02 -1.68
CA ASP A 12 12.34 -11.09 -2.75
C ASP A 12 13.30 -9.90 -2.76
N ASP A 13 13.47 -9.28 -1.59
CA ASP A 13 14.36 -8.12 -1.47
C ASP A 13 14.97 -8.05 -0.07
N LYS A 14 14.13 -7.76 0.91
CA LYS A 14 14.57 -7.66 2.31
C LYS A 14 13.55 -8.31 3.25
N MET A 15 13.75 -9.59 3.53
CA MET A 15 12.85 -10.31 4.42
C MET A 15 12.95 -9.79 5.84
N GLY A 16 14.10 -10.01 6.48
CA GLY A 16 14.31 -9.56 7.83
C GLY A 16 15.40 -8.51 7.93
N THR A 17 15.79 -8.16 9.16
CA THR A 17 16.83 -7.17 9.39
C THR A 17 16.42 -5.83 8.78
N SER A 18 15.56 -5.09 9.47
CA SER A 18 15.09 -3.80 9.00
C SER A 18 14.70 -2.91 10.17
N ILE A 19 14.04 -1.79 9.86
CA ILE A 19 13.60 -0.85 10.88
C ILE A 19 12.83 -1.55 12.01
N ALA A 20 12.05 -2.56 11.64
CA ALA A 20 11.27 -3.31 12.62
C ALA A 20 11.22 -4.79 12.28
N ASP A 21 12.15 -5.24 11.44
CA ASP A 21 12.22 -6.63 11.03
C ASP A 21 10.93 -7.06 10.31
N VAL A 22 10.13 -6.08 9.91
CA VAL A 22 8.88 -6.36 9.22
C VAL A 22 9.03 -6.13 7.72
N ALA A 23 10.24 -6.34 7.21
CA ALA A 23 10.53 -6.15 5.80
C ALA A 23 10.22 -4.73 5.35
N ASN A 24 10.73 -3.75 6.10
CA ASN A 24 10.51 -2.35 5.78
C ASN A 24 11.24 -1.95 4.49
N ASP A 25 10.54 -2.08 3.37
CA ASP A 25 11.12 -1.75 2.08
C ASP A 25 10.12 -0.99 1.22
N LYS A 26 8.85 -1.39 1.31
CA LYS A 26 7.80 -0.74 0.53
C LYS A 26 7.61 0.71 0.98
N PRO A 27 7.43 1.64 0.04
CA PRO A 27 7.25 3.06 0.35
C PRO A 27 5.83 3.40 0.76
N TYR A 28 5.01 2.36 0.96
CA TYR A 28 3.62 2.55 1.36
C TYR A 28 3.24 1.59 2.48
N THR A 29 2.07 1.82 3.07
CA THR A 29 1.58 0.99 4.16
C THR A 29 0.06 0.86 4.11
N VAL A 30 -0.42 -0.28 3.63
CA VAL A 30 -1.85 -0.52 3.54
C VAL A 30 -2.37 -1.22 4.79
N ALA A 31 -3.57 -0.85 5.21
CA ALA A 31 -4.17 -1.44 6.40
C ALA A 31 -5.70 -1.43 6.32
N VAL A 32 -6.33 -2.37 6.99
CA VAL A 32 -7.79 -2.46 6.99
C VAL A 32 -8.32 -2.65 8.41
N SER A 33 -9.39 -1.95 8.74
CA SER A 33 -10.00 -2.04 10.06
C SER A 33 -11.50 -2.23 9.95
N GLY A 34 -11.93 -3.49 9.91
CA GLY A 34 -13.35 -3.80 9.81
C GLY A 34 -13.97 -3.27 8.52
N LYS A 35 -14.60 -2.11 8.61
CA LYS A 35 -15.23 -1.50 7.44
C LYS A 35 -14.64 -0.12 7.16
N THR A 36 -13.36 0.04 7.49
CA THR A 36 -12.67 1.31 7.27
C THR A 36 -11.30 1.09 6.61
N ILE A 37 -11.15 1.63 5.40
CA ILE A 37 -9.89 1.50 4.67
C ILE A 37 -8.90 2.56 5.11
N THR A 38 -7.71 2.12 5.50
CA THR A 38 -6.67 3.05 5.94
C THR A 38 -5.31 2.74 5.30
N VAL A 39 -4.88 3.61 4.42
CA VAL A 39 -3.60 3.45 3.73
C VAL A 39 -2.75 4.71 3.86
N GLU A 40 -1.55 4.56 4.40
CA GLU A 40 -0.64 5.68 4.59
C GLU A 40 0.56 5.58 3.67
N SER A 41 0.72 6.56 2.79
CA SER A 41 1.85 6.58 1.86
C SER A 41 2.42 8.00 1.74
N PRO A 42 3.57 8.27 2.38
CA PRO A 42 4.21 9.60 2.35
C PRO A 42 4.47 10.08 0.92
N ALA A 43 3.89 11.23 0.58
CA ALA A 43 4.05 11.82 -0.73
C ALA A 43 3.65 10.83 -1.84
N ALA A 44 2.35 10.67 -2.03
CA ALA A 44 1.83 9.76 -3.05
C ALA A 44 0.33 9.93 -3.22
N GLY A 45 -0.14 9.82 -4.46
CA GLY A 45 -1.56 9.97 -4.75
C GLY A 45 -2.30 8.65 -4.64
N LEU A 46 -3.17 8.54 -3.65
CA LEU A 46 -3.95 7.33 -3.43
C LEU A 46 -5.32 7.42 -4.09
N THR A 47 -5.75 6.32 -4.69
CA THR A 47 -7.04 6.26 -5.36
C THR A 47 -7.67 4.88 -5.24
N ILE A 48 -8.78 4.81 -4.53
CA ILE A 48 -9.49 3.54 -4.33
C ILE A 48 -10.46 3.27 -5.48
N PHE A 49 -10.53 2.01 -5.91
CA PHE A 49 -11.41 1.61 -6.99
C PHE A 49 -12.36 0.51 -6.53
N ASP A 50 -13.65 0.80 -6.56
CA ASP A 50 -14.67 -0.16 -6.15
C ASP A 50 -14.71 -1.36 -7.09
N MET A 51 -15.68 -2.25 -6.86
CA MET A 51 -15.82 -3.44 -7.68
C MET A 51 -16.00 -3.10 -9.16
N ASN A 52 -16.81 -2.07 -9.43
CA ASN A 52 -17.06 -1.65 -10.81
C ASN A 52 -15.77 -1.18 -11.48
N GLY A 53 -14.75 -0.91 -10.66
CA GLY A 53 -13.48 -0.46 -11.20
C GLY A 53 -13.44 1.04 -11.42
N ARG A 54 -14.43 1.74 -10.89
CA ARG A 54 -14.51 3.19 -11.04
C ARG A 54 -14.00 3.89 -9.78
N ARG A 55 -13.45 5.09 -9.96
CA ARG A 55 -12.93 5.88 -8.85
C ARG A 55 -14.01 6.14 -7.81
N VAL A 56 -13.70 5.82 -6.55
CA VAL A 56 -14.66 6.02 -5.47
C VAL A 56 -14.11 6.94 -4.39
N ALA A 57 -12.79 6.99 -4.24
CA ALA A 57 -12.15 7.83 -3.24
C ALA A 57 -10.74 8.24 -3.66
N THR A 58 -10.33 9.43 -3.25
CA THR A 58 -9.01 9.94 -3.57
C THR A 58 -8.45 10.79 -2.42
N ALA A 59 -7.19 10.56 -2.09
CA ALA A 59 -6.53 11.30 -1.01
C ALA A 59 -5.01 11.23 -1.13
N LYS A 60 -4.36 12.34 -0.83
CA LYS A 60 -2.91 12.42 -0.91
C LYS A 60 -2.27 12.12 0.44
N ASN A 61 -1.06 11.57 0.42
CA ASN A 61 -0.34 11.22 1.64
C ASN A 61 -1.12 10.22 2.48
N ARG A 62 -2.02 10.72 3.31
CA ARG A 62 -2.84 9.86 4.17
C ARG A 62 -4.24 9.72 3.58
N MET A 63 -4.81 8.52 3.71
CA MET A 63 -6.15 8.25 3.19
C MET A 63 -6.98 7.46 4.19
N VAL A 64 -8.24 7.87 4.35
CA VAL A 64 -9.15 7.21 5.27
C VAL A 64 -10.60 7.34 4.78
N PHE A 65 -11.19 6.21 4.40
CA PHE A 65 -12.56 6.21 3.90
C PHE A 65 -13.36 5.06 4.51
N GLU A 66 -14.65 5.29 4.71
CA GLU A 66 -15.53 4.28 5.29
C GLU A 66 -16.27 3.52 4.18
N ALA A 67 -15.87 2.27 3.96
CA ALA A 67 -16.49 1.44 2.94
C ALA A 67 -17.29 0.30 3.56
N GLN A 68 -18.06 -0.40 2.72
CA GLN A 68 -18.88 -1.51 3.20
C GLN A 68 -18.51 -2.80 2.46
N ASN A 69 -19.35 -3.82 2.61
CA ASN A 69 -19.10 -5.11 1.97
C ASN A 69 -18.82 -4.94 0.48
N GLY A 70 -17.91 -5.77 -0.03
CA GLY A 70 -17.56 -5.70 -1.44
C GLY A 70 -16.06 -5.85 -1.66
N VAL A 71 -15.55 -5.19 -2.70
CA VAL A 71 -14.13 -5.25 -3.00
C VAL A 71 -13.61 -3.89 -3.44
N TYR A 72 -12.33 -3.64 -3.21
CA TYR A 72 -11.72 -2.38 -3.59
C TYR A 72 -10.29 -2.56 -4.05
N ALA A 73 -9.68 -1.48 -4.55
CA ALA A 73 -8.31 -1.51 -5.03
C ALA A 73 -7.65 -0.15 -4.88
N VAL A 74 -6.68 -0.07 -3.97
CA VAL A 74 -5.96 1.18 -3.70
C VAL A 74 -4.79 1.34 -4.67
N ARG A 75 -4.68 2.52 -5.27
CA ARG A 75 -3.61 2.80 -6.21
C ARG A 75 -2.60 3.77 -5.61
N ILE A 76 -1.43 3.25 -5.23
CA ILE A 76 -0.39 4.08 -4.63
C ILE A 76 0.63 4.50 -5.69
N ALA A 77 0.49 5.74 -6.17
CA ALA A 77 1.40 6.26 -7.18
C ALA A 77 2.47 7.15 -6.56
N THR A 78 3.69 6.62 -6.48
CA THR A 78 4.81 7.37 -5.90
C THR A 78 5.61 8.08 -6.99
N GLU A 79 6.61 8.85 -6.57
CA GLU A 79 7.45 9.59 -7.50
C GLU A 79 8.52 8.68 -8.11
N GLY A 80 8.08 7.76 -8.97
CA GLY A 80 9.00 6.84 -9.61
C GLY A 80 8.32 5.57 -10.09
N LYS A 81 7.43 5.04 -9.25
CA LYS A 81 6.70 3.82 -9.59
C LYS A 81 5.23 3.94 -9.19
N THR A 82 4.43 2.95 -9.58
CA THR A 82 3.01 2.95 -9.26
C THR A 82 2.54 1.57 -8.83
N TYR A 83 2.40 1.37 -7.52
CA TYR A 83 1.95 0.09 -6.99
C TYR A 83 0.43 0.02 -6.94
N THR A 84 -0.11 -1.19 -7.02
CA THR A 84 -1.55 -1.38 -6.99
C THR A 84 -1.95 -2.57 -6.12
N GLU A 85 -2.83 -2.31 -5.16
CA GLU A 85 -3.31 -3.35 -4.25
C GLU A 85 -4.83 -3.45 -4.30
N LYS A 86 -5.37 -4.49 -3.69
CA LYS A 86 -6.81 -4.69 -3.67
C LYS A 86 -7.33 -4.90 -2.25
N VAL A 87 -8.20 -4.02 -1.80
CA VAL A 87 -8.77 -4.11 -0.46
C VAL A 87 -10.07 -4.89 -0.50
N ILE A 88 -10.00 -6.17 -0.16
CA ILE A 88 -11.17 -7.04 -0.17
C ILE A 88 -11.80 -7.11 1.23
N VAL A 89 -13.07 -6.70 1.31
CA VAL A 89 -13.78 -6.72 2.58
C VAL A 89 -15.01 -7.63 2.53
N LYS A 90 -15.18 -8.45 3.56
CA LYS A 90 -16.31 -9.37 3.63
C LYS A 90 -16.64 -9.72 5.08
N MET A 1 -2.14 -3.19 13.04
CA MET A 1 -2.10 -4.39 13.92
C MET A 1 -1.12 -5.42 13.39
N ALA A 2 -0.84 -6.44 14.19
CA ALA A 2 0.08 -7.50 13.79
C ALA A 2 -0.62 -8.86 13.78
N HIS A 3 -1.91 -8.84 13.54
CA HIS A 3 -2.70 -10.07 13.49
C HIS A 3 -2.42 -10.85 12.20
N HIS A 4 -1.92 -10.14 11.19
CA HIS A 4 -1.62 -10.77 9.92
C HIS A 4 -0.13 -11.09 9.80
N HIS A 5 0.26 -11.72 8.70
CA HIS A 5 1.66 -12.09 8.46
C HIS A 5 2.18 -12.97 9.58
N HIS A 6 1.97 -14.27 9.44
CA HIS A 6 2.43 -15.23 10.45
C HIS A 6 3.10 -16.43 9.79
N HIS A 7 2.74 -16.68 8.54
CA HIS A 7 3.30 -17.80 7.78
C HIS A 7 4.80 -17.60 7.56
N HIS A 8 5.55 -18.69 7.65
CA HIS A 8 7.00 -18.64 7.46
C HIS A 8 7.34 -18.46 5.99
N VAL A 9 7.62 -17.22 5.59
CA VAL A 9 7.95 -16.92 4.20
C VAL A 9 9.27 -16.15 4.12
N ASP A 10 9.26 -14.90 4.57
CA ASP A 10 10.45 -14.06 4.54
C ASP A 10 10.67 -13.38 5.88
N ASP A 11 11.93 -13.22 6.26
CA ASP A 11 12.28 -12.58 7.53
C ASP A 11 13.63 -11.88 7.43
N ASP A 12 13.80 -11.09 6.37
CA ASP A 12 15.06 -10.37 6.17
C ASP A 12 14.83 -9.09 5.37
N ASP A 13 13.83 -9.12 4.49
CA ASP A 13 13.52 -7.96 3.66
C ASP A 13 12.04 -7.56 3.79
N LYS A 14 11.80 -6.29 4.10
CA LYS A 14 10.45 -5.78 4.25
C LYS A 14 9.68 -6.56 5.31
N MET A 15 10.42 -7.12 6.27
CA MET A 15 9.81 -7.89 7.35
C MET A 15 10.48 -7.60 8.68
N GLY A 16 11.42 -6.65 8.68
CA GLY A 16 12.12 -6.29 9.89
C GLY A 16 13.49 -6.92 9.99
N THR A 17 13.89 -7.24 11.21
CA THR A 17 15.20 -7.87 11.46
C THR A 17 16.32 -7.10 10.76
N SER A 18 16.28 -5.78 10.88
CA SER A 18 17.28 -4.92 10.25
C SER A 18 17.36 -3.59 11.00
N ILE A 19 17.83 -2.55 10.30
CA ILE A 19 17.94 -1.23 10.89
C ILE A 19 16.62 -0.81 11.55
N ALA A 20 15.53 -1.37 11.05
CA ALA A 20 14.21 -1.07 11.58
C ALA A 20 13.29 -2.27 11.45
N ASP A 21 12.40 -2.45 12.43
CA ASP A 21 11.46 -3.57 12.43
C ASP A 21 10.19 -3.18 11.70
N VAL A 22 9.18 -4.07 11.78
CA VAL A 22 7.88 -3.84 11.13
C VAL A 22 8.04 -3.27 9.73
N ALA A 23 9.06 -3.75 9.00
CA ALA A 23 9.33 -3.31 7.65
C ALA A 23 9.71 -1.83 7.61
N ASN A 24 10.37 -1.42 6.52
CA ASN A 24 10.81 -0.04 6.36
C ASN A 24 11.38 0.19 4.96
N ASP A 25 11.42 -0.87 4.16
CA ASP A 25 11.95 -0.79 2.81
C ASP A 25 10.85 -0.44 1.80
N LYS A 26 9.60 -0.52 2.25
CA LYS A 26 8.46 -0.21 1.39
C LYS A 26 8.07 1.26 1.52
N PRO A 27 7.78 1.93 0.38
CA PRO A 27 7.39 3.34 0.38
C PRO A 27 5.92 3.56 0.71
N TYR A 28 5.20 2.46 0.92
CA TYR A 28 3.78 2.54 1.25
C TYR A 28 3.43 1.60 2.41
N THR A 29 2.33 1.90 3.09
CA THR A 29 1.88 1.10 4.21
C THR A 29 0.35 1.07 4.29
N VAL A 30 -0.23 -0.02 3.82
CA VAL A 30 -1.69 -0.18 3.83
C VAL A 30 -2.16 -0.91 5.08
N ALA A 31 -3.35 -0.55 5.56
CA ALA A 31 -3.92 -1.16 6.75
C ALA A 31 -5.44 -1.27 6.62
N VAL A 32 -5.99 -2.33 7.22
CA VAL A 32 -7.43 -2.55 7.16
C VAL A 32 -7.98 -2.95 8.53
N SER A 33 -9.16 -2.43 8.87
CA SER A 33 -9.80 -2.72 10.14
C SER A 33 -11.30 -2.86 9.98
N GLY A 34 -11.77 -4.07 9.71
CA GLY A 34 -13.18 -4.32 9.53
C GLY A 34 -13.74 -3.64 8.30
N LYS A 35 -14.31 -2.45 8.48
CA LYS A 35 -14.89 -1.69 7.38
C LYS A 35 -14.20 -0.35 7.21
N THR A 36 -12.95 -0.27 7.68
CA THR A 36 -12.18 0.96 7.59
C THR A 36 -10.88 0.74 6.82
N ILE A 37 -10.72 1.46 5.73
CA ILE A 37 -9.52 1.35 4.90
C ILE A 37 -8.56 2.51 5.17
N THR A 38 -7.52 2.24 5.94
CA THR A 38 -6.52 3.25 6.28
C THR A 38 -5.23 3.03 5.52
N VAL A 39 -4.94 3.92 4.57
CA VAL A 39 -3.72 3.81 3.77
C VAL A 39 -2.79 4.98 4.07
N GLU A 40 -1.49 4.67 4.17
CA GLU A 40 -0.48 5.69 4.46
C GLU A 40 0.70 5.55 3.51
N SER A 41 0.96 6.60 2.75
CA SER A 41 2.07 6.61 1.79
C SER A 41 2.50 8.03 1.48
N PRO A 42 3.47 8.59 2.23
CA PRO A 42 3.97 9.95 2.02
C PRO A 42 4.34 10.22 0.56
N ALA A 43 3.82 11.34 0.03
CA ALA A 43 4.09 11.72 -1.34
C ALA A 43 3.64 10.63 -2.32
N ALA A 44 2.35 10.36 -2.36
CA ALA A 44 1.79 9.34 -3.24
C ALA A 44 0.33 9.63 -3.56
N GLY A 45 -0.07 9.34 -4.80
CA GLY A 45 -1.43 9.57 -5.21
C GLY A 45 -2.34 8.39 -4.91
N LEU A 46 -3.12 8.50 -3.85
CA LEU A 46 -4.03 7.43 -3.45
C LEU A 46 -5.37 7.55 -4.16
N THR A 47 -5.84 6.43 -4.71
CA THR A 47 -7.10 6.39 -5.42
C THR A 47 -7.80 5.06 -5.21
N ILE A 48 -8.90 5.07 -4.46
CA ILE A 48 -9.65 3.85 -4.18
C ILE A 48 -10.78 3.66 -5.19
N PHE A 49 -10.66 2.59 -5.99
CA PHE A 49 -11.67 2.28 -7.00
C PHE A 49 -12.71 1.31 -6.44
N ASP A 50 -13.79 1.11 -7.18
CA ASP A 50 -14.86 0.22 -6.75
C ASP A 50 -14.94 -1.00 -7.66
N MET A 51 -15.93 -1.84 -7.44
CA MET A 51 -16.12 -3.04 -8.24
C MET A 51 -16.32 -2.69 -9.71
N ASN A 52 -17.02 -1.59 -9.97
CA ASN A 52 -17.26 -1.14 -11.33
C ASN A 52 -16.05 -0.43 -11.91
N GLY A 53 -15.37 0.36 -11.07
CA GLY A 53 -14.20 1.08 -11.53
C GLY A 53 -14.28 2.57 -11.24
N ARG A 54 -15.36 2.98 -10.58
CA ARG A 54 -15.55 4.39 -10.24
C ARG A 54 -14.78 4.75 -8.98
N ARG A 55 -14.12 5.91 -9.01
CA ARG A 55 -13.34 6.39 -7.88
C ARG A 55 -14.25 6.76 -6.71
N VAL A 56 -14.26 5.91 -5.68
CA VAL A 56 -15.09 6.14 -4.51
C VAL A 56 -14.36 7.02 -3.50
N ALA A 57 -13.09 7.29 -3.76
CA ALA A 57 -12.28 8.12 -2.87
C ALA A 57 -10.98 8.56 -3.54
N THR A 58 -10.63 9.83 -3.34
CA THR A 58 -9.41 10.38 -3.92
C THR A 58 -8.70 11.29 -2.93
N ALA A 59 -7.47 10.94 -2.58
CA ALA A 59 -6.67 11.73 -1.65
C ALA A 59 -5.19 11.43 -1.80
N LYS A 60 -4.35 12.26 -1.18
CA LYS A 60 -2.91 12.10 -1.25
C LYS A 60 -2.33 11.79 0.13
N ASN A 61 -1.09 11.31 0.15
CA ASN A 61 -0.42 10.95 1.40
C ASN A 61 -1.18 9.87 2.16
N ARG A 62 -2.12 10.28 3.00
CA ARG A 62 -2.93 9.35 3.78
C ARG A 62 -4.41 9.56 3.49
N MET A 63 -5.17 8.46 3.52
CA MET A 63 -6.60 8.52 3.25
C MET A 63 -7.35 7.50 4.09
N VAL A 64 -8.50 7.91 4.62
CA VAL A 64 -9.34 7.04 5.44
C VAL A 64 -10.80 7.12 4.99
N PHE A 65 -11.25 6.09 4.28
CA PHE A 65 -12.63 6.05 3.79
C PHE A 65 -13.38 4.86 4.40
N GLU A 66 -14.66 5.07 4.69
CA GLU A 66 -15.49 4.01 5.27
C GLU A 66 -16.16 3.21 4.17
N ALA A 67 -15.62 2.03 3.89
CA ALA A 67 -16.16 1.15 2.86
C ALA A 67 -16.89 -0.04 3.47
N GLN A 68 -17.81 -0.62 2.70
CA GLN A 68 -18.58 -1.77 3.16
C GLN A 68 -18.32 -2.98 2.27
N ASN A 69 -19.17 -4.00 2.38
CA ASN A 69 -19.02 -5.21 1.58
C ASN A 69 -18.78 -4.88 0.11
N GLY A 70 -17.83 -5.58 -0.50
CA GLY A 70 -17.51 -5.34 -1.89
C GLY A 70 -16.02 -5.44 -2.16
N VAL A 71 -15.65 -5.43 -3.44
CA VAL A 71 -14.25 -5.51 -3.83
C VAL A 71 -13.74 -4.15 -4.31
N TYR A 72 -12.71 -3.65 -3.63
CA TYR A 72 -12.12 -2.36 -3.98
C TYR A 72 -10.71 -2.54 -4.53
N ALA A 73 -10.10 -1.44 -4.97
CA ALA A 73 -8.76 -1.48 -5.52
C ALA A 73 -8.02 -0.17 -5.24
N VAL A 74 -7.15 -0.20 -4.24
CA VAL A 74 -6.37 0.98 -3.88
C VAL A 74 -5.15 1.13 -4.76
N ARG A 75 -4.91 2.34 -5.26
CA ARG A 75 -3.77 2.61 -6.12
C ARG A 75 -2.80 3.59 -5.47
N ILE A 76 -1.58 3.14 -5.23
CA ILE A 76 -0.56 3.98 -4.60
C ILE A 76 0.53 4.33 -5.61
N ALA A 77 0.51 5.57 -6.09
CA ALA A 77 1.51 6.03 -7.05
C ALA A 77 2.65 6.76 -6.36
N THR A 78 3.77 6.07 -6.19
CA THR A 78 4.94 6.65 -5.54
C THR A 78 5.84 7.34 -6.55
N GLU A 79 6.91 7.97 -6.05
CA GLU A 79 7.86 8.67 -6.92
C GLU A 79 8.80 7.69 -7.60
N GLY A 80 8.29 7.01 -8.64
CA GLY A 80 9.10 6.05 -9.37
C GLY A 80 8.28 4.90 -9.92
N LYS A 81 7.48 4.28 -9.06
CA LYS A 81 6.64 3.16 -9.46
C LYS A 81 5.19 3.37 -9.04
N THR A 82 4.30 2.53 -9.56
CA THR A 82 2.88 2.62 -9.23
C THR A 82 2.36 1.29 -8.74
N TYR A 83 2.24 1.15 -7.42
CA TYR A 83 1.75 -0.08 -6.81
C TYR A 83 0.22 -0.11 -6.79
N THR A 84 -0.33 -1.31 -6.66
CA THR A 84 -1.78 -1.48 -6.63
C THR A 84 -2.19 -2.60 -5.67
N GLU A 85 -2.88 -2.21 -4.60
CA GLU A 85 -3.33 -3.18 -3.60
C GLU A 85 -4.85 -3.11 -3.44
N LYS A 86 -5.53 -4.19 -3.82
CA LYS A 86 -6.99 -4.25 -3.71
C LYS A 86 -7.41 -4.64 -2.29
N VAL A 87 -8.48 -4.01 -1.82
CA VAL A 87 -8.99 -4.30 -0.47
C VAL A 87 -10.21 -5.20 -0.52
N ILE A 88 -10.06 -6.43 -0.03
CA ILE A 88 -11.15 -7.39 -0.03
C ILE A 88 -11.85 -7.42 1.32
N VAL A 89 -13.07 -6.89 1.36
CA VAL A 89 -13.86 -6.85 2.59
C VAL A 89 -15.12 -7.70 2.47
N LYS A 90 -15.47 -8.37 3.56
CA LYS A 90 -16.65 -9.23 3.58
C LYS A 90 -17.47 -9.00 4.85
N MET A 1 24.82 -17.54 4.99
CA MET A 1 26.00 -16.80 4.50
C MET A 1 25.98 -16.69 2.97
N ALA A 2 25.57 -15.54 2.48
CA ALA A 2 25.50 -15.30 1.03
C ALA A 2 26.89 -15.14 0.42
N HIS A 3 26.94 -14.80 -0.85
CA HIS A 3 28.20 -14.61 -1.56
C HIS A 3 29.07 -13.57 -0.87
N HIS A 4 28.55 -12.35 -0.79
CA HIS A 4 29.26 -11.25 -0.15
C HIS A 4 28.29 -10.21 0.41
N HIS A 5 27.16 -10.06 -0.26
CA HIS A 5 26.15 -9.10 0.17
C HIS A 5 25.14 -9.77 1.09
N HIS A 6 24.06 -9.05 1.42
CA HIS A 6 23.02 -9.57 2.30
C HIS A 6 23.60 -10.01 3.64
N HIS A 7 24.26 -9.07 4.33
CA HIS A 7 24.87 -9.36 5.62
C HIS A 7 25.03 -8.08 6.44
N HIS A 8 25.46 -7.01 5.77
CA HIS A 8 25.67 -5.72 6.42
C HIS A 8 24.34 -5.04 6.71
N VAL A 9 24.16 -4.59 7.94
CA VAL A 9 22.93 -3.91 8.33
C VAL A 9 23.02 -2.41 8.03
N ASP A 10 22.06 -1.93 7.23
CA ASP A 10 22.02 -0.52 6.86
C ASP A 10 21.54 0.34 8.02
N ASP A 11 22.19 1.49 8.22
CA ASP A 11 21.83 2.40 9.30
C ASP A 11 20.88 3.49 8.80
N ASP A 12 20.74 3.60 7.49
CA ASP A 12 19.87 4.60 6.89
C ASP A 12 18.73 3.93 6.11
N ASP A 13 18.97 2.71 5.65
CA ASP A 13 17.98 1.97 4.89
C ASP A 13 17.35 0.86 5.74
N LYS A 14 16.06 0.63 5.57
CA LYS A 14 15.35 -0.39 6.32
C LYS A 14 15.63 -1.77 5.75
N MET A 15 16.52 -2.52 6.41
CA MET A 15 16.87 -3.86 5.96
C MET A 15 16.27 -4.92 6.87
N GLY A 16 15.07 -5.38 6.52
CA GLY A 16 14.40 -6.38 7.31
C GLY A 16 13.99 -5.88 8.69
N THR A 17 13.64 -6.81 9.57
CA THR A 17 13.24 -6.47 10.94
C THR A 17 12.18 -5.37 10.95
N SER A 18 11.40 -5.29 9.88
CA SER A 18 10.36 -4.28 9.76
C SER A 18 9.31 -4.69 8.72
N ILE A 19 8.22 -5.29 9.20
CA ILE A 19 7.15 -5.74 8.32
C ILE A 19 7.69 -6.70 7.26
N ALA A 20 7.67 -7.99 7.58
CA ALA A 20 8.16 -9.01 6.66
C ALA A 20 9.66 -8.85 6.42
N ASP A 21 10.45 -9.66 7.13
CA ASP A 21 11.90 -9.61 7.01
C ASP A 21 12.38 -10.39 5.79
N VAL A 22 11.79 -10.10 4.63
CA VAL A 22 12.17 -10.77 3.39
C VAL A 22 12.73 -9.77 2.38
N ALA A 23 13.28 -8.67 2.91
CA ALA A 23 13.86 -7.63 2.06
C ALA A 23 12.81 -7.04 1.12
N ASN A 24 12.21 -5.93 1.54
CA ASN A 24 11.19 -5.26 0.74
C ASN A 24 11.30 -3.74 0.88
N ASP A 25 11.49 -3.27 2.12
CA ASP A 25 11.60 -1.85 2.41
C ASP A 25 10.62 -1.01 1.58
N LYS A 26 9.33 -1.31 1.73
CA LYS A 26 8.29 -0.60 1.01
C LYS A 26 8.08 0.81 1.58
N PRO A 27 7.86 1.81 0.72
CA PRO A 27 7.65 3.19 1.15
C PRO A 27 6.19 3.48 1.54
N TYR A 28 5.33 2.48 1.36
CA TYR A 28 3.92 2.62 1.70
C TYR A 28 3.50 1.57 2.71
N THR A 29 2.33 1.78 3.32
CA THR A 29 1.81 0.85 4.32
C THR A 29 0.29 0.86 4.33
N VAL A 30 -0.31 -0.30 4.01
CA VAL A 30 -1.75 -0.43 3.98
C VAL A 30 -2.28 -1.04 5.28
N ALA A 31 -3.40 -0.53 5.76
CA ALA A 31 -4.00 -1.03 7.00
C ALA A 31 -5.52 -0.98 6.94
N VAL A 32 -6.15 -2.12 7.16
CA VAL A 32 -7.60 -2.22 7.13
C VAL A 32 -8.13 -2.66 8.49
N SER A 33 -9.18 -1.99 8.95
CA SER A 33 -9.79 -2.32 10.24
C SER A 33 -11.30 -2.42 10.11
N GLY A 34 -11.79 -3.65 9.94
CA GLY A 34 -13.22 -3.86 9.81
C GLY A 34 -13.79 -3.23 8.56
N LYS A 35 -14.44 -2.09 8.72
CA LYS A 35 -15.03 -1.37 7.59
C LYS A 35 -14.31 -0.04 7.37
N THR A 36 -13.02 -0.01 7.69
CA THR A 36 -12.22 1.19 7.52
C THR A 36 -10.97 0.91 6.70
N ILE A 37 -10.85 1.62 5.58
CA ILE A 37 -9.70 1.45 4.69
C ILE A 37 -8.74 2.63 4.81
N THR A 38 -7.67 2.44 5.57
CA THR A 38 -6.68 3.49 5.78
C THR A 38 -5.34 3.13 5.15
N VAL A 39 -4.85 3.99 4.28
CA VAL A 39 -3.57 3.77 3.60
C VAL A 39 -2.69 5.01 3.69
N GLU A 40 -1.50 4.83 4.26
CA GLU A 40 -0.55 5.94 4.41
C GLU A 40 0.64 5.76 3.48
N SER A 41 1.03 6.86 2.82
CA SER A 41 2.16 6.84 1.91
C SER A 41 2.68 8.25 1.67
N PRO A 42 3.71 8.68 2.43
CA PRO A 42 4.29 10.02 2.30
C PRO A 42 4.60 10.39 0.85
N ALA A 43 4.05 11.51 0.41
CA ALA A 43 4.27 11.99 -0.96
C ALA A 43 3.86 10.94 -1.99
N ALA A 44 2.56 10.68 -2.09
CA ALA A 44 2.04 9.70 -3.03
C ALA A 44 0.54 9.87 -3.24
N GLY A 45 0.10 9.73 -4.49
CA GLY A 45 -1.31 9.88 -4.79
C GLY A 45 -2.08 8.58 -4.64
N LEU A 46 -3.11 8.61 -3.80
CA LEU A 46 -3.93 7.43 -3.54
C LEU A 46 -5.28 7.54 -4.24
N THR A 47 -5.79 6.40 -4.70
CA THR A 47 -7.07 6.35 -5.38
C THR A 47 -7.76 5.00 -5.16
N ILE A 48 -9.00 5.04 -4.67
CA ILE A 48 -9.76 3.82 -4.40
C ILE A 48 -10.84 3.59 -5.44
N PHE A 49 -11.05 2.32 -5.79
CA PHE A 49 -12.08 1.96 -6.78
C PHE A 49 -13.06 0.97 -6.17
N ASP A 50 -14.23 0.84 -6.78
CA ASP A 50 -15.26 -0.07 -6.29
C ASP A 50 -15.45 -1.25 -7.24
N MET A 51 -16.46 -2.07 -6.99
CA MET A 51 -16.75 -3.22 -7.83
C MET A 51 -16.78 -2.85 -9.31
N ASN A 52 -17.53 -1.81 -9.64
CA ASN A 52 -17.65 -1.35 -11.02
C ASN A 52 -16.30 -0.89 -11.56
N GLY A 53 -15.41 -0.50 -10.65
CA GLY A 53 -14.09 -0.05 -11.05
C GLY A 53 -14.03 1.46 -11.23
N ARG A 54 -15.10 2.14 -10.86
CA ARG A 54 -15.17 3.59 -10.98
C ARG A 54 -14.63 4.27 -9.72
N ARG A 55 -14.03 5.44 -9.90
CA ARG A 55 -13.47 6.21 -8.78
C ARG A 55 -14.52 6.49 -7.72
N VAL A 56 -14.25 6.07 -6.49
CA VAL A 56 -15.17 6.27 -5.39
C VAL A 56 -14.59 7.23 -4.34
N ALA A 57 -13.27 7.34 -4.32
CA ALA A 57 -12.59 8.23 -3.37
C ALA A 57 -11.15 8.48 -3.78
N THR A 58 -10.64 9.66 -3.45
CA THR A 58 -9.27 10.03 -3.78
C THR A 58 -8.67 10.95 -2.71
N ALA A 59 -7.38 10.76 -2.44
CA ALA A 59 -6.69 11.56 -1.45
C ALA A 59 -5.18 11.53 -1.66
N LYS A 60 -4.43 12.20 -0.80
CA LYS A 60 -2.98 12.24 -0.90
C LYS A 60 -2.32 11.99 0.45
N ASN A 61 -1.15 11.36 0.43
CA ASN A 61 -0.40 11.05 1.64
C ASN A 61 -1.21 10.16 2.57
N ARG A 62 -2.06 10.76 3.40
CA ARG A 62 -2.90 10.01 4.33
C ARG A 62 -4.33 9.96 3.82
N MET A 63 -4.88 8.74 3.73
CA MET A 63 -6.24 8.56 3.25
C MET A 63 -7.04 7.67 4.19
N VAL A 64 -8.30 8.03 4.39
CA VAL A 64 -9.19 7.27 5.26
C VAL A 64 -10.64 7.34 4.76
N PHE A 65 -11.28 6.18 4.67
CA PHE A 65 -12.66 6.11 4.21
C PHE A 65 -13.35 4.86 4.73
N GLU A 66 -14.59 5.02 5.19
CA GLU A 66 -15.37 3.90 5.71
C GLU A 66 -16.11 3.18 4.58
N ALA A 67 -15.60 2.01 4.19
CA ALA A 67 -16.20 1.23 3.12
C ALA A 67 -16.83 -0.05 3.66
N GLN A 68 -17.85 -0.55 2.97
CA GLN A 68 -18.54 -1.76 3.38
C GLN A 68 -18.15 -2.94 2.47
N ASN A 69 -18.91 -4.02 2.56
CA ASN A 69 -18.65 -5.21 1.76
C ASN A 69 -18.50 -4.87 0.29
N GLY A 70 -17.63 -5.60 -0.41
CA GLY A 70 -17.40 -5.36 -1.82
C GLY A 70 -15.93 -5.37 -2.17
N VAL A 71 -15.62 -5.44 -3.47
CA VAL A 71 -14.25 -5.45 -3.93
C VAL A 71 -13.76 -4.05 -4.26
N TYR A 72 -12.55 -3.73 -3.82
CA TYR A 72 -11.96 -2.42 -4.08
C TYR A 72 -10.58 -2.55 -4.69
N ALA A 73 -10.00 -1.42 -5.11
CA ALA A 73 -8.69 -1.40 -5.72
C ALA A 73 -7.96 -0.09 -5.45
N VAL A 74 -7.04 -0.11 -4.50
CA VAL A 74 -6.27 1.08 -4.14
C VAL A 74 -5.08 1.24 -5.07
N ARG A 75 -4.75 2.49 -5.40
CA ARG A 75 -3.62 2.79 -6.27
C ARG A 75 -2.64 3.75 -5.62
N ILE A 76 -1.54 3.21 -5.12
CA ILE A 76 -0.51 4.03 -4.47
C ILE A 76 0.59 4.39 -5.45
N ALA A 77 0.57 5.63 -5.93
CA ALA A 77 1.57 6.10 -6.88
C ALA A 77 2.72 6.82 -6.17
N THR A 78 3.89 6.18 -6.16
CA THR A 78 5.07 6.75 -5.51
C THR A 78 5.93 7.52 -6.52
N GLU A 79 6.95 8.20 -6.01
CA GLU A 79 7.84 8.97 -6.86
C GLU A 79 8.86 8.08 -7.56
N GLY A 80 8.38 7.23 -8.47
CA GLY A 80 9.26 6.34 -9.18
C GLY A 80 8.51 5.14 -9.76
N LYS A 81 7.51 4.66 -9.02
CA LYS A 81 6.72 3.53 -9.46
C LYS A 81 5.25 3.73 -9.13
N THR A 82 4.42 2.77 -9.51
CA THR A 82 2.98 2.85 -9.24
C THR A 82 2.42 1.48 -8.87
N TYR A 83 2.11 1.29 -7.59
CA TYR A 83 1.57 0.03 -7.10
C TYR A 83 0.05 0.05 -7.12
N THR A 84 -0.55 -1.10 -7.44
CA THR A 84 -2.01 -1.22 -7.48
C THR A 84 -2.49 -2.41 -6.64
N GLU A 85 -3.00 -2.11 -5.45
CA GLU A 85 -3.49 -3.15 -4.56
C GLU A 85 -5.01 -3.25 -4.63
N LYS A 86 -5.56 -4.31 -4.05
CA LYS A 86 -7.01 -4.54 -4.04
C LYS A 86 -7.49 -4.90 -2.64
N VAL A 87 -8.43 -4.13 -2.12
CA VAL A 87 -8.97 -4.38 -0.79
C VAL A 87 -10.28 -5.14 -0.86
N ILE A 88 -10.27 -6.36 -0.32
CA ILE A 88 -11.47 -7.20 -0.30
C ILE A 88 -11.99 -7.35 1.12
N VAL A 89 -13.14 -6.75 1.39
CA VAL A 89 -13.75 -6.82 2.71
C VAL A 89 -15.04 -7.62 2.69
N LYS A 90 -15.20 -8.50 3.68
CA LYS A 90 -16.39 -9.34 3.79
C LYS A 90 -17.22 -8.95 5.00
N MET A 1 35.36 -8.30 -14.93
CA MET A 1 35.29 -7.33 -16.07
C MET A 1 34.22 -6.28 -15.80
N ALA A 2 34.33 -5.16 -16.51
CA ALA A 2 33.37 -4.05 -16.36
C ALA A 2 33.28 -3.61 -14.91
N HIS A 3 34.25 -2.81 -14.48
CA HIS A 3 34.27 -2.30 -13.11
C HIS A 3 34.05 -0.79 -13.08
N HIS A 4 32.83 -0.37 -13.38
CA HIS A 4 32.48 1.04 -13.38
C HIS A 4 31.94 1.47 -12.02
N HIS A 5 32.74 2.23 -11.28
CA HIS A 5 32.37 2.71 -9.95
C HIS A 5 32.12 1.54 -9.00
N HIS A 6 30.90 1.01 -9.02
CA HIS A 6 30.53 -0.12 -8.16
C HIS A 6 30.72 0.24 -6.67
N HIS A 7 30.34 -0.68 -5.79
CA HIS A 7 30.47 -0.47 -4.35
C HIS A 7 29.65 0.75 -3.92
N HIS A 8 28.35 0.73 -4.21
CA HIS A 8 27.47 1.83 -3.85
C HIS A 8 26.66 1.50 -2.60
N VAL A 9 26.87 2.28 -1.55
CA VAL A 9 26.16 2.08 -0.29
C VAL A 9 25.15 3.18 -0.05
N ASP A 10 23.90 2.93 -0.44
CA ASP A 10 22.83 3.90 -0.26
C ASP A 10 21.85 3.44 0.81
N ASP A 11 22.04 3.92 2.03
CA ASP A 11 21.18 3.56 3.15
C ASP A 11 19.91 4.39 3.16
N ASP A 12 19.47 4.82 1.98
CA ASP A 12 18.27 5.63 1.85
C ASP A 12 17.06 4.76 1.52
N ASP A 13 17.31 3.68 0.78
CA ASP A 13 16.25 2.75 0.39
C ASP A 13 16.70 1.31 0.53
N LYS A 14 15.94 0.39 -0.04
CA LYS A 14 16.26 -1.03 0.02
C LYS A 14 17.62 -1.30 -0.62
N MET A 15 18.29 -2.34 -0.11
CA MET A 15 19.60 -2.72 -0.63
C MET A 15 19.70 -4.22 -0.86
N GLY A 16 18.82 -4.97 -0.19
CA GLY A 16 18.82 -6.41 -0.33
C GLY A 16 19.63 -7.10 0.74
N THR A 17 19.61 -8.44 0.72
CA THR A 17 20.36 -9.23 1.70
C THR A 17 19.95 -8.86 3.12
N SER A 18 18.83 -9.43 3.57
CA SER A 18 18.32 -9.17 4.91
C SER A 18 17.16 -10.11 5.24
N ILE A 19 16.42 -9.79 6.29
CA ILE A 19 15.27 -10.60 6.71
C ILE A 19 14.32 -10.83 5.54
N ALA A 20 14.27 -9.88 4.62
CA ALA A 20 13.41 -9.98 3.45
C ALA A 20 14.14 -9.56 2.19
N ASP A 21 14.86 -10.50 1.58
CA ASP A 21 15.62 -10.22 0.36
C ASP A 21 14.68 -9.92 -0.81
N VAL A 22 13.39 -10.17 -0.60
CA VAL A 22 12.39 -9.93 -1.63
C VAL A 22 11.97 -8.46 -1.66
N ALA A 23 12.96 -7.57 -1.73
CA ALA A 23 12.70 -6.13 -1.76
C ALA A 23 11.95 -5.66 -0.53
N ASN A 24 12.71 -5.21 0.48
CA ASN A 24 12.11 -4.73 1.72
C ASN A 24 12.00 -3.21 1.72
N ASP A 25 11.59 -2.64 2.86
CA ASP A 25 11.44 -1.19 2.98
C ASP A 25 10.49 -0.65 1.92
N LYS A 26 9.19 -0.89 2.11
CA LYS A 26 8.18 -0.42 1.16
C LYS A 26 7.86 1.05 1.41
N PRO A 27 7.61 1.83 0.34
CA PRO A 27 7.29 3.25 0.46
C PRO A 27 5.82 3.50 0.79
N TYR A 28 5.14 2.47 1.29
CA TYR A 28 3.73 2.58 1.66
C TYR A 28 3.40 1.68 2.84
N THR A 29 2.28 1.98 3.51
CA THR A 29 1.85 1.19 4.66
C THR A 29 0.34 0.98 4.63
N VAL A 30 -0.07 -0.21 4.18
CA VAL A 30 -1.49 -0.55 4.10
C VAL A 30 -1.95 -1.27 5.36
N ALA A 31 -3.16 -0.97 5.80
CA ALA A 31 -3.72 -1.59 7.00
C ALA A 31 -5.24 -1.49 7.01
N VAL A 32 -5.91 -2.63 6.93
CA VAL A 32 -7.36 -2.67 6.94
C VAL A 32 -7.90 -2.97 8.34
N SER A 33 -8.84 -2.15 8.80
CA SER A 33 -9.41 -2.32 10.12
C SER A 33 -10.93 -2.52 10.02
N GLY A 34 -11.36 -3.77 9.95
CA GLY A 34 -12.77 -4.08 9.86
C GLY A 34 -13.40 -3.52 8.60
N LYS A 35 -14.10 -2.40 8.73
CA LYS A 35 -14.76 -1.76 7.61
C LYS A 35 -14.15 -0.39 7.32
N THR A 36 -12.87 -0.24 7.67
CA THR A 36 -12.17 1.01 7.46
C THR A 36 -10.87 0.79 6.67
N ILE A 37 -10.75 1.46 5.54
CA ILE A 37 -9.57 1.34 4.70
C ILE A 37 -8.55 2.44 5.01
N THR A 38 -7.54 2.10 5.80
CA THR A 38 -6.51 3.05 6.18
C THR A 38 -5.21 2.78 5.43
N VAL A 39 -4.83 3.71 4.56
CA VAL A 39 -3.62 3.56 3.76
C VAL A 39 -2.79 4.85 3.79
N GLU A 40 -1.55 4.74 4.27
CA GLU A 40 -0.66 5.89 4.35
C GLU A 40 0.51 5.74 3.37
N SER A 41 0.91 6.84 2.75
CA SER A 41 2.01 6.82 1.79
C SER A 41 2.46 8.25 1.47
N PRO A 42 3.46 8.77 2.21
CA PRO A 42 3.98 10.13 1.99
C PRO A 42 4.34 10.39 0.54
N ALA A 43 3.86 11.52 0.01
CA ALA A 43 4.12 11.90 -1.37
C ALA A 43 3.66 10.81 -2.33
N ALA A 44 2.35 10.56 -2.36
CA ALA A 44 1.78 9.55 -3.24
C ALA A 44 0.31 9.80 -3.49
N GLY A 45 -0.12 9.64 -4.74
CA GLY A 45 -1.51 9.85 -5.10
C GLY A 45 -2.33 8.58 -4.97
N LEU A 46 -3.07 8.47 -3.87
CA LEU A 46 -3.90 7.30 -3.62
C LEU A 46 -5.27 7.45 -4.26
N THR A 47 -5.74 6.37 -4.89
CA THR A 47 -7.04 6.37 -5.55
C THR A 47 -7.76 5.03 -5.35
N ILE A 48 -8.84 5.06 -4.59
CA ILE A 48 -9.61 3.86 -4.31
C ILE A 48 -10.72 3.64 -5.35
N PHE A 49 -10.85 2.40 -5.81
CA PHE A 49 -11.87 2.06 -6.79
C PHE A 49 -12.88 1.08 -6.20
N ASP A 50 -14.08 1.06 -6.76
CA ASP A 50 -15.13 0.17 -6.28
C ASP A 50 -15.39 -0.94 -7.29
N MET A 51 -16.43 -1.73 -7.04
CA MET A 51 -16.78 -2.84 -7.92
C MET A 51 -16.96 -2.38 -9.37
N ASN A 52 -17.69 -1.28 -9.55
CA ASN A 52 -17.94 -0.74 -10.89
C ASN A 52 -16.63 -0.35 -11.57
N GLY A 53 -15.63 0.00 -10.77
CA GLY A 53 -14.34 0.39 -11.32
C GLY A 53 -14.14 1.90 -11.34
N ARG A 54 -15.17 2.64 -10.92
CA ARG A 54 -15.10 4.09 -10.90
C ARG A 54 -14.43 4.59 -9.61
N ARG A 55 -13.85 5.78 -9.66
CA ARG A 55 -13.18 6.36 -8.51
C ARG A 55 -14.18 6.71 -7.42
N VAL A 56 -14.11 6.00 -6.29
CA VAL A 56 -15.01 6.24 -5.18
C VAL A 56 -14.42 7.25 -4.19
N ALA A 57 -13.10 7.36 -4.19
CA ALA A 57 -12.42 8.28 -3.30
C ALA A 57 -10.99 8.57 -3.79
N THR A 58 -10.53 9.79 -3.54
CA THR A 58 -9.18 10.20 -3.95
C THR A 58 -8.53 11.07 -2.88
N ALA A 59 -7.27 10.79 -2.58
CA ALA A 59 -6.53 11.56 -1.57
C ALA A 59 -5.03 11.39 -1.76
N LYS A 60 -4.26 12.24 -1.09
CA LYS A 60 -2.80 12.19 -1.17
C LYS A 60 -2.18 12.00 0.21
N ASN A 61 -0.97 11.44 0.23
CA ASN A 61 -0.26 11.19 1.48
C ASN A 61 -1.05 10.24 2.38
N ARG A 62 -1.91 10.82 3.22
CA ARG A 62 -2.73 10.03 4.13
C ARG A 62 -4.15 9.92 3.61
N MET A 63 -4.69 8.72 3.60
CA MET A 63 -6.05 8.50 3.11
C MET A 63 -6.82 7.54 4.01
N VAL A 64 -8.09 7.86 4.24
CA VAL A 64 -8.96 7.04 5.08
C VAL A 64 -10.41 7.13 4.62
N PHE A 65 -11.04 5.98 4.45
CA PHE A 65 -12.44 5.95 4.00
C PHE A 65 -13.17 4.74 4.58
N GLU A 66 -14.44 4.94 4.92
CA GLU A 66 -15.25 3.87 5.48
C GLU A 66 -15.96 3.09 4.37
N ALA A 67 -15.46 1.90 4.08
CA ALA A 67 -16.04 1.06 3.04
C ALA A 67 -16.77 -0.13 3.63
N GLN A 68 -17.79 -0.60 2.91
CA GLN A 68 -18.58 -1.73 3.36
C GLN A 68 -18.27 -2.96 2.51
N ASN A 69 -19.10 -4.00 2.63
CA ASN A 69 -18.91 -5.23 1.86
C ASN A 69 -18.80 -4.93 0.37
N GLY A 70 -17.73 -5.44 -0.25
CA GLY A 70 -17.53 -5.21 -1.67
C GLY A 70 -16.07 -5.31 -2.07
N VAL A 71 -15.80 -5.30 -3.37
CA VAL A 71 -14.43 -5.38 -3.87
C VAL A 71 -13.89 -4.01 -4.24
N TYR A 72 -12.69 -3.71 -3.76
CA TYR A 72 -12.06 -2.42 -4.04
C TYR A 72 -10.67 -2.61 -4.63
N ALA A 73 -10.06 -1.49 -5.02
CA ALA A 73 -8.73 -1.50 -5.62
C ALA A 73 -7.98 -0.21 -5.30
N VAL A 74 -6.99 -0.30 -4.43
CA VAL A 74 -6.20 0.88 -4.05
C VAL A 74 -4.95 1.00 -4.92
N ARG A 75 -4.74 2.19 -5.47
CA ARG A 75 -3.58 2.43 -6.33
C ARG A 75 -2.64 3.45 -5.70
N ILE A 76 -1.49 2.98 -5.22
CA ILE A 76 -0.51 3.85 -4.59
C ILE A 76 0.55 4.28 -5.60
N ALA A 77 0.46 5.51 -6.07
CA ALA A 77 1.41 6.05 -7.03
C ALA A 77 2.55 6.78 -6.34
N THR A 78 3.72 6.16 -6.32
CA THR A 78 4.89 6.75 -5.68
C THR A 78 5.64 7.64 -6.67
N GLU A 79 6.70 8.29 -6.17
CA GLU A 79 7.51 9.18 -7.01
C GLU A 79 8.55 8.39 -7.79
N GLY A 80 8.10 7.32 -8.44
CA GLY A 80 9.01 6.49 -9.23
C GLY A 80 8.36 5.20 -9.67
N LYS A 81 7.39 4.73 -8.90
CA LYS A 81 6.69 3.49 -9.22
C LYS A 81 5.19 3.64 -8.98
N THR A 82 4.45 2.56 -9.20
CA THR A 82 3.00 2.58 -9.01
C THR A 82 2.48 1.21 -8.58
N TYR A 83 2.23 1.05 -7.28
CA TYR A 83 1.73 -0.21 -6.74
C TYR A 83 0.20 -0.22 -6.75
N THR A 84 -0.38 -1.42 -6.69
CA THR A 84 -1.82 -1.56 -6.69
C THR A 84 -2.27 -2.73 -5.81
N GLU A 85 -2.83 -2.41 -4.65
CA GLU A 85 -3.31 -3.42 -3.72
C GLU A 85 -4.82 -3.33 -3.56
N LYS A 86 -5.54 -4.36 -3.99
CA LYS A 86 -6.99 -4.37 -3.90
C LYS A 86 -7.45 -4.81 -2.51
N VAL A 87 -8.48 -4.16 -1.99
CA VAL A 87 -9.01 -4.49 -0.68
C VAL A 87 -10.38 -5.15 -0.79
N ILE A 88 -10.41 -6.45 -0.52
CA ILE A 88 -11.66 -7.21 -0.59
C ILE A 88 -12.21 -7.49 0.80
N VAL A 89 -13.44 -7.03 1.05
CA VAL A 89 -14.07 -7.22 2.35
C VAL A 89 -15.45 -7.86 2.20
N LYS A 90 -15.79 -8.76 3.12
CA LYS A 90 -17.07 -9.44 3.09
C LYS A 90 -17.72 -9.45 4.47
N MET A 1 31.02 -5.13 -15.13
CA MET A 1 30.98 -6.59 -14.87
C MET A 1 32.33 -7.10 -14.40
N ALA A 2 33.36 -6.28 -14.57
CA ALA A 2 34.71 -6.65 -14.16
C ALA A 2 35.31 -5.60 -13.24
N HIS A 3 34.49 -4.64 -12.82
CA HIS A 3 34.93 -3.58 -11.93
C HIS A 3 34.00 -3.45 -10.73
N HIS A 4 32.73 -3.73 -10.95
CA HIS A 4 31.73 -3.64 -9.87
C HIS A 4 30.57 -4.60 -10.14
N HIS A 5 30.00 -5.12 -9.06
CA HIS A 5 28.88 -6.05 -9.18
C HIS A 5 28.13 -6.18 -7.85
N HIS A 6 28.56 -5.39 -6.87
CA HIS A 6 27.92 -5.41 -5.55
C HIS A 6 27.82 -4.01 -4.96
N HIS A 7 26.75 -3.77 -4.21
CA HIS A 7 26.53 -2.46 -3.58
C HIS A 7 25.94 -2.63 -2.19
N HIS A 8 26.78 -2.39 -1.18
CA HIS A 8 26.35 -2.49 0.21
C HIS A 8 26.57 -1.19 0.95
N VAL A 9 25.57 -0.78 1.74
CA VAL A 9 25.65 0.47 2.50
C VAL A 9 24.68 0.47 3.67
N ASP A 10 23.65 -0.39 3.59
CA ASP A 10 22.64 -0.48 4.63
C ASP A 10 21.96 0.86 4.86
N ASP A 11 21.34 1.03 6.03
CA ASP A 11 20.65 2.26 6.37
C ASP A 11 19.53 2.55 5.37
N ASP A 12 19.11 3.81 5.31
CA ASP A 12 18.04 4.22 4.41
C ASP A 12 18.39 3.90 2.96
N ASP A 13 17.46 4.19 2.06
CA ASP A 13 17.65 3.93 0.63
C ASP A 13 17.86 2.45 0.37
N LYS A 14 16.81 1.77 -0.09
CA LYS A 14 16.88 0.35 -0.38
C LYS A 14 17.88 0.07 -1.50
N MET A 15 18.69 -0.97 -1.33
CA MET A 15 19.69 -1.33 -2.33
C MET A 15 19.20 -2.48 -3.20
N GLY A 16 18.19 -3.20 -2.69
CA GLY A 16 17.64 -4.32 -3.44
C GLY A 16 17.87 -5.65 -2.75
N THR A 17 18.19 -6.67 -3.53
CA THR A 17 18.45 -8.01 -3.00
C THR A 17 17.34 -8.44 -2.03
N SER A 18 16.25 -8.96 -2.58
CA SER A 18 15.12 -9.40 -1.76
C SER A 18 14.39 -10.57 -2.43
N ILE A 19 13.15 -10.80 -2.00
CA ILE A 19 12.35 -11.89 -2.57
C ILE A 19 12.33 -11.84 -4.08
N ALA A 20 12.46 -10.65 -4.65
CA ALA A 20 12.47 -10.47 -6.09
C ALA A 20 13.23 -9.21 -6.48
N ASP A 21 14.07 -8.73 -5.57
CA ASP A 21 14.87 -7.52 -5.80
C ASP A 21 13.98 -6.30 -5.98
N VAL A 22 14.42 -5.18 -5.41
CA VAL A 22 13.68 -3.92 -5.50
C VAL A 22 12.24 -4.11 -5.02
N ALA A 23 12.08 -4.97 -4.02
CA ALA A 23 10.75 -5.25 -3.46
C ALA A 23 10.81 -5.27 -1.94
N ASN A 24 11.79 -4.58 -1.38
CA ASN A 24 11.95 -4.52 0.08
C ASN A 24 11.80 -3.08 0.58
N ASP A 25 11.43 -2.95 1.84
CA ASP A 25 11.23 -1.64 2.45
C ASP A 25 10.21 -0.82 1.66
N LYS A 26 8.94 -1.18 1.79
CA LYS A 26 7.88 -0.47 1.08
C LYS A 26 7.64 0.91 1.69
N PRO A 27 7.40 1.93 0.84
CA PRO A 27 7.18 3.30 1.30
C PRO A 27 5.74 3.54 1.74
N TYR A 28 4.89 2.52 1.60
CA TYR A 28 3.48 2.64 1.99
C TYR A 28 3.13 1.62 3.07
N THR A 29 2.00 1.84 3.73
CA THR A 29 1.54 0.94 4.78
C THR A 29 0.03 0.81 4.77
N VAL A 30 -0.46 -0.39 4.45
CA VAL A 30 -1.91 -0.64 4.41
C VAL A 30 -2.40 -1.25 5.69
N ALA A 31 -3.63 -0.91 6.07
CA ALA A 31 -4.24 -1.44 7.29
C ALA A 31 -5.76 -1.33 7.24
N VAL A 32 -6.43 -2.48 7.22
CA VAL A 32 -7.88 -2.52 7.17
C VAL A 32 -8.48 -2.81 8.54
N SER A 33 -9.39 -1.95 8.97
CA SER A 33 -10.04 -2.11 10.26
C SER A 33 -11.55 -2.34 10.09
N GLY A 34 -11.95 -3.60 9.97
CA GLY A 34 -13.35 -3.92 9.80
C GLY A 34 -13.90 -3.39 8.49
N LYS A 35 -14.51 -2.20 8.55
CA LYS A 35 -15.09 -1.57 7.37
C LYS A 35 -14.44 -0.21 7.10
N THR A 36 -13.18 -0.07 7.51
CA THR A 36 -12.46 1.18 7.33
C THR A 36 -11.12 0.95 6.62
N ILE A 37 -10.98 1.53 5.43
CA ILE A 37 -9.75 1.38 4.66
C ILE A 37 -8.78 2.52 4.98
N THR A 38 -7.65 2.16 5.58
CA THR A 38 -6.64 3.15 5.94
C THR A 38 -5.28 2.80 5.36
N VAL A 39 -4.74 3.69 4.53
CA VAL A 39 -3.44 3.47 3.90
C VAL A 39 -2.65 4.78 3.83
N GLU A 40 -1.38 4.71 4.25
CA GLU A 40 -0.52 5.88 4.24
C GLU A 40 0.62 5.72 3.25
N SER A 41 1.09 6.85 2.70
CA SER A 41 2.18 6.83 1.74
C SER A 41 2.67 8.26 1.46
N PRO A 42 3.73 8.70 2.18
CA PRO A 42 4.27 10.05 2.02
C PRO A 42 4.54 10.40 0.56
N ALA A 43 3.96 11.51 0.11
CA ALA A 43 4.13 11.98 -1.27
C ALA A 43 3.72 10.89 -2.26
N ALA A 44 2.42 10.65 -2.38
CA ALA A 44 1.92 9.64 -3.31
C ALA A 44 0.45 9.88 -3.65
N GLY A 45 0.11 9.69 -4.92
CA GLY A 45 -1.26 9.88 -5.36
C GLY A 45 -2.09 8.62 -5.20
N LEU A 46 -2.91 8.58 -4.16
CA LEU A 46 -3.75 7.42 -3.89
C LEU A 46 -5.13 7.59 -4.50
N THR A 47 -5.67 6.51 -5.05
CA THR A 47 -7.00 6.52 -5.65
C THR A 47 -7.66 5.14 -5.54
N ILE A 48 -8.71 5.07 -4.73
CA ILE A 48 -9.43 3.82 -4.54
C ILE A 48 -10.50 3.61 -5.60
N PHE A 49 -10.64 2.37 -6.06
CA PHE A 49 -11.62 2.03 -7.08
C PHE A 49 -12.61 0.99 -6.55
N ASP A 50 -13.89 1.26 -6.75
CA ASP A 50 -14.94 0.35 -6.28
C ASP A 50 -15.10 -0.83 -7.23
N MET A 51 -16.12 -1.65 -6.98
CA MET A 51 -16.38 -2.84 -7.81
C MET A 51 -16.58 -2.45 -9.27
N ASN A 52 -17.31 -1.36 -9.51
CA ASN A 52 -17.57 -0.91 -10.86
C ASN A 52 -16.28 -0.42 -11.53
N GLY A 53 -15.39 0.15 -10.73
CA GLY A 53 -14.14 0.64 -11.26
C GLY A 53 -14.03 2.15 -11.18
N ARG A 54 -15.07 2.80 -10.66
CA ARG A 54 -15.08 4.25 -10.52
C ARG A 54 -14.28 4.70 -9.31
N ARG A 55 -13.99 5.99 -9.24
CA ARG A 55 -13.22 6.55 -8.13
C ARG A 55 -14.13 6.83 -6.93
N VAL A 56 -14.08 5.94 -5.95
CA VAL A 56 -14.90 6.08 -4.74
C VAL A 56 -14.24 7.01 -3.73
N ALA A 57 -12.91 7.03 -3.73
CA ALA A 57 -12.16 7.88 -2.81
C ALA A 57 -10.86 8.38 -3.43
N THR A 58 -10.52 9.63 -3.17
CA THR A 58 -9.30 10.23 -3.71
C THR A 58 -8.64 11.13 -2.67
N ALA A 59 -7.39 10.82 -2.33
CA ALA A 59 -6.64 11.59 -1.36
C ALA A 59 -5.13 11.37 -1.52
N LYS A 60 -4.35 12.35 -1.09
CA LYS A 60 -2.90 12.25 -1.18
C LYS A 60 -2.28 11.99 0.20
N ASN A 61 -1.07 11.44 0.19
CA ASN A 61 -0.36 11.12 1.43
C ASN A 61 -1.16 10.15 2.30
N ARG A 62 -2.02 10.70 3.15
CA ARG A 62 -2.86 9.88 4.02
C ARG A 62 -4.28 9.83 3.49
N MET A 63 -4.90 8.65 3.55
CA MET A 63 -6.26 8.47 3.06
C MET A 63 -7.05 7.54 3.97
N VAL A 64 -8.27 7.97 4.32
CA VAL A 64 -9.14 7.18 5.19
C VAL A 64 -10.59 7.27 4.71
N PHE A 65 -11.22 6.11 4.54
CA PHE A 65 -12.61 6.06 4.09
C PHE A 65 -13.31 4.81 4.60
N GLU A 66 -14.60 4.93 4.88
CA GLU A 66 -15.39 3.80 5.38
C GLU A 66 -16.05 3.06 4.23
N ALA A 67 -15.51 1.90 3.90
CA ALA A 67 -16.05 1.08 2.82
C ALA A 67 -16.82 -0.12 3.36
N GLN A 68 -17.84 -0.54 2.62
CA GLN A 68 -18.66 -1.68 3.02
C GLN A 68 -18.22 -2.94 2.29
N ASN A 69 -19.01 -4.01 2.44
CA ASN A 69 -18.71 -5.29 1.79
C ASN A 69 -18.54 -5.11 0.29
N GLY A 70 -17.44 -5.64 -0.25
CA GLY A 70 -17.18 -5.52 -1.67
C GLY A 70 -15.70 -5.54 -1.99
N VAL A 71 -15.38 -5.56 -3.29
CA VAL A 71 -13.99 -5.58 -3.73
C VAL A 71 -13.52 -4.18 -4.15
N TYR A 72 -12.32 -3.82 -3.72
CA TYR A 72 -11.76 -2.52 -4.06
C TYR A 72 -10.32 -2.66 -4.56
N ALA A 73 -9.75 -1.54 -5.00
CA ALA A 73 -8.39 -1.53 -5.51
C ALA A 73 -7.73 -0.17 -5.27
N VAL A 74 -6.85 -0.12 -4.27
CA VAL A 74 -6.16 1.13 -3.94
C VAL A 74 -4.93 1.32 -4.82
N ARG A 75 -4.93 2.40 -5.60
CA ARG A 75 -3.82 2.70 -6.49
C ARG A 75 -2.84 3.68 -5.84
N ILE A 76 -1.71 3.16 -5.36
CA ILE A 76 -0.70 3.98 -4.72
C ILE A 76 0.39 4.37 -5.72
N ALA A 77 0.30 5.59 -6.25
CA ALA A 77 1.28 6.07 -7.22
C ALA A 77 2.39 6.85 -6.53
N THR A 78 3.53 6.20 -6.32
CA THR A 78 4.66 6.83 -5.67
C THR A 78 5.62 7.42 -6.70
N GLU A 79 6.48 8.32 -6.25
CA GLU A 79 7.45 8.96 -7.13
C GLU A 79 8.49 7.96 -7.63
N GLY A 80 8.14 7.25 -8.70
CA GLY A 80 9.03 6.25 -9.26
C GLY A 80 8.29 5.06 -9.81
N LYS A 81 7.45 4.46 -8.97
CA LYS A 81 6.66 3.30 -9.36
C LYS A 81 5.21 3.46 -8.93
N THR A 82 4.31 2.83 -9.69
CA THR A 82 2.88 2.91 -9.39
C THR A 82 2.32 1.54 -8.99
N TYR A 83 2.17 1.33 -7.69
CA TYR A 83 1.65 0.05 -7.18
C TYR A 83 0.12 0.06 -7.16
N THR A 84 -0.47 -1.12 -7.14
CA THR A 84 -1.93 -1.25 -7.12
C THR A 84 -2.37 -2.42 -6.27
N GLU A 85 -2.86 -2.13 -5.06
CA GLU A 85 -3.33 -3.18 -4.15
C GLU A 85 -4.85 -3.30 -4.21
N LYS A 86 -5.37 -4.37 -3.64
CA LYS A 86 -6.82 -4.60 -3.62
C LYS A 86 -7.31 -4.82 -2.19
N VAL A 87 -8.43 -4.20 -1.85
CA VAL A 87 -8.99 -4.33 -0.51
C VAL A 87 -10.23 -5.22 -0.52
N ILE A 88 -10.05 -6.47 -0.09
CA ILE A 88 -11.15 -7.42 -0.04
C ILE A 88 -11.76 -7.49 1.36
N VAL A 89 -13.01 -7.06 1.48
CA VAL A 89 -13.70 -7.06 2.77
C VAL A 89 -15.01 -7.85 2.69
N LYS A 90 -15.18 -8.77 3.63
CA LYS A 90 -16.39 -9.60 3.67
C LYS A 90 -16.92 -9.70 5.10
N MET A 1 29.20 -0.46 21.40
CA MET A 1 29.35 -1.80 22.01
C MET A 1 28.09 -2.63 21.85
N ALA A 2 26.97 -1.96 21.63
CA ALA A 2 25.68 -2.64 21.45
C ALA A 2 24.94 -2.10 20.23
N HIS A 3 24.61 -0.81 20.27
CA HIS A 3 23.90 -0.17 19.17
C HIS A 3 24.80 0.81 18.42
N HIS A 4 26.09 0.77 18.75
CA HIS A 4 27.06 1.65 18.11
C HIS A 4 27.91 0.89 17.09
N HIS A 5 27.38 0.71 15.89
CA HIS A 5 28.08 -0.01 14.84
C HIS A 5 27.62 0.45 13.45
N HIS A 6 27.26 1.72 13.34
CA HIS A 6 26.80 2.28 12.08
C HIS A 6 27.98 2.73 11.21
N HIS A 7 28.17 2.04 10.09
CA HIS A 7 29.27 2.37 9.18
C HIS A 7 29.06 1.71 7.81
N HIS A 8 28.89 0.39 7.81
CA HIS A 8 28.69 -0.35 6.57
C HIS A 8 27.23 -0.26 6.12
N VAL A 9 26.32 -0.70 6.98
CA VAL A 9 24.90 -0.67 6.67
C VAL A 9 24.11 0.07 7.74
N ASP A 10 22.79 0.04 7.63
CA ASP A 10 21.91 0.70 8.60
C ASP A 10 20.60 -0.05 8.76
N ASP A 11 20.34 -0.52 9.97
CA ASP A 11 19.11 -1.26 10.25
C ASP A 11 17.99 -0.30 10.67
N ASP A 12 17.40 0.37 9.70
CA ASP A 12 16.32 1.32 9.95
C ASP A 12 15.63 1.74 8.66
N ASP A 13 16.42 2.26 7.72
CA ASP A 13 15.89 2.68 6.44
C ASP A 13 16.89 2.44 5.32
N LYS A 14 16.39 2.02 4.16
CA LYS A 14 17.25 1.74 3.02
C LYS A 14 18.33 0.73 3.37
N MET A 15 17.92 -0.36 4.03
CA MET A 15 18.84 -1.41 4.43
C MET A 15 19.08 -2.39 3.29
N GLY A 16 20.30 -2.38 2.77
CA GLY A 16 20.64 -3.26 1.67
C GLY A 16 20.89 -4.69 2.12
N THR A 17 21.03 -5.61 1.17
CA THR A 17 21.27 -7.01 1.45
C THR A 17 20.16 -7.58 2.35
N SER A 18 18.97 -7.71 1.79
CA SER A 18 17.82 -8.24 2.51
C SER A 18 16.63 -8.42 1.58
N ILE A 19 16.41 -9.65 1.15
CA ILE A 19 15.30 -9.97 0.24
C ILE A 19 15.51 -9.31 -1.13
N ALA A 20 15.22 -8.02 -1.21
CA ALA A 20 15.38 -7.27 -2.46
C ALA A 20 16.34 -6.09 -2.28
N ASP A 21 17.56 -6.27 -2.74
CA ASP A 21 18.58 -5.22 -2.63
C ASP A 21 18.20 -3.99 -3.46
N VAL A 22 17.35 -4.19 -4.47
CA VAL A 22 16.93 -3.10 -5.33
C VAL A 22 15.56 -2.56 -4.89
N ALA A 23 15.14 -2.99 -3.70
CA ALA A 23 13.85 -2.56 -3.16
C ALA A 23 13.79 -2.85 -1.66
N ASN A 24 14.03 -1.82 -0.85
CA ASN A 24 14.00 -1.97 0.60
C ASN A 24 13.15 -0.88 1.23
N ASP A 25 12.51 -1.21 2.36
CA ASP A 25 11.66 -0.26 3.07
C ASP A 25 10.56 0.27 2.16
N LYS A 26 9.45 -0.46 2.10
CA LYS A 26 8.31 -0.07 1.27
C LYS A 26 7.87 1.36 1.58
N PRO A 27 7.65 2.19 0.53
CA PRO A 27 7.23 3.57 0.72
C PRO A 27 5.74 3.71 0.99
N TYR A 28 5.07 2.58 1.20
CA TYR A 28 3.64 2.58 1.48
C TYR A 28 3.30 1.59 2.58
N THR A 29 2.14 1.79 3.21
CA THR A 29 1.69 0.90 4.28
C THR A 29 0.18 0.73 4.23
N VAL A 30 -0.26 -0.39 3.66
CA VAL A 30 -1.69 -0.68 3.55
C VAL A 30 -2.18 -1.50 4.74
N ALA A 31 -3.30 -1.07 5.33
CA ALA A 31 -3.86 -1.77 6.48
C ALA A 31 -5.38 -1.58 6.53
N VAL A 32 -6.10 -2.70 6.58
CA VAL A 32 -7.55 -2.67 6.63
C VAL A 32 -8.06 -2.90 8.05
N SER A 33 -9.01 -2.08 8.48
CA SER A 33 -9.56 -2.20 9.82
C SER A 33 -11.08 -2.36 9.77
N GLY A 34 -11.53 -3.61 9.71
CA GLY A 34 -12.96 -3.88 9.66
C GLY A 34 -13.61 -3.36 8.39
N LYS A 35 -14.22 -2.18 8.49
CA LYS A 35 -14.89 -1.57 7.36
C LYS A 35 -14.25 -0.23 6.99
N THR A 36 -12.96 -0.10 7.28
CA THR A 36 -12.23 1.14 6.99
C THR A 36 -10.93 0.85 6.26
N ILE A 37 -10.70 1.58 5.16
CA ILE A 37 -9.49 1.41 4.38
C ILE A 37 -8.45 2.48 4.75
N THR A 38 -7.49 2.09 5.57
CA THR A 38 -6.44 3.01 6.01
C THR A 38 -5.13 2.75 5.27
N VAL A 39 -4.69 3.74 4.50
CA VAL A 39 -3.45 3.64 3.74
C VAL A 39 -2.61 4.89 3.89
N GLU A 40 -1.30 4.73 4.05
CA GLU A 40 -0.40 5.86 4.20
C GLU A 40 0.80 5.74 3.28
N SER A 41 1.18 6.85 2.66
CA SER A 41 2.32 6.87 1.74
C SER A 41 2.78 8.31 1.49
N PRO A 42 3.84 8.76 2.19
CA PRO A 42 4.38 10.12 2.03
C PRO A 42 4.59 10.50 0.57
N ALA A 43 3.96 11.61 0.16
CA ALA A 43 4.08 12.10 -1.20
C ALA A 43 3.68 11.03 -2.22
N ALA A 44 2.40 10.66 -2.20
CA ALA A 44 1.89 9.64 -3.10
C ALA A 44 0.41 9.87 -3.39
N GLY A 45 0.01 9.63 -4.64
CA GLY A 45 -1.38 9.81 -5.02
C GLY A 45 -2.21 8.55 -4.82
N LEU A 46 -2.96 8.51 -3.73
CA LEU A 46 -3.81 7.37 -3.42
C LEU A 46 -5.19 7.52 -4.07
N THR A 47 -5.67 6.46 -4.69
CA THR A 47 -6.97 6.47 -5.34
C THR A 47 -7.64 5.10 -5.29
N ILE A 48 -8.73 5.01 -4.54
CA ILE A 48 -9.46 3.74 -4.41
C ILE A 48 -10.48 3.59 -5.53
N PHE A 49 -10.64 2.37 -6.02
CA PHE A 49 -11.59 2.08 -7.08
C PHE A 49 -12.65 1.07 -6.61
N ASP A 50 -13.91 1.48 -6.66
CA ASP A 50 -15.00 0.61 -6.24
C ASP A 50 -15.13 -0.61 -7.15
N MET A 51 -16.13 -1.44 -6.88
CA MET A 51 -16.35 -2.65 -7.67
C MET A 51 -16.48 -2.32 -9.16
N ASN A 52 -17.20 -1.25 -9.47
CA ASN A 52 -17.41 -0.84 -10.85
C ASN A 52 -16.09 -0.42 -11.50
N GLY A 53 -15.19 0.12 -10.70
CA GLY A 53 -13.90 0.55 -11.20
C GLY A 53 -13.74 2.06 -11.20
N ARG A 54 -14.77 2.76 -10.73
CA ARG A 54 -14.75 4.21 -10.66
C ARG A 54 -14.09 4.69 -9.37
N ARG A 55 -13.53 5.90 -9.41
CA ARG A 55 -12.88 6.47 -8.23
C ARG A 55 -13.90 6.78 -7.14
N VAL A 56 -13.76 6.11 -5.99
CA VAL A 56 -14.66 6.32 -4.88
C VAL A 56 -14.04 7.22 -3.81
N ALA A 57 -12.71 7.23 -3.76
CA ALA A 57 -11.99 8.04 -2.78
C ALA A 57 -10.64 8.49 -3.33
N THR A 58 -10.34 9.78 -3.19
CA THR A 58 -9.08 10.33 -3.68
C THR A 58 -8.45 11.26 -2.64
N ALA A 59 -7.26 10.90 -2.19
CA ALA A 59 -6.55 11.71 -1.20
C ALA A 59 -5.04 11.48 -1.28
N LYS A 60 -4.27 12.53 -0.99
CA LYS A 60 -2.82 12.45 -1.04
C LYS A 60 -2.25 12.21 0.35
N ASN A 61 -1.06 11.61 0.40
CA ASN A 61 -0.39 11.31 1.67
C ASN A 61 -1.23 10.35 2.52
N ARG A 62 -2.14 10.91 3.30
CA ARG A 62 -3.01 10.11 4.16
C ARG A 62 -4.40 9.96 3.54
N MET A 63 -4.98 8.77 3.67
CA MET A 63 -6.30 8.50 3.12
C MET A 63 -7.14 7.66 4.07
N VAL A 64 -8.36 8.11 4.33
CA VAL A 64 -9.28 7.40 5.21
C VAL A 64 -10.69 7.39 4.63
N PHE A 65 -11.24 6.19 4.46
CA PHE A 65 -12.59 6.04 3.90
C PHE A 65 -13.27 4.80 4.47
N GLU A 66 -14.57 4.91 4.72
CA GLU A 66 -15.34 3.79 5.24
C GLU A 66 -15.99 2.99 4.13
N ALA A 67 -15.42 1.81 3.86
CA ALA A 67 -15.94 0.94 2.79
C ALA A 67 -16.85 -0.14 3.36
N GLN A 68 -17.84 -0.53 2.57
CA GLN A 68 -18.79 -1.56 2.97
C GLN A 68 -18.49 -2.88 2.28
N ASN A 69 -19.41 -3.83 2.38
CA ASN A 69 -19.24 -5.13 1.74
C ASN A 69 -18.97 -4.99 0.25
N GLY A 70 -17.98 -5.74 -0.23
CA GLY A 70 -17.64 -5.67 -1.64
C GLY A 70 -16.14 -5.72 -1.87
N VAL A 71 -15.74 -5.61 -3.14
CA VAL A 71 -14.32 -5.63 -3.49
C VAL A 71 -13.84 -4.25 -3.93
N TYR A 72 -12.62 -3.91 -3.54
CA TYR A 72 -12.04 -2.62 -3.89
C TYR A 72 -10.62 -2.77 -4.43
N ALA A 73 -10.04 -1.66 -4.88
CA ALA A 73 -8.69 -1.66 -5.43
C ALA A 73 -7.98 -0.34 -5.14
N VAL A 74 -7.07 -0.37 -4.17
CA VAL A 74 -6.31 0.82 -3.79
C VAL A 74 -5.11 1.02 -4.70
N ARG A 75 -5.00 2.22 -5.27
CA ARG A 75 -3.90 2.54 -6.18
C ARG A 75 -2.92 3.52 -5.52
N ILE A 76 -1.74 3.02 -5.18
CA ILE A 76 -0.71 3.84 -4.54
C ILE A 76 0.32 4.30 -5.57
N ALA A 77 0.24 5.56 -5.97
CA ALA A 77 1.16 6.11 -6.95
C ALA A 77 2.31 6.84 -6.27
N THR A 78 3.52 6.29 -6.39
CA THR A 78 4.70 6.89 -5.79
C THR A 78 5.55 7.59 -6.83
N GLU A 79 6.66 8.19 -6.39
CA GLU A 79 7.56 8.91 -7.28
C GLU A 79 7.80 8.15 -8.59
N GLY A 80 7.95 6.84 -8.50
CA GLY A 80 8.19 6.05 -9.70
C GLY A 80 7.78 4.59 -9.55
N LYS A 81 6.88 4.34 -8.60
CA LYS A 81 6.41 2.98 -8.36
C LYS A 81 4.92 2.96 -8.04
N THR A 82 4.10 2.67 -9.05
CA THR A 82 2.65 2.63 -8.87
C THR A 82 2.18 1.22 -8.52
N TYR A 83 1.90 1.01 -7.24
CA TYR A 83 1.44 -0.29 -6.76
C TYR A 83 -0.08 -0.38 -6.82
N THR A 84 -0.60 -1.60 -6.75
CA THR A 84 -2.05 -1.82 -6.80
C THR A 84 -2.45 -3.00 -5.92
N GLU A 85 -3.09 -2.69 -4.79
CA GLU A 85 -3.54 -3.71 -3.86
C GLU A 85 -5.05 -3.66 -3.68
N LYS A 86 -5.72 -4.78 -3.97
CA LYS A 86 -7.17 -4.86 -3.85
C LYS A 86 -7.57 -5.14 -2.41
N VAL A 87 -8.72 -4.60 -2.00
CA VAL A 87 -9.22 -4.80 -0.64
C VAL A 87 -10.57 -5.50 -0.64
N ILE A 88 -10.58 -6.75 -0.21
CA ILE A 88 -11.80 -7.54 -0.15
C ILE A 88 -12.36 -7.58 1.27
N VAL A 89 -13.68 -7.38 1.40
CA VAL A 89 -14.33 -7.40 2.70
C VAL A 89 -15.65 -8.16 2.66
N LYS A 90 -15.84 -9.06 3.61
CA LYS A 90 -17.06 -9.86 3.69
C LYS A 90 -17.56 -9.95 5.13
N MET A 1 29.45 -20.52 2.72
CA MET A 1 29.25 -19.16 3.30
C MET A 1 30.23 -18.16 2.70
N ALA A 2 30.72 -18.46 1.50
CA ALA A 2 31.66 -17.58 0.83
C ALA A 2 31.64 -17.80 -0.69
N HIS A 3 31.31 -16.74 -1.43
CA HIS A 3 31.25 -16.82 -2.89
C HIS A 3 32.64 -16.67 -3.48
N HIS A 4 32.71 -16.56 -4.81
CA HIS A 4 33.98 -16.42 -5.50
C HIS A 4 34.72 -15.17 -5.00
N HIS A 5 34.07 -14.02 -5.09
CA HIS A 5 34.66 -12.76 -4.65
C HIS A 5 33.61 -11.64 -4.69
N HIS A 6 32.81 -11.63 -5.75
CA HIS A 6 31.78 -10.62 -5.91
C HIS A 6 30.45 -11.09 -5.31
N HIS A 7 29.76 -10.18 -4.62
CA HIS A 7 28.48 -10.49 -3.99
C HIS A 7 27.41 -9.51 -4.44
N HIS A 8 26.16 -9.86 -4.17
CA HIS A 8 25.03 -9.01 -4.55
C HIS A 8 23.80 -9.32 -3.70
N VAL A 9 23.48 -10.61 -3.58
CA VAL A 9 22.32 -11.04 -2.80
C VAL A 9 22.67 -11.15 -1.32
N ASP A 10 21.87 -10.48 -0.48
CA ASP A 10 22.07 -10.50 0.97
C ASP A 10 23.46 -9.98 1.33
N ASP A 11 23.52 -8.70 1.69
CA ASP A 11 24.79 -8.08 2.07
C ASP A 11 24.58 -6.98 3.10
N ASP A 12 23.43 -6.31 3.02
CA ASP A 12 23.10 -5.23 3.95
C ASP A 12 21.62 -4.85 3.85
N ASP A 13 20.79 -5.52 4.65
CA ASP A 13 19.35 -5.25 4.66
C ASP A 13 18.75 -5.41 3.28
N LYS A 14 17.47 -5.07 3.15
CA LYS A 14 16.76 -5.16 1.88
C LYS A 14 16.81 -6.58 1.32
N MET A 15 16.12 -7.50 2.00
CA MET A 15 16.08 -8.89 1.57
C MET A 15 15.00 -9.66 2.33
N GLY A 16 14.78 -9.26 3.58
CA GLY A 16 13.77 -9.92 4.40
C GLY A 16 14.34 -11.07 5.20
N THR A 17 14.00 -12.29 4.81
CA THR A 17 14.48 -13.49 5.49
C THR A 17 14.02 -13.51 6.94
N SER A 18 12.88 -14.14 7.20
CA SER A 18 12.33 -14.25 8.54
C SER A 18 12.05 -12.87 9.13
N ILE A 19 12.05 -11.85 8.28
CA ILE A 19 11.79 -10.48 8.72
C ILE A 19 10.77 -9.79 7.81
N ALA A 20 11.04 -9.81 6.50
CA ALA A 20 10.14 -9.20 5.54
C ALA A 20 10.40 -9.74 4.13
N ASP A 21 10.15 -11.03 3.94
CA ASP A 21 10.34 -11.67 2.65
C ASP A 21 9.39 -11.10 1.61
N VAL A 22 9.95 -10.67 0.48
CA VAL A 22 9.15 -10.11 -0.60
C VAL A 22 8.30 -8.95 -0.10
N ALA A 23 8.86 -8.16 0.81
CA ALA A 23 8.15 -7.02 1.38
C ALA A 23 9.10 -6.09 2.12
N ASN A 24 10.39 -6.46 2.15
CA ASN A 24 11.39 -5.66 2.82
C ASN A 24 11.50 -4.27 2.19
N ASP A 25 11.70 -3.26 3.05
CA ASP A 25 11.81 -1.88 2.58
C ASP A 25 10.54 -1.46 1.83
N LYS A 26 9.54 -1.01 2.58
CA LYS A 26 8.28 -0.58 1.99
C LYS A 26 8.05 0.92 2.23
N PRO A 27 7.80 1.69 1.15
CA PRO A 27 7.56 3.13 1.26
C PRO A 27 6.11 3.46 1.59
N TYR A 28 5.29 2.41 1.68
CA TYR A 28 3.86 2.59 1.99
C TYR A 28 3.41 1.60 3.06
N THR A 29 2.16 1.73 3.49
CA THR A 29 1.60 0.85 4.51
C THR A 29 0.10 0.67 4.31
N VAL A 30 -0.29 -0.49 3.80
CA VAL A 30 -1.69 -0.79 3.56
C VAL A 30 -2.28 -1.63 4.69
N ALA A 31 -3.29 -1.09 5.37
CA ALA A 31 -3.94 -1.78 6.47
C ALA A 31 -5.44 -1.58 6.44
N VAL A 32 -6.19 -2.60 6.86
CA VAL A 32 -7.64 -2.53 6.88
C VAL A 32 -8.19 -3.01 8.21
N SER A 33 -9.11 -2.22 8.79
CA SER A 33 -9.72 -2.56 10.07
C SER A 33 -11.23 -2.65 9.94
N GLY A 34 -11.74 -3.87 9.79
CA GLY A 34 -13.18 -4.06 9.66
C GLY A 34 -13.74 -3.43 8.41
N LYS A 35 -14.43 -2.30 8.58
CA LYS A 35 -15.02 -1.58 7.45
C LYS A 35 -14.30 -0.26 7.21
N THR A 36 -13.03 -0.22 7.56
CA THR A 36 -12.22 0.99 7.40
C THR A 36 -10.96 0.71 6.59
N ILE A 37 -10.72 1.52 5.57
CA ILE A 37 -9.55 1.36 4.73
C ILE A 37 -8.53 2.48 4.97
N THR A 38 -7.42 2.13 5.62
CA THR A 38 -6.38 3.11 5.91
C THR A 38 -5.11 2.83 5.10
N VAL A 39 -4.74 3.81 4.28
CA VAL A 39 -3.55 3.68 3.43
C VAL A 39 -2.65 4.90 3.58
N GLU A 40 -1.47 4.70 4.15
CA GLU A 40 -0.52 5.79 4.36
C GLU A 40 0.67 5.67 3.40
N SER A 41 1.06 6.80 2.83
CA SER A 41 2.18 6.84 1.90
C SER A 41 2.60 8.29 1.62
N PRO A 42 3.65 8.79 2.31
CA PRO A 42 4.15 10.15 2.14
C PRO A 42 4.43 10.48 0.68
N ALA A 43 3.89 11.61 0.22
CA ALA A 43 4.09 12.06 -1.16
C ALA A 43 3.69 10.97 -2.15
N ALA A 44 2.40 10.66 -2.21
CA ALA A 44 1.91 9.62 -3.11
C ALA A 44 0.46 9.88 -3.50
N GLY A 45 0.11 9.56 -4.75
CA GLY A 45 -1.24 9.75 -5.22
C GLY A 45 -2.11 8.53 -5.00
N LEU A 46 -2.92 8.55 -3.95
CA LEU A 46 -3.80 7.44 -3.64
C LEU A 46 -5.12 7.54 -4.39
N THR A 47 -5.63 6.41 -4.86
CA THR A 47 -6.88 6.37 -5.59
C THR A 47 -7.64 5.07 -5.29
N ILE A 48 -8.77 5.20 -4.61
CA ILE A 48 -9.57 4.04 -4.24
C ILE A 48 -10.64 3.76 -5.30
N PHE A 49 -10.61 2.55 -5.86
CA PHE A 49 -11.59 2.15 -6.86
C PHE A 49 -12.61 1.19 -6.26
N ASP A 50 -13.70 0.96 -6.99
CA ASP A 50 -14.75 0.06 -6.52
C ASP A 50 -14.98 -1.07 -7.53
N MET A 51 -15.99 -1.89 -7.27
CA MET A 51 -16.31 -3.00 -8.16
C MET A 51 -16.70 -2.50 -9.55
N ASN A 52 -17.36 -1.34 -9.59
CA ASN A 52 -17.78 -0.76 -10.86
C ASN A 52 -16.60 -0.14 -11.60
N GLY A 53 -15.61 0.32 -10.85
CA GLY A 53 -14.44 0.93 -11.46
C GLY A 53 -14.41 2.44 -11.29
N ARG A 54 -15.50 3.00 -10.79
CA ARG A 54 -15.60 4.44 -10.58
C ARG A 54 -14.81 4.87 -9.35
N ARG A 55 -14.16 6.02 -9.45
CA ARG A 55 -13.37 6.55 -8.34
C ARG A 55 -14.25 6.97 -7.18
N VAL A 56 -14.29 6.14 -6.14
CA VAL A 56 -15.11 6.43 -4.96
C VAL A 56 -14.45 7.47 -4.06
N ALA A 57 -13.12 7.59 -4.18
CA ALA A 57 -12.39 8.55 -3.38
C ALA A 57 -10.97 8.75 -3.91
N THR A 58 -10.46 9.98 -3.79
CA THR A 58 -9.12 10.30 -4.24
C THR A 58 -8.42 11.25 -3.26
N ALA A 59 -7.21 10.89 -2.85
CA ALA A 59 -6.45 11.70 -1.92
C ALA A 59 -4.95 11.37 -1.99
N LYS A 60 -4.15 12.10 -1.22
CA LYS A 60 -2.71 11.89 -1.19
C LYS A 60 -2.21 11.69 0.24
N ASN A 61 -0.95 11.29 0.38
CA ASN A 61 -0.34 11.07 1.69
C ASN A 61 -1.15 10.06 2.51
N ARG A 62 -2.09 10.56 3.30
CA ARG A 62 -2.92 9.71 4.14
C ARG A 62 -4.35 9.64 3.59
N MET A 63 -4.97 8.48 3.72
CA MET A 63 -6.33 8.29 3.24
C MET A 63 -7.14 7.38 4.16
N VAL A 64 -8.40 7.74 4.38
CA VAL A 64 -9.28 6.96 5.23
C VAL A 64 -10.73 7.04 4.71
N PHE A 65 -11.30 5.89 4.38
CA PHE A 65 -12.66 5.83 3.87
C PHE A 65 -13.40 4.62 4.41
N GLU A 66 -14.66 4.81 4.79
CA GLU A 66 -15.48 3.73 5.32
C GLU A 66 -16.19 2.99 4.21
N ALA A 67 -15.65 1.84 3.83
CA ALA A 67 -16.23 1.03 2.75
C ALA A 67 -16.93 -0.20 3.32
N GLN A 68 -17.99 -0.63 2.63
CA GLN A 68 -18.74 -1.80 3.06
C GLN A 68 -18.32 -3.03 2.27
N ASN A 69 -19.13 -4.08 2.33
CA ASN A 69 -18.83 -5.33 1.62
C ASN A 69 -18.58 -5.07 0.14
N GLY A 70 -17.50 -5.67 -0.37
CA GLY A 70 -17.17 -5.50 -1.78
C GLY A 70 -15.67 -5.53 -2.02
N VAL A 71 -15.26 -5.15 -3.21
CA VAL A 71 -13.84 -5.12 -3.58
C VAL A 71 -13.38 -3.70 -3.89
N TYR A 72 -12.31 -3.26 -3.23
CA TYR A 72 -11.76 -1.93 -3.44
C TYR A 72 -10.25 -1.98 -3.65
N ALA A 73 -9.82 -1.72 -4.88
CA ALA A 73 -8.41 -1.73 -5.21
C ALA A 73 -7.79 -0.34 -5.11
N VAL A 74 -6.99 -0.13 -4.08
CA VAL A 74 -6.33 1.15 -3.87
C VAL A 74 -5.04 1.24 -4.69
N ARG A 75 -4.79 2.41 -5.26
CA ARG A 75 -3.61 2.62 -6.08
C ARG A 75 -2.67 3.64 -5.44
N ILE A 76 -1.47 3.18 -5.08
CA ILE A 76 -0.47 4.06 -4.47
C ILE A 76 0.63 4.38 -5.47
N ALA A 77 0.56 5.56 -6.06
CA ALA A 77 1.55 5.99 -7.05
C ALA A 77 2.62 6.87 -6.41
N THR A 78 3.87 6.43 -6.51
CA THR A 78 4.99 7.19 -5.95
C THR A 78 5.79 7.86 -7.06
N GLU A 79 6.85 8.57 -6.66
CA GLU A 79 7.72 9.26 -7.62
C GLU A 79 7.99 8.42 -8.86
N GLY A 80 8.20 7.12 -8.67
CA GLY A 80 8.48 6.25 -9.80
C GLY A 80 8.14 4.80 -9.54
N LYS A 81 7.26 4.55 -8.56
CA LYS A 81 6.87 3.19 -8.21
C LYS A 81 5.38 3.11 -7.93
N THR A 82 4.61 2.69 -8.93
CA THR A 82 3.17 2.57 -8.77
C THR A 82 2.78 1.20 -8.21
N TYR A 83 1.79 1.19 -7.32
CA TYR A 83 1.33 -0.05 -6.71
C TYR A 83 -0.19 -0.14 -6.74
N THR A 84 -0.71 -1.37 -6.64
CA THR A 84 -2.15 -1.59 -6.65
C THR A 84 -2.54 -2.72 -5.73
N GLU A 85 -3.05 -2.38 -4.54
CA GLU A 85 -3.46 -3.37 -3.57
C GLU A 85 -4.98 -3.44 -3.48
N LYS A 86 -5.53 -4.63 -3.76
CA LYS A 86 -6.97 -4.83 -3.71
C LYS A 86 -7.42 -5.14 -2.29
N VAL A 87 -8.63 -4.71 -1.94
CA VAL A 87 -9.17 -4.94 -0.61
C VAL A 87 -10.37 -5.88 -0.66
N ILE A 88 -10.32 -6.92 0.18
CA ILE A 88 -11.39 -7.91 0.23
C ILE A 88 -12.11 -7.85 1.58
N VAL A 89 -13.27 -7.21 1.62
CA VAL A 89 -14.05 -7.09 2.84
C VAL A 89 -15.39 -7.80 2.72
N LYS A 90 -15.75 -8.57 3.74
CA LYS A 90 -17.00 -9.30 3.75
C LYS A 90 -17.59 -9.34 5.16
N MET A 1 9.59 -26.97 12.27
CA MET A 1 8.67 -27.51 13.31
C MET A 1 9.34 -27.53 14.68
N ALA A 2 10.52 -28.15 14.74
CA ALA A 2 11.27 -28.24 15.98
C ALA A 2 12.55 -27.40 15.91
N HIS A 3 12.64 -26.55 14.90
CA HIS A 3 13.81 -25.70 14.71
C HIS A 3 13.43 -24.22 14.84
N HIS A 4 14.10 -23.53 15.76
CA HIS A 4 13.84 -22.12 15.98
C HIS A 4 15.09 -21.28 15.73
N HIS A 5 15.90 -21.71 14.77
CA HIS A 5 17.13 -21.00 14.43
C HIS A 5 16.83 -19.76 13.59
N HIS A 6 16.73 -18.61 14.26
CA HIS A 6 16.45 -17.36 13.57
C HIS A 6 17.74 -16.60 13.27
N HIS A 7 17.61 -15.51 12.52
CA HIS A 7 18.76 -14.68 12.15
C HIS A 7 18.32 -13.34 11.59
N HIS A 8 19.22 -12.38 11.59
CA HIS A 8 18.93 -11.04 11.08
C HIS A 8 20.12 -10.50 10.28
N VAL A 9 21.04 -11.39 9.94
CA VAL A 9 22.23 -11.01 9.17
C VAL A 9 21.91 -10.87 7.69
N ASP A 10 21.63 -9.63 7.26
CA ASP A 10 21.31 -9.35 5.87
C ASP A 10 20.14 -10.22 5.40
N ASP A 11 18.92 -9.77 5.68
CA ASP A 11 17.73 -10.51 5.28
C ASP A 11 17.46 -10.33 3.78
N ASP A 12 17.27 -9.08 3.38
CA ASP A 12 16.99 -8.75 1.99
C ASP A 12 17.13 -7.26 1.73
N ASP A 13 16.64 -6.46 2.67
CA ASP A 13 16.71 -5.01 2.54
C ASP A 13 17.57 -4.39 3.65
N LYS A 14 17.01 -4.35 4.86
CA LYS A 14 17.73 -3.79 6.00
C LYS A 14 17.57 -4.67 7.24
N MET A 15 18.35 -4.36 8.27
CA MET A 15 18.31 -5.11 9.51
C MET A 15 17.33 -4.48 10.51
N GLY A 16 16.43 -3.64 9.99
CA GLY A 16 15.47 -2.98 10.84
C GLY A 16 15.90 -1.58 11.24
N THR A 17 15.28 -0.58 10.62
CA THR A 17 15.60 0.81 10.91
C THR A 17 14.35 1.68 10.86
N SER A 18 14.42 2.85 11.47
CA SER A 18 13.31 3.80 11.50
C SER A 18 12.02 3.10 11.94
N ILE A 19 10.87 3.61 11.48
CA ILE A 19 9.58 3.04 11.82
C ILE A 19 9.55 1.54 11.54
N ALA A 20 9.24 0.75 12.56
CA ALA A 20 9.17 -0.70 12.43
C ALA A 20 10.49 -1.27 11.94
N ASP A 21 10.52 -2.59 11.75
CA ASP A 21 11.71 -3.28 11.28
C ASP A 21 11.35 -4.43 10.36
N VAL A 22 10.09 -4.47 9.94
CA VAL A 22 9.59 -5.51 9.05
C VAL A 22 8.80 -4.92 7.89
N ALA A 23 8.96 -3.61 7.68
CA ALA A 23 8.26 -2.92 6.60
C ALA A 23 8.91 -1.56 6.32
N ASN A 24 10.21 -1.47 6.59
CA ASN A 24 10.95 -0.23 6.36
C ASN A 24 11.59 -0.21 4.98
N ASP A 25 10.94 -0.87 4.02
CA ASP A 25 11.46 -0.94 2.66
C ASP A 25 10.42 -0.43 1.66
N LYS A 26 9.16 -0.34 2.11
CA LYS A 26 8.07 0.14 1.26
C LYS A 26 7.61 1.52 1.70
N PRO A 27 7.37 2.43 0.74
CA PRO A 27 6.93 3.80 1.04
C PRO A 27 5.42 3.88 1.27
N TYR A 28 4.80 2.75 1.58
CA TYR A 28 3.37 2.71 1.84
C TYR A 28 3.04 1.66 2.90
N THR A 29 1.83 1.75 3.46
CA THR A 29 1.39 0.82 4.49
C THR A 29 -0.11 0.56 4.38
N VAL A 30 -0.46 -0.58 3.80
CA VAL A 30 -1.86 -0.95 3.63
C VAL A 30 -2.35 -1.80 4.80
N ALA A 31 -3.45 -1.37 5.41
CA ALA A 31 -4.02 -2.09 6.55
C ALA A 31 -5.52 -1.86 6.64
N VAL A 32 -6.29 -2.93 6.45
CA VAL A 32 -7.74 -2.85 6.51
C VAL A 32 -8.26 -3.14 7.92
N SER A 33 -9.12 -2.26 8.42
CA SER A 33 -9.68 -2.42 9.76
C SER A 33 -11.20 -2.55 9.70
N GLY A 34 -11.68 -3.79 9.57
CA GLY A 34 -13.11 -4.03 9.52
C GLY A 34 -13.76 -3.37 8.30
N LYS A 35 -14.33 -2.20 8.52
CA LYS A 35 -15.00 -1.47 7.44
C LYS A 35 -14.32 -0.11 7.21
N THR A 36 -13.02 -0.05 7.49
CA THR A 36 -12.26 1.17 7.30
C THR A 36 -10.95 0.91 6.56
N ILE A 37 -10.86 1.40 5.32
CA ILE A 37 -9.67 1.23 4.51
C ILE A 37 -8.60 2.24 4.88
N THR A 38 -7.63 1.83 5.69
CA THR A 38 -6.55 2.72 6.12
C THR A 38 -5.29 2.50 5.29
N VAL A 39 -4.98 3.48 4.45
CA VAL A 39 -3.79 3.42 3.60
C VAL A 39 -2.97 4.70 3.71
N GLU A 40 -1.67 4.55 3.90
CA GLU A 40 -0.78 5.70 4.03
C GLU A 40 0.42 5.59 3.09
N SER A 41 0.84 6.72 2.55
CA SER A 41 1.97 6.77 1.63
C SER A 41 2.40 8.22 1.38
N PRO A 42 3.26 8.78 2.27
CA PRO A 42 3.73 10.16 2.13
C PRO A 42 4.24 10.47 0.72
N ALA A 43 3.82 11.61 0.18
CA ALA A 43 4.22 12.03 -1.15
C ALA A 43 3.86 10.96 -2.18
N ALA A 44 2.57 10.70 -2.33
CA ALA A 44 2.09 9.71 -3.28
C ALA A 44 0.62 9.93 -3.60
N GLY A 45 0.24 9.62 -4.84
CA GLY A 45 -1.14 9.79 -5.26
C GLY A 45 -1.96 8.54 -5.04
N LEU A 46 -2.87 8.60 -4.07
CA LEU A 46 -3.73 7.45 -3.75
C LEU A 46 -5.10 7.60 -4.40
N THR A 47 -5.64 6.48 -4.89
CA THR A 47 -6.94 6.48 -5.53
C THR A 47 -7.65 5.14 -5.33
N ILE A 48 -8.78 5.17 -4.65
CA ILE A 48 -9.55 3.96 -4.38
C ILE A 48 -10.61 3.73 -5.45
N PHE A 49 -10.69 2.49 -5.93
CA PHE A 49 -11.67 2.12 -6.95
C PHE A 49 -12.63 1.07 -6.41
N ASP A 50 -13.93 1.33 -6.55
CA ASP A 50 -14.95 0.41 -6.09
C ASP A 50 -15.15 -0.73 -7.09
N MET A 51 -16.11 -1.60 -6.80
CA MET A 51 -16.39 -2.74 -7.68
C MET A 51 -16.69 -2.28 -9.10
N ASN A 52 -17.47 -1.22 -9.23
CA ASN A 52 -17.83 -0.69 -10.55
C ASN A 52 -16.60 -0.22 -11.31
N GLY A 53 -15.60 0.25 -10.57
CA GLY A 53 -14.37 0.73 -11.19
C GLY A 53 -14.29 2.25 -11.23
N ARG A 54 -15.30 2.90 -10.68
CA ARG A 54 -15.33 4.36 -10.65
C ARG A 54 -14.64 4.90 -9.39
N ARG A 55 -13.98 6.03 -9.53
CA ARG A 55 -13.26 6.64 -8.42
C ARG A 55 -14.22 6.97 -7.27
N VAL A 56 -14.22 6.13 -6.24
CA VAL A 56 -15.09 6.33 -5.09
C VAL A 56 -14.47 7.32 -4.11
N ALA A 57 -13.14 7.40 -4.10
CA ALA A 57 -12.43 8.31 -3.23
C ALA A 57 -11.03 8.60 -3.74
N THR A 58 -10.57 9.83 -3.55
CA THR A 58 -9.24 10.23 -4.00
C THR A 58 -8.56 11.13 -2.96
N ALA A 59 -7.31 10.82 -2.65
CA ALA A 59 -6.55 11.60 -1.68
C ALA A 59 -5.05 11.38 -1.85
N LYS A 60 -4.25 12.22 -1.18
CA LYS A 60 -2.80 12.12 -1.26
C LYS A 60 -2.19 11.94 0.12
N ASN A 61 -0.94 11.46 0.17
CA ASN A 61 -0.23 11.24 1.42
C ASN A 61 -1.00 10.26 2.30
N ARG A 62 -1.85 10.80 3.18
CA ARG A 62 -2.65 9.96 4.08
C ARG A 62 -4.08 9.88 3.58
N MET A 63 -4.64 8.69 3.55
CA MET A 63 -6.00 8.49 3.08
C MET A 63 -6.79 7.57 4.00
N VAL A 64 -8.01 7.98 4.34
CA VAL A 64 -8.87 7.19 5.20
C VAL A 64 -10.32 7.25 4.72
N PHE A 65 -10.89 6.09 4.42
CA PHE A 65 -12.27 6.02 3.93
C PHE A 65 -13.00 4.83 4.54
N GLU A 66 -14.33 4.94 4.64
CA GLU A 66 -15.15 3.88 5.20
C GLU A 66 -15.91 3.15 4.09
N ALA A 67 -15.56 1.87 3.88
CA ALA A 67 -16.21 1.07 2.85
C ALA A 67 -16.92 -0.14 3.46
N GLN A 68 -17.85 -0.70 2.71
CA GLN A 68 -18.61 -1.87 3.17
C GLN A 68 -18.26 -3.10 2.35
N ASN A 69 -19.04 -4.17 2.52
CA ASN A 69 -18.82 -5.42 1.80
C ASN A 69 -18.65 -5.17 0.30
N GLY A 70 -17.62 -5.76 -0.27
CA GLY A 70 -17.36 -5.60 -1.69
C GLY A 70 -15.88 -5.59 -2.02
N VAL A 71 -15.56 -5.70 -3.31
CA VAL A 71 -14.17 -5.69 -3.75
C VAL A 71 -13.70 -4.29 -4.09
N TYR A 72 -12.48 -3.95 -3.66
CA TYR A 72 -11.91 -2.63 -3.91
C TYR A 72 -10.48 -2.73 -4.40
N ALA A 73 -9.90 -1.58 -4.75
CA ALA A 73 -8.53 -1.52 -5.24
C ALA A 73 -7.87 -0.19 -4.87
N VAL A 74 -7.00 -0.22 -3.86
CA VAL A 74 -6.30 0.97 -3.41
C VAL A 74 -5.00 1.16 -4.18
N ARG A 75 -4.98 2.15 -5.07
CA ARG A 75 -3.78 2.43 -5.87
C ARG A 75 -2.86 3.38 -5.14
N ILE A 76 -1.55 3.13 -5.23
CA ILE A 76 -0.56 3.97 -4.57
C ILE A 76 0.56 4.34 -5.55
N ALA A 77 0.48 5.55 -6.08
CA ALA A 77 1.49 6.02 -7.03
C ALA A 77 2.60 6.78 -6.33
N THR A 78 3.77 6.15 -6.25
CA THR A 78 4.93 6.77 -5.60
C THR A 78 5.82 7.45 -6.63
N GLU A 79 6.81 8.19 -6.14
CA GLU A 79 7.75 8.90 -7.01
C GLU A 79 8.68 7.92 -7.72
N GLY A 80 8.21 7.35 -8.84
CA GLY A 80 9.02 6.42 -9.59
C GLY A 80 8.25 5.20 -10.04
N LYS A 81 7.52 4.59 -9.11
CA LYS A 81 6.74 3.39 -9.42
C LYS A 81 5.28 3.55 -9.00
N THR A 82 4.43 2.64 -9.45
CA THR A 82 3.02 2.67 -9.12
C THR A 82 2.54 1.32 -8.61
N TYR A 83 2.22 1.25 -7.32
CA TYR A 83 1.77 0.02 -6.70
C TYR A 83 0.24 -0.10 -6.80
N THR A 84 -0.26 -1.32 -6.59
CA THR A 84 -1.70 -1.56 -6.63
C THR A 84 -2.08 -2.71 -5.71
N GLU A 85 -2.77 -2.38 -4.62
CA GLU A 85 -3.22 -3.37 -3.65
C GLU A 85 -4.73 -3.35 -3.50
N LYS A 86 -5.38 -4.45 -3.83
CA LYS A 86 -6.83 -4.54 -3.73
C LYS A 86 -7.26 -4.87 -2.31
N VAL A 87 -8.40 -4.33 -1.90
CA VAL A 87 -8.91 -4.56 -0.56
C VAL A 87 -10.25 -5.28 -0.59
N ILE A 88 -10.29 -6.49 -0.03
CA ILE A 88 -11.52 -7.28 0.00
C ILE A 88 -12.08 -7.35 1.41
N VAL A 89 -13.37 -7.04 1.54
CA VAL A 89 -14.03 -7.07 2.85
C VAL A 89 -15.37 -7.80 2.76
N LYS A 90 -15.61 -8.71 3.70
CA LYS A 90 -16.84 -9.48 3.73
C LYS A 90 -17.59 -9.25 5.03
N MET A 1 14.60 6.42 -11.06
CA MET A 1 15.19 7.41 -12.00
C MET A 1 16.45 6.85 -12.65
N ALA A 2 16.92 7.53 -13.70
CA ALA A 2 18.11 7.10 -14.42
C ALA A 2 19.25 8.09 -14.21
N HIS A 3 19.03 9.06 -13.33
CA HIS A 3 20.04 10.07 -13.03
C HIS A 3 20.79 9.72 -11.75
N HIS A 4 22.01 9.21 -11.91
CA HIS A 4 22.84 8.84 -10.76
C HIS A 4 24.32 8.90 -11.12
N HIS A 5 25.17 8.89 -10.11
CA HIS A 5 26.62 8.94 -10.33
C HIS A 5 27.37 8.37 -9.14
N HIS A 6 26.79 8.49 -7.95
CA HIS A 6 27.41 7.98 -6.73
C HIS A 6 26.47 7.04 -5.98
N HIS A 7 25.17 7.16 -6.26
CA HIS A 7 24.17 6.32 -5.60
C HIS A 7 24.14 4.94 -6.24
N HIS A 8 24.21 3.91 -5.39
CA HIS A 8 24.18 2.53 -5.87
C HIS A 8 23.78 1.58 -4.74
N VAL A 9 24.64 1.48 -3.73
CA VAL A 9 24.38 0.61 -2.60
C VAL A 9 25.17 1.05 -1.36
N ASP A 10 24.52 1.01 -0.21
CA ASP A 10 25.16 1.40 1.04
C ASP A 10 24.45 0.79 2.24
N ASP A 11 24.80 1.24 3.44
CA ASP A 11 24.19 0.74 4.67
C ASP A 11 22.73 1.17 4.77
N ASP A 12 22.15 1.01 5.96
CA ASP A 12 20.76 1.38 6.21
C ASP A 12 19.81 0.54 5.36
N ASP A 13 18.55 0.46 5.80
CA ASP A 13 17.54 -0.30 5.08
C ASP A 13 16.85 0.55 4.03
N LYS A 14 17.53 0.76 2.90
CA LYS A 14 16.99 1.55 1.81
C LYS A 14 17.40 0.97 0.46
N MET A 15 18.67 0.55 0.37
CA MET A 15 19.19 -0.03 -0.86
C MET A 15 20.35 -0.96 -0.57
N GLY A 16 20.12 -2.26 -0.74
CA GLY A 16 21.17 -3.24 -0.49
C GLY A 16 20.89 -4.07 0.74
N THR A 17 19.93 -4.99 0.63
CA THR A 17 19.56 -5.85 1.75
C THR A 17 19.54 -7.31 1.33
N SER A 18 19.58 -8.20 2.32
CA SER A 18 19.57 -9.64 2.07
C SER A 18 18.14 -10.14 1.88
N ILE A 19 17.21 -9.21 1.75
CA ILE A 19 15.79 -9.57 1.57
C ILE A 19 15.18 -8.77 0.43
N ALA A 20 15.25 -9.33 -0.78
CA ALA A 20 14.70 -8.67 -1.96
C ALA A 20 15.35 -7.32 -2.19
N ASP A 21 16.49 -7.30 -2.89
CA ASP A 21 17.21 -6.07 -3.17
C ASP A 21 16.44 -5.20 -4.16
N VAL A 22 15.53 -5.82 -4.92
CA VAL A 22 14.74 -5.11 -5.91
C VAL A 22 13.32 -4.86 -5.40
N ALA A 23 13.13 -4.95 -4.09
CA ALA A 23 11.82 -4.73 -3.49
C ALA A 23 11.93 -4.58 -1.97
N ASN A 24 13.01 -3.96 -1.52
CA ASN A 24 13.23 -3.75 -0.10
C ASN A 24 12.74 -2.37 0.34
N ASP A 25 12.35 -2.27 1.61
CA ASP A 25 11.86 -1.02 2.17
C ASP A 25 10.68 -0.48 1.35
N LYS A 26 9.48 -0.95 1.69
CA LYS A 26 8.28 -0.53 0.99
C LYS A 26 7.97 0.95 1.27
N PRO A 27 7.69 1.74 0.22
CA PRO A 27 7.38 3.16 0.37
C PRO A 27 5.91 3.42 0.71
N TYR A 28 5.23 2.39 1.19
CA TYR A 28 3.82 2.52 1.55
C TYR A 28 3.45 1.53 2.66
N THR A 29 2.35 1.82 3.35
CA THR A 29 1.89 0.96 4.44
C THR A 29 0.37 0.89 4.47
N VAL A 30 -0.17 -0.30 4.26
CA VAL A 30 -1.62 -0.50 4.26
C VAL A 30 -2.07 -1.20 5.54
N ALA A 31 -3.26 -0.84 6.01
CA ALA A 31 -3.82 -1.43 7.22
C ALA A 31 -5.35 -1.31 7.23
N VAL A 32 -6.02 -2.44 7.09
CA VAL A 32 -7.47 -2.48 7.08
C VAL A 32 -8.02 -2.91 8.43
N SER A 33 -9.13 -2.30 8.85
CA SER A 33 -9.76 -2.63 10.12
C SER A 33 -11.27 -2.72 9.98
N GLY A 34 -11.76 -3.93 9.69
CA GLY A 34 -13.19 -4.14 9.54
C GLY A 34 -13.73 -3.49 8.28
N LYS A 35 -14.30 -2.30 8.44
CA LYS A 35 -14.87 -1.57 7.30
C LYS A 35 -14.18 -0.22 7.13
N THR A 36 -13.00 -0.08 7.73
CA THR A 36 -12.25 1.17 7.63
C THR A 36 -10.94 0.95 6.88
N ILE A 37 -10.83 1.58 5.71
CA ILE A 37 -9.64 1.47 4.88
C ILE A 37 -8.63 2.56 5.23
N THR A 38 -7.62 2.22 6.02
CA THR A 38 -6.60 3.17 6.43
C THR A 38 -5.28 2.88 5.73
N VAL A 39 -4.80 3.84 4.94
CA VAL A 39 -3.55 3.69 4.22
C VAL A 39 -2.69 4.95 4.34
N GLU A 40 -1.41 4.75 4.62
CA GLU A 40 -0.47 5.87 4.77
C GLU A 40 0.71 5.73 3.82
N SER A 41 0.93 6.76 3.01
CA SER A 41 2.02 6.76 2.05
C SER A 41 2.46 8.20 1.74
N PRO A 42 3.55 8.67 2.36
CA PRO A 42 4.05 10.04 2.16
C PRO A 42 4.40 10.32 0.70
N ALA A 43 3.90 11.43 0.19
CA ALA A 43 4.16 11.84 -1.19
C ALA A 43 3.76 10.75 -2.18
N ALA A 44 2.45 10.63 -2.41
CA ALA A 44 1.93 9.63 -3.35
C ALA A 44 0.46 9.88 -3.64
N GLY A 45 0.07 9.71 -4.91
CA GLY A 45 -1.31 9.90 -5.30
C GLY A 45 -2.17 8.69 -5.03
N LEU A 46 -3.02 8.77 -4.02
CA LEU A 46 -3.90 7.67 -3.66
C LEU A 46 -5.24 7.77 -4.38
N THR A 47 -5.72 6.63 -4.88
CA THR A 47 -6.99 6.57 -5.58
C THR A 47 -7.67 5.22 -5.37
N ILE A 48 -8.75 5.23 -4.60
CA ILE A 48 -9.48 4.00 -4.31
C ILE A 48 -10.60 3.77 -5.31
N PHE A 49 -10.73 2.51 -5.76
CA PHE A 49 -11.76 2.14 -6.71
C PHE A 49 -12.72 1.12 -6.11
N ASP A 50 -13.92 1.05 -6.66
CA ASP A 50 -14.94 0.12 -6.16
C ASP A 50 -15.17 -1.01 -7.16
N MET A 51 -16.22 -1.81 -6.91
CA MET A 51 -16.55 -2.93 -7.78
C MET A 51 -16.71 -2.48 -9.23
N ASN A 52 -17.54 -1.46 -9.45
CA ASN A 52 -17.78 -0.94 -10.78
C ASN A 52 -16.47 -0.47 -11.43
N GLY A 53 -15.52 -0.08 -10.60
CA GLY A 53 -14.24 0.39 -11.11
C GLY A 53 -14.13 1.90 -11.13
N ARG A 54 -15.16 2.57 -10.62
CA ARG A 54 -15.18 4.03 -10.58
C ARG A 54 -14.55 4.55 -9.29
N ARG A 55 -13.84 5.67 -9.40
CA ARG A 55 -13.18 6.27 -8.25
C ARG A 55 -14.18 6.58 -7.13
N VAL A 56 -14.10 5.82 -6.05
CA VAL A 56 -15.00 6.01 -4.91
C VAL A 56 -14.41 6.99 -3.90
N ALA A 57 -13.08 7.07 -3.88
CA ALA A 57 -12.39 7.97 -2.97
C ALA A 57 -11.08 8.47 -3.57
N THR A 58 -10.82 9.77 -3.46
CA THR A 58 -9.60 10.36 -3.99
C THR A 58 -8.92 11.25 -2.96
N ALA A 59 -7.65 10.98 -2.71
CA ALA A 59 -6.87 11.76 -1.74
C ALA A 59 -5.38 11.63 -2.01
N LYS A 60 -4.59 12.33 -1.21
CA LYS A 60 -3.14 12.32 -1.36
C LYS A 60 -2.46 12.08 -0.01
N ASN A 61 -1.28 11.45 -0.05
CA ASN A 61 -0.51 11.16 1.16
C ASN A 61 -1.25 10.19 2.08
N ARG A 62 -2.16 10.72 2.88
CA ARG A 62 -2.94 9.91 3.81
C ARG A 62 -4.43 9.95 3.47
N MET A 63 -5.10 8.81 3.63
CA MET A 63 -6.53 8.72 3.34
C MET A 63 -7.20 7.67 4.22
N VAL A 64 -8.45 7.94 4.58
CA VAL A 64 -9.22 7.02 5.42
C VAL A 64 -10.70 7.11 5.08
N PHE A 65 -11.23 6.07 4.45
CA PHE A 65 -12.65 6.03 4.07
C PHE A 65 -13.32 4.76 4.57
N GLU A 66 -14.54 4.91 5.05
CA GLU A 66 -15.31 3.77 5.56
C GLU A 66 -16.03 3.05 4.43
N ALA A 67 -15.45 1.95 3.97
CA ALA A 67 -16.04 1.17 2.88
C ALA A 67 -16.73 -0.08 3.41
N GLN A 68 -17.80 -0.49 2.75
CA GLN A 68 -18.56 -1.67 3.13
C GLN A 68 -18.15 -2.87 2.28
N ASN A 69 -18.95 -3.94 2.34
CA ASN A 69 -18.67 -5.15 1.58
C ASN A 69 -18.47 -4.82 0.09
N GLY A 70 -17.65 -5.64 -0.57
CA GLY A 70 -17.38 -5.43 -1.98
C GLY A 70 -15.89 -5.38 -2.28
N VAL A 71 -15.54 -5.58 -3.55
CA VAL A 71 -14.15 -5.56 -3.97
C VAL A 71 -13.69 -4.14 -4.28
N TYR A 72 -12.50 -3.79 -3.81
CA TYR A 72 -11.95 -2.46 -4.03
C TYR A 72 -10.52 -2.54 -4.59
N ALA A 73 -9.96 -1.38 -4.92
CA ALA A 73 -8.62 -1.32 -5.48
C ALA A 73 -7.94 0.00 -5.09
N VAL A 74 -7.04 -0.08 -4.11
CA VAL A 74 -6.32 1.09 -3.64
C VAL A 74 -5.01 1.28 -4.40
N ARG A 75 -4.99 2.25 -5.30
CA ARG A 75 -3.81 2.54 -6.10
C ARG A 75 -2.85 3.45 -5.35
N ILE A 76 -1.56 3.17 -5.46
CA ILE A 76 -0.54 3.96 -4.80
C ILE A 76 0.58 4.34 -5.76
N ALA A 77 0.53 5.56 -6.27
CA ALA A 77 1.53 6.05 -7.21
C ALA A 77 2.61 6.86 -6.50
N THR A 78 3.81 6.28 -6.41
CA THR A 78 4.94 6.94 -5.76
C THR A 78 5.90 7.50 -6.80
N GLU A 79 6.91 8.24 -6.33
CA GLU A 79 7.90 8.83 -7.21
C GLU A 79 8.91 7.78 -7.68
N GLY A 80 8.48 6.92 -8.59
CA GLY A 80 9.35 5.89 -9.11
C GLY A 80 8.58 4.72 -9.70
N LYS A 81 7.60 4.22 -8.95
CA LYS A 81 6.78 3.10 -9.41
C LYS A 81 5.31 3.33 -9.07
N THR A 82 4.47 2.35 -9.40
CA THR A 82 3.04 2.45 -9.14
C THR A 82 2.48 1.10 -8.68
N TYR A 83 2.24 0.98 -7.39
CA TYR A 83 1.70 -0.26 -6.82
C TYR A 83 0.18 -0.25 -6.86
N THR A 84 -0.41 -1.44 -6.75
CA THR A 84 -1.87 -1.56 -6.77
C THR A 84 -2.33 -2.65 -5.80
N GLU A 85 -2.83 -2.22 -4.63
CA GLU A 85 -3.31 -3.16 -3.62
C GLU A 85 -4.83 -3.11 -3.52
N LYS A 86 -5.47 -4.22 -3.87
CA LYS A 86 -6.93 -4.31 -3.83
C LYS A 86 -7.41 -4.64 -2.42
N VAL A 87 -8.59 -4.14 -2.07
CA VAL A 87 -9.16 -4.38 -0.75
C VAL A 87 -10.46 -5.18 -0.86
N ILE A 88 -10.38 -6.47 -0.56
CA ILE A 88 -11.55 -7.35 -0.62
C ILE A 88 -12.13 -7.57 0.77
N VAL A 89 -13.21 -6.84 1.08
CA VAL A 89 -13.87 -6.96 2.36
C VAL A 89 -15.25 -7.60 2.22
N LYS A 90 -15.60 -8.47 3.15
CA LYS A 90 -16.88 -9.15 3.13
C LYS A 90 -17.35 -9.50 4.53
N MET A 1 6.87 -28.30 12.78
CA MET A 1 5.60 -28.76 12.18
C MET A 1 4.40 -28.23 12.97
N ALA A 2 3.29 -28.01 12.26
CA ALA A 2 2.07 -27.50 12.89
C ALA A 2 2.31 -26.19 13.63
N HIS A 3 2.21 -25.08 12.90
CA HIS A 3 2.41 -23.76 13.49
C HIS A 3 1.09 -23.04 13.69
N HIS A 4 0.69 -22.89 14.95
CA HIS A 4 -0.57 -22.21 15.28
C HIS A 4 -0.43 -20.71 15.14
N HIS A 5 0.67 -20.16 15.66
CA HIS A 5 0.92 -18.72 15.59
C HIS A 5 2.37 -18.44 15.25
N HIS A 6 2.60 -17.55 14.28
CA HIS A 6 3.95 -17.19 13.87
C HIS A 6 4.44 -15.96 14.62
N HIS A 7 5.75 -15.81 14.72
CA HIS A 7 6.34 -14.67 15.42
C HIS A 7 7.74 -14.37 14.89
N HIS A 8 7.80 -13.63 13.79
CA HIS A 8 9.07 -13.26 13.19
C HIS A 8 9.24 -11.74 13.16
N VAL A 9 8.32 -11.04 13.82
CA VAL A 9 8.35 -9.58 13.88
C VAL A 9 9.62 -9.09 14.58
N ASP A 10 10.43 -8.32 13.86
CA ASP A 10 11.67 -7.78 14.40
C ASP A 10 11.43 -6.43 15.06
N ASP A 11 11.13 -5.42 14.24
CA ASP A 11 10.88 -4.07 14.72
C ASP A 11 9.80 -3.39 13.90
N ASP A 12 10.14 -3.04 12.66
CA ASP A 12 9.20 -2.38 11.77
C ASP A 12 9.70 -2.39 10.33
N ASP A 13 10.92 -1.90 10.14
CA ASP A 13 11.53 -1.86 8.81
C ASP A 13 12.70 -2.83 8.71
N LYS A 14 13.28 -2.93 7.51
CA LYS A 14 14.41 -3.83 7.27
C LYS A 14 14.07 -5.26 7.67
N MET A 15 13.16 -5.87 6.91
CA MET A 15 12.75 -7.25 7.18
C MET A 15 12.39 -7.96 5.88
N GLY A 16 13.21 -8.94 5.50
CA GLY A 16 12.97 -9.69 4.29
C GLY A 16 11.73 -10.57 4.38
N THR A 17 10.91 -10.54 3.33
CA THR A 17 9.69 -11.33 3.30
C THR A 17 9.25 -11.61 1.87
N SER A 18 8.80 -10.56 1.18
CA SER A 18 8.35 -10.69 -0.21
C SER A 18 9.44 -10.26 -1.18
N ILE A 19 9.29 -10.66 -2.44
CA ILE A 19 10.25 -10.32 -3.49
C ILE A 19 11.62 -10.93 -3.20
N ALA A 20 12.38 -10.29 -2.30
CA ALA A 20 13.70 -10.77 -1.94
C ALA A 20 13.95 -10.63 -0.44
N ASP A 21 14.30 -11.72 0.21
CA ASP A 21 14.57 -11.71 1.64
C ASP A 21 15.96 -11.16 1.93
N VAL A 22 16.09 -9.84 1.86
CA VAL A 22 17.37 -9.17 2.12
C VAL A 22 17.16 -7.84 2.83
N ALA A 23 16.15 -7.79 3.69
CA ALA A 23 15.83 -6.58 4.44
C ALA A 23 15.51 -5.41 3.52
N ASN A 24 14.21 -5.18 3.31
CA ASN A 24 13.75 -4.09 2.46
C ASN A 24 12.93 -3.08 3.26
N ASP A 25 12.31 -2.14 2.55
CA ASP A 25 11.50 -1.12 3.21
C ASP A 25 10.61 -0.40 2.20
N LYS A 26 9.31 -0.70 2.25
CA LYS A 26 8.35 -0.07 1.35
C LYS A 26 7.92 1.30 1.87
N PRO A 27 7.82 2.31 0.99
CA PRO A 27 7.43 3.66 1.40
C PRO A 27 5.93 3.78 1.69
N TYR A 28 5.21 2.70 1.45
CA TYR A 28 3.77 2.67 1.69
C TYR A 28 3.41 1.62 2.75
N THR A 29 2.28 1.84 3.42
CA THR A 29 1.83 0.92 4.45
C THR A 29 0.30 0.81 4.47
N VAL A 30 -0.21 -0.35 4.07
CA VAL A 30 -1.65 -0.57 4.04
C VAL A 30 -2.12 -1.21 5.34
N ALA A 31 -3.31 -0.81 5.79
CA ALA A 31 -3.88 -1.35 7.02
C ALA A 31 -5.41 -1.29 6.98
N VAL A 32 -6.03 -2.46 6.97
CA VAL A 32 -7.49 -2.53 6.95
C VAL A 32 -8.04 -3.16 8.23
N SER A 33 -9.04 -2.51 8.81
CA SER A 33 -9.66 -2.99 10.03
C SER A 33 -11.15 -3.23 9.85
N GLY A 34 -11.50 -4.45 9.44
CA GLY A 34 -12.89 -4.78 9.22
C GLY A 34 -13.47 -4.11 7.98
N LYS A 35 -14.04 -2.92 8.16
CA LYS A 35 -14.62 -2.18 7.06
C LYS A 35 -13.94 -0.83 6.86
N THR A 36 -12.81 -0.64 7.55
CA THR A 36 -12.06 0.61 7.45
C THR A 36 -10.83 0.44 6.58
N ILE A 37 -10.67 1.32 5.59
CA ILE A 37 -9.54 1.28 4.69
C ILE A 37 -8.59 2.45 4.93
N THR A 38 -7.50 2.18 5.67
CA THR A 38 -6.53 3.21 5.98
C THR A 38 -5.17 2.87 5.39
N VAL A 39 -4.66 3.75 4.53
CA VAL A 39 -3.36 3.54 3.90
C VAL A 39 -2.51 4.80 3.97
N GLU A 40 -1.21 4.62 4.20
CA GLU A 40 -0.29 5.75 4.30
C GLU A 40 0.76 5.69 3.18
N SER A 41 1.07 6.85 2.61
CA SER A 41 2.06 6.95 1.54
C SER A 41 2.34 8.41 1.21
N PRO A 42 3.30 9.03 1.92
CA PRO A 42 3.66 10.45 1.70
C PRO A 42 4.11 10.70 0.26
N ALA A 43 3.69 11.84 -0.29
CA ALA A 43 4.03 12.22 -1.64
C ALA A 43 3.65 11.12 -2.64
N ALA A 44 2.39 10.72 -2.60
CA ALA A 44 1.89 9.68 -3.50
C ALA A 44 0.42 9.92 -3.86
N GLY A 45 0.04 9.49 -5.05
CA GLY A 45 -1.33 9.66 -5.51
C GLY A 45 -2.20 8.46 -5.20
N LEU A 46 -2.99 8.57 -4.13
CA LEU A 46 -3.87 7.48 -3.72
C LEU A 46 -5.23 7.58 -4.43
N THR A 47 -5.59 6.52 -5.15
CA THR A 47 -6.85 6.49 -5.86
C THR A 47 -7.59 5.17 -5.60
N ILE A 48 -8.68 5.25 -4.86
CA ILE A 48 -9.48 4.08 -4.52
C ILE A 48 -10.59 3.85 -5.54
N PHE A 49 -10.82 2.58 -5.89
CA PHE A 49 -11.86 2.21 -6.84
C PHE A 49 -12.85 1.27 -6.19
N ASP A 50 -14.09 1.29 -6.68
CA ASP A 50 -15.13 0.42 -6.14
C ASP A 50 -15.44 -0.73 -7.09
N MET A 51 -16.49 -1.49 -6.78
CA MET A 51 -16.89 -2.62 -7.60
C MET A 51 -17.13 -2.21 -9.05
N ASN A 52 -17.83 -1.09 -9.23
CA ASN A 52 -18.14 -0.59 -10.56
C ASN A 52 -16.86 -0.20 -11.31
N GLY A 53 -15.84 0.20 -10.57
CA GLY A 53 -14.58 0.59 -11.17
C GLY A 53 -14.39 2.09 -11.22
N ARG A 54 -15.41 2.83 -10.79
CA ARG A 54 -15.35 4.29 -10.77
C ARG A 54 -14.64 4.80 -9.52
N ARG A 55 -13.95 5.93 -9.67
CA ARG A 55 -13.23 6.54 -8.56
C ARG A 55 -14.18 6.91 -7.44
N VAL A 56 -14.13 6.18 -6.35
CA VAL A 56 -15.00 6.43 -5.20
C VAL A 56 -14.37 7.45 -4.25
N ALA A 57 -13.04 7.47 -4.20
CA ALA A 57 -12.32 8.39 -3.34
C ALA A 57 -10.93 8.69 -3.89
N THR A 58 -10.59 9.98 -3.92
CA THR A 58 -9.29 10.41 -4.42
C THR A 58 -8.59 11.32 -3.42
N ALA A 59 -7.45 10.85 -2.91
CA ALA A 59 -6.68 11.62 -1.93
C ALA A 59 -5.19 11.40 -2.13
N LYS A 60 -4.39 12.11 -1.34
CA LYS A 60 -2.94 12.00 -1.42
C LYS A 60 -2.32 11.85 -0.03
N ASN A 61 -1.07 11.39 0.01
CA ASN A 61 -0.35 11.19 1.28
C ASN A 61 -1.06 10.15 2.14
N ARG A 62 -2.05 10.60 2.91
CA ARG A 62 -2.80 9.70 3.79
C ARG A 62 -4.30 9.79 3.50
N MET A 63 -4.97 8.65 3.59
CA MET A 63 -6.40 8.59 3.34
C MET A 63 -7.07 7.55 4.25
N VAL A 64 -8.30 7.83 4.66
CA VAL A 64 -9.05 6.93 5.53
C VAL A 64 -10.54 7.00 5.21
N PHE A 65 -11.03 6.02 4.47
CA PHE A 65 -12.43 5.97 4.10
C PHE A 65 -13.10 4.70 4.62
N GLU A 66 -14.34 4.83 5.08
CA GLU A 66 -15.08 3.70 5.61
C GLU A 66 -15.95 3.08 4.51
N ALA A 67 -15.48 1.96 3.98
CA ALA A 67 -16.20 1.25 2.92
C ALA A 67 -16.92 0.03 3.45
N GLN A 68 -17.90 -0.45 2.69
CA GLN A 68 -18.67 -1.62 3.08
C GLN A 68 -18.12 -2.86 2.36
N ASN A 69 -18.76 -4.01 2.59
CA ASN A 69 -18.32 -5.24 1.97
C ASN A 69 -18.27 -5.10 0.45
N GLY A 70 -17.56 -6.01 -0.21
CA GLY A 70 -17.44 -5.97 -1.66
C GLY A 70 -16.00 -6.06 -2.12
N VAL A 71 -15.70 -5.40 -3.24
CA VAL A 71 -14.35 -5.43 -3.79
C VAL A 71 -13.89 -4.01 -4.15
N TYR A 72 -12.72 -3.64 -3.68
CA TYR A 72 -12.17 -2.31 -3.97
C TYR A 72 -10.74 -2.42 -4.48
N ALA A 73 -10.18 -1.28 -4.88
CA ALA A 73 -8.83 -1.24 -5.42
C ALA A 73 -8.10 0.04 -5.00
N VAL A 74 -7.24 -0.07 -4.00
CA VAL A 74 -6.49 1.07 -3.52
C VAL A 74 -5.16 1.20 -4.26
N ARG A 75 -5.05 2.21 -5.10
CA ARG A 75 -3.84 2.44 -5.89
C ARG A 75 -2.89 3.38 -5.15
N ILE A 76 -1.59 3.08 -5.26
CA ILE A 76 -0.57 3.90 -4.60
C ILE A 76 0.54 4.25 -5.59
N ALA A 77 0.53 5.49 -6.06
CA ALA A 77 1.54 5.95 -7.02
C ALA A 77 2.65 6.71 -6.32
N THR A 78 3.79 6.05 -6.13
CA THR A 78 4.94 6.67 -5.49
C THR A 78 5.84 7.36 -6.50
N GLU A 79 6.91 7.98 -6.01
CA GLU A 79 7.85 8.68 -6.89
C GLU A 79 8.78 7.69 -7.60
N GLY A 80 8.23 6.93 -8.53
CA GLY A 80 9.02 5.96 -9.25
C GLY A 80 8.25 4.71 -9.63
N LYS A 81 7.41 4.24 -8.71
CA LYS A 81 6.61 3.04 -8.96
C LYS A 81 5.13 3.30 -8.67
N THR A 82 4.32 2.26 -8.86
CA THR A 82 2.89 2.36 -8.62
C THR A 82 2.33 1.01 -8.16
N TYR A 83 2.15 0.87 -6.84
CA TYR A 83 1.62 -0.36 -6.27
C TYR A 83 0.12 -0.25 -6.04
N THR A 84 -0.64 -1.06 -6.76
CA THR A 84 -2.10 -1.05 -6.63
C THR A 84 -2.59 -2.25 -5.83
N GLU A 85 -2.88 -2.02 -4.55
CA GLU A 85 -3.36 -3.07 -3.66
C GLU A 85 -4.88 -3.00 -3.53
N LYS A 86 -5.55 -4.04 -4.01
CA LYS A 86 -7.01 -4.09 -3.94
C LYS A 86 -7.49 -4.63 -2.59
N VAL A 87 -8.40 -3.92 -1.96
CA VAL A 87 -8.94 -4.33 -0.67
C VAL A 87 -10.21 -5.15 -0.85
N ILE A 88 -10.13 -6.44 -0.51
CA ILE A 88 -11.27 -7.33 -0.64
C ILE A 88 -12.05 -7.43 0.66
N VAL A 89 -13.23 -6.83 0.70
CA VAL A 89 -14.07 -6.85 1.89
C VAL A 89 -15.17 -7.90 1.75
N LYS A 90 -15.59 -8.45 2.89
CA LYS A 90 -16.64 -9.45 2.90
C LYS A 90 -17.46 -9.39 4.19
N MET A 1 19.83 -6.12 -13.85
CA MET A 1 20.31 -6.04 -15.26
C MET A 1 19.55 -4.97 -16.04
N ALA A 2 19.03 -3.98 -15.32
CA ALA A 2 18.27 -2.90 -15.94
C ALA A 2 18.70 -1.55 -15.39
N HIS A 3 18.54 -1.36 -14.09
CA HIS A 3 18.91 -0.11 -13.44
C HIS A 3 19.88 -0.35 -12.29
N HIS A 4 20.34 -1.60 -12.16
CA HIS A 4 21.27 -1.96 -11.10
C HIS A 4 22.63 -2.31 -11.69
N HIS A 5 23.56 -1.36 -11.62
CA HIS A 5 24.91 -1.56 -12.15
C HIS A 5 25.96 -1.08 -11.15
N HIS A 6 25.51 -0.74 -9.95
CA HIS A 6 26.41 -0.26 -8.90
C HIS A 6 26.72 -1.37 -7.91
N HIS A 7 28.00 -1.71 -7.79
CA HIS A 7 28.44 -2.76 -6.87
C HIS A 7 28.86 -2.17 -5.53
N HIS A 8 28.94 -3.02 -4.51
CA HIS A 8 29.34 -2.60 -3.17
C HIS A 8 28.40 -1.53 -2.63
N VAL A 9 27.54 -1.93 -1.69
CA VAL A 9 26.58 -1.01 -1.08
C VAL A 9 27.00 -0.64 0.35
N ASP A 10 26.45 0.45 0.86
CA ASP A 10 26.76 0.91 2.21
C ASP A 10 25.60 1.67 2.83
N ASP A 11 24.73 2.20 1.98
CA ASP A 11 23.57 2.96 2.45
C ASP A 11 22.64 2.07 3.28
N ASP A 12 22.24 2.57 4.44
CA ASP A 12 21.36 1.84 5.35
C ASP A 12 19.98 1.62 4.72
N ASP A 13 19.59 2.53 3.84
CA ASP A 13 18.29 2.43 3.17
C ASP A 13 18.42 1.74 1.82
N LYS A 14 17.33 1.14 1.37
CA LYS A 14 17.31 0.44 0.08
C LYS A 14 18.40 -0.62 0.02
N MET A 15 18.70 -1.09 -1.18
CA MET A 15 19.73 -2.11 -1.39
C MET A 15 19.39 -3.38 -0.62
N GLY A 16 18.73 -4.31 -1.31
CA GLY A 16 18.36 -5.56 -0.70
C GLY A 16 19.32 -6.68 -1.01
N THR A 17 19.04 -7.87 -0.47
CA THR A 17 19.89 -9.03 -0.69
C THR A 17 19.23 -10.30 -0.13
N SER A 18 18.61 -10.17 1.04
CA SER A 18 17.94 -11.31 1.66
C SER A 18 16.43 -11.17 1.57
N ILE A 19 15.75 -12.31 1.46
CA ILE A 19 14.29 -12.32 1.36
C ILE A 19 13.82 -11.43 0.22
N ALA A 20 13.88 -11.96 -1.01
CA ALA A 20 13.46 -11.21 -2.19
C ALA A 20 14.23 -9.90 -2.32
N ASP A 21 15.37 -9.96 -2.99
CA ASP A 21 16.21 -8.78 -3.19
C ASP A 21 15.47 -7.71 -4.00
N VAL A 22 14.44 -8.13 -4.71
CA VAL A 22 13.66 -7.20 -5.53
C VAL A 22 12.31 -6.91 -4.88
N ALA A 23 12.25 -7.04 -3.56
CA ALA A 23 11.03 -6.80 -2.81
C ALA A 23 11.31 -6.70 -1.32
N ASN A 24 11.55 -5.48 -0.85
CA ASN A 24 11.83 -5.24 0.57
C ASN A 24 11.68 -3.75 0.91
N ASP A 25 11.15 -3.48 2.10
CA ASP A 25 10.94 -2.11 2.56
C ASP A 25 10.04 -1.33 1.60
N LYS A 26 8.75 -1.38 1.86
CA LYS A 26 7.77 -0.67 1.02
C LYS A 26 7.64 0.79 1.45
N PRO A 27 7.45 1.71 0.50
CA PRO A 27 7.31 3.13 0.80
C PRO A 27 5.91 3.50 1.26
N TYR A 28 5.06 2.49 1.41
CA TYR A 28 3.68 2.70 1.84
C TYR A 28 3.32 1.75 2.99
N THR A 29 2.16 1.98 3.59
CA THR A 29 1.70 1.15 4.70
C THR A 29 0.19 1.01 4.69
N VAL A 30 -0.29 -0.15 4.25
CA VAL A 30 -1.73 -0.41 4.19
C VAL A 30 -2.20 -1.13 5.44
N ALA A 31 -3.40 -0.78 5.90
CA ALA A 31 -3.97 -1.39 7.10
C ALA A 31 -5.48 -1.22 7.14
N VAL A 32 -6.20 -2.34 7.04
CA VAL A 32 -7.66 -2.31 7.06
C VAL A 32 -8.20 -2.85 8.38
N SER A 33 -9.12 -2.11 8.98
CA SER A 33 -9.72 -2.50 10.24
C SER A 33 -11.22 -2.72 10.09
N GLY A 34 -11.61 -3.98 9.88
CA GLY A 34 -13.02 -4.31 9.72
C GLY A 34 -13.58 -3.76 8.43
N LYS A 35 -14.25 -2.62 8.51
CA LYS A 35 -14.84 -1.98 7.33
C LYS A 35 -14.27 -0.59 7.12
N THR A 36 -13.02 -0.40 7.52
CA THR A 36 -12.35 0.88 7.38
C THR A 36 -11.03 0.73 6.62
N ILE A 37 -10.88 1.48 5.54
CA ILE A 37 -9.66 1.43 4.74
C ILE A 37 -8.70 2.54 5.13
N THR A 38 -7.56 2.15 5.70
CA THR A 38 -6.55 3.11 6.12
C THR A 38 -5.20 2.81 5.48
N VAL A 39 -4.70 3.77 4.70
CA VAL A 39 -3.42 3.61 4.02
C VAL A 39 -2.62 4.91 4.07
N GLU A 40 -1.33 4.79 4.35
CA GLU A 40 -0.45 5.94 4.42
C GLU A 40 0.70 5.82 3.43
N SER A 41 1.04 6.94 2.79
CA SER A 41 2.13 6.96 1.81
C SER A 41 2.60 8.38 1.55
N PRO A 42 3.60 8.86 2.33
CA PRO A 42 4.13 10.22 2.18
C PRO A 42 4.49 10.54 0.74
N ALA A 43 3.97 11.66 0.23
CA ALA A 43 4.23 12.08 -1.14
C ALA A 43 3.86 10.99 -2.14
N ALA A 44 2.55 10.78 -2.31
CA ALA A 44 2.05 9.77 -3.23
C ALA A 44 0.58 10.01 -3.56
N GLY A 45 0.18 9.60 -4.76
CA GLY A 45 -1.20 9.77 -5.17
C GLY A 45 -2.04 8.53 -4.89
N LEU A 46 -3.05 8.69 -4.04
CA LEU A 46 -3.92 7.58 -3.67
C LEU A 46 -5.26 7.67 -4.40
N THR A 47 -5.66 6.57 -5.03
CA THR A 47 -6.92 6.51 -5.76
C THR A 47 -7.61 5.17 -5.56
N ILE A 48 -8.71 5.17 -4.82
CA ILE A 48 -9.47 3.96 -4.55
C ILE A 48 -10.58 3.75 -5.58
N PHE A 49 -10.73 2.51 -6.04
CA PHE A 49 -11.76 2.18 -7.02
C PHE A 49 -12.77 1.20 -6.42
N ASP A 50 -14.03 1.33 -6.83
CA ASP A 50 -15.09 0.46 -6.35
C ASP A 50 -15.27 -0.74 -7.26
N MET A 51 -16.33 -1.52 -7.02
CA MET A 51 -16.61 -2.70 -7.83
C MET A 51 -16.73 -2.34 -9.30
N ASN A 52 -17.53 -1.33 -9.60
CA ASN A 52 -17.74 -0.89 -10.97
C ASN A 52 -16.45 -0.33 -11.57
N GLY A 53 -15.53 0.10 -10.71
CA GLY A 53 -14.27 0.65 -11.17
C GLY A 53 -14.26 2.16 -11.13
N ARG A 54 -15.31 2.74 -10.57
CA ARG A 54 -15.42 4.20 -10.46
C ARG A 54 -14.67 4.71 -9.24
N ARG A 55 -14.12 5.91 -9.35
CA ARG A 55 -13.37 6.52 -8.24
C ARG A 55 -14.29 6.79 -7.06
N VAL A 56 -14.24 5.91 -6.06
CA VAL A 56 -15.07 6.05 -4.87
C VAL A 56 -14.43 7.02 -3.88
N ALA A 57 -13.10 7.09 -3.91
CA ALA A 57 -12.35 7.97 -3.02
C ALA A 57 -11.01 8.36 -3.62
N THR A 58 -10.66 9.63 -3.50
CA THR A 58 -9.40 10.13 -4.04
C THR A 58 -8.74 11.11 -3.07
N ALA A 59 -7.47 10.87 -2.77
CA ALA A 59 -6.72 11.73 -1.85
C ALA A 59 -5.22 11.55 -2.04
N LYS A 60 -4.44 12.38 -1.36
CA LYS A 60 -2.98 12.31 -1.44
C LYS A 60 -2.37 12.16 -0.06
N ASN A 61 -1.13 11.68 -0.03
CA ASN A 61 -0.40 11.47 1.23
C ASN A 61 -1.09 10.41 2.08
N ARG A 62 -2.13 10.81 2.80
CA ARG A 62 -2.88 9.89 3.66
C ARG A 62 -4.37 9.93 3.32
N MET A 63 -5.03 8.79 3.49
CA MET A 63 -6.46 8.68 3.20
C MET A 63 -7.12 7.66 4.13
N VAL A 64 -8.38 7.92 4.47
CA VAL A 64 -9.13 7.03 5.35
C VAL A 64 -10.63 7.10 5.04
N PHE A 65 -11.14 6.04 4.42
CA PHE A 65 -12.56 5.98 4.06
C PHE A 65 -13.17 4.66 4.49
N GLU A 66 -14.37 4.73 5.05
CA GLU A 66 -15.08 3.53 5.51
C GLU A 66 -15.80 2.85 4.35
N ALA A 67 -15.34 1.65 4.00
CA ALA A 67 -15.93 0.90 2.91
C ALA A 67 -16.69 -0.32 3.43
N GLN A 68 -17.79 -0.65 2.76
CA GLN A 68 -18.61 -1.80 3.15
C GLN A 68 -18.29 -3.02 2.30
N ASN A 69 -19.13 -4.04 2.40
CA ASN A 69 -18.93 -5.27 1.63
C ASN A 69 -18.77 -4.97 0.14
N GLY A 70 -17.67 -5.44 -0.43
CA GLY A 70 -17.42 -5.21 -1.84
C GLY A 70 -15.94 -5.26 -2.17
N VAL A 71 -15.63 -5.37 -3.46
CA VAL A 71 -14.24 -5.43 -3.91
C VAL A 71 -13.74 -4.05 -4.31
N TYR A 72 -12.58 -3.66 -3.78
CA TYR A 72 -11.98 -2.37 -4.08
C TYR A 72 -10.55 -2.54 -4.58
N ALA A 73 -9.94 -1.43 -4.99
CA ALA A 73 -8.58 -1.44 -5.50
C ALA A 73 -7.86 -0.14 -5.18
N VAL A 74 -6.99 -0.17 -4.17
CA VAL A 74 -6.24 1.01 -3.76
C VAL A 74 -4.98 1.18 -4.62
N ARG A 75 -4.86 2.34 -5.27
CA ARG A 75 -3.72 2.62 -6.12
C ARG A 75 -2.76 3.61 -5.44
N ILE A 76 -1.52 3.16 -5.23
CA ILE A 76 -0.51 4.00 -4.60
C ILE A 76 0.59 4.36 -5.59
N ALA A 77 0.53 5.58 -6.12
CA ALA A 77 1.52 6.04 -7.08
C ALA A 77 2.65 6.81 -6.39
N THR A 78 3.84 6.20 -6.38
CA THR A 78 5.00 6.82 -5.74
C THR A 78 5.91 7.46 -6.79
N GLU A 79 6.96 8.12 -6.31
CA GLU A 79 7.91 8.78 -7.21
C GLU A 79 8.81 7.76 -7.89
N GLY A 80 8.27 7.11 -8.93
CA GLY A 80 9.04 6.11 -9.66
C GLY A 80 8.18 4.94 -10.11
N LYS A 81 7.53 4.30 -9.16
CA LYS A 81 6.67 3.15 -9.46
C LYS A 81 5.24 3.42 -8.98
N THR A 82 4.35 2.46 -9.23
CA THR A 82 2.95 2.59 -8.82
C THR A 82 2.38 1.26 -8.36
N TYR A 83 2.32 1.07 -7.04
CA TYR A 83 1.78 -0.17 -6.48
C TYR A 83 0.25 -0.16 -6.54
N THR A 84 -0.35 -1.35 -6.38
CA THR A 84 -1.80 -1.47 -6.42
C THR A 84 -2.28 -2.62 -5.56
N GLU A 85 -2.80 -2.30 -4.38
CA GLU A 85 -3.31 -3.30 -3.46
C GLU A 85 -4.83 -3.23 -3.37
N LYS A 86 -5.50 -4.30 -3.80
CA LYS A 86 -6.95 -4.35 -3.77
C LYS A 86 -7.47 -4.78 -2.40
N VAL A 87 -8.46 -4.04 -1.89
CA VAL A 87 -9.04 -4.36 -0.58
C VAL A 87 -10.30 -5.21 -0.75
N ILE A 88 -10.20 -6.48 -0.38
CA ILE A 88 -11.32 -7.40 -0.48
C ILE A 88 -11.97 -7.62 0.88
N VAL A 89 -13.21 -7.14 1.02
CA VAL A 89 -13.96 -7.29 2.26
C VAL A 89 -15.31 -7.95 2.02
N LYS A 90 -15.60 -8.98 2.79
CA LYS A 90 -16.86 -9.71 2.65
C LYS A 90 -17.23 -10.41 3.96
N MET A 1 6.31 -3.49 15.19
CA MET A 1 5.57 -4.01 16.36
C MET A 1 4.30 -4.74 15.92
N ALA A 2 4.10 -4.82 14.61
CA ALA A 2 2.93 -5.50 14.05
C ALA A 2 3.08 -7.01 14.13
N HIS A 3 4.09 -7.53 13.43
CA HIS A 3 4.34 -8.98 13.41
C HIS A 3 5.77 -9.28 13.83
N HIS A 4 6.31 -8.45 14.72
CA HIS A 4 7.68 -8.63 15.21
C HIS A 4 8.68 -8.57 14.07
N HIS A 5 9.92 -8.98 14.33
CA HIS A 5 10.98 -8.97 13.32
C HIS A 5 11.23 -7.56 12.81
N HIS A 6 12.12 -6.85 13.48
CA HIS A 6 12.45 -5.48 13.09
C HIS A 6 13.92 -5.17 13.37
N HIS A 7 14.62 -6.14 13.94
CA HIS A 7 16.04 -5.98 14.27
C HIS A 7 16.92 -6.62 13.20
N HIS A 8 16.34 -6.88 12.04
CA HIS A 8 17.07 -7.49 10.93
C HIS A 8 17.63 -6.42 10.00
N VAL A 9 17.11 -5.21 10.12
CA VAL A 9 17.55 -4.10 9.29
C VAL A 9 18.62 -3.27 10.01
N ASP A 10 19.88 -3.53 9.67
CA ASP A 10 21.00 -2.80 10.28
C ASP A 10 21.68 -1.90 9.26
N ASP A 11 20.96 -1.59 8.19
CA ASP A 11 21.50 -0.72 7.14
C ASP A 11 20.39 0.16 6.55
N ASP A 12 19.27 0.24 7.26
CA ASP A 12 18.14 1.05 6.84
C ASP A 12 17.62 0.60 5.47
N ASP A 13 18.01 -0.60 5.06
CA ASP A 13 17.58 -1.14 3.77
C ASP A 13 17.45 -2.66 3.83
N LYS A 14 17.28 -3.28 2.68
CA LYS A 14 17.13 -4.73 2.60
C LYS A 14 18.35 -5.43 3.20
N MET A 15 18.12 -6.59 3.80
CA MET A 15 19.20 -7.36 4.42
C MET A 15 18.88 -8.85 4.40
N GLY A 16 17.59 -9.18 4.38
CA GLY A 16 17.17 -10.56 4.37
C GLY A 16 16.23 -10.90 5.50
N THR A 17 14.94 -10.98 5.21
CA THR A 17 13.93 -11.29 6.21
C THR A 17 13.51 -12.76 6.12
N SER A 18 12.81 -13.23 7.14
CA SER A 18 12.34 -14.61 7.18
C SER A 18 10.97 -14.75 6.53
N ILE A 19 10.72 -13.92 5.52
CA ILE A 19 9.44 -13.94 4.82
C ILE A 19 9.64 -13.87 3.31
N ALA A 20 10.55 -14.71 2.80
CA ALA A 20 10.85 -14.74 1.37
C ALA A 20 11.41 -13.41 0.87
N ASP A 21 11.76 -12.54 1.82
CA ASP A 21 12.30 -11.22 1.50
C ASP A 21 11.37 -10.47 0.54
N VAL A 22 10.07 -10.60 0.76
CA VAL A 22 9.08 -9.94 -0.09
C VAL A 22 8.54 -8.68 0.60
N ALA A 23 9.19 -8.29 1.69
CA ALA A 23 8.78 -7.11 2.44
C ALA A 23 9.85 -6.71 3.45
N ASN A 24 10.45 -5.53 3.23
CA ASN A 24 11.48 -5.03 4.12
C ASN A 24 11.74 -3.55 3.88
N ASP A 25 11.44 -3.09 2.67
CA ASP A 25 11.64 -1.69 2.31
C ASP A 25 10.57 -1.23 1.32
N LYS A 26 9.41 -0.86 1.86
CA LYS A 26 8.31 -0.39 1.03
C LYS A 26 7.99 1.07 1.32
N PRO A 27 7.82 1.90 0.26
CA PRO A 27 7.52 3.32 0.41
C PRO A 27 6.05 3.59 0.70
N TYR A 28 5.38 2.62 1.31
CA TYR A 28 3.97 2.75 1.64
C TYR A 28 3.58 1.80 2.76
N THR A 29 2.57 2.19 3.54
CA THR A 29 2.10 1.38 4.66
C THR A 29 0.58 1.24 4.64
N VAL A 30 0.10 0.11 4.13
CA VAL A 30 -1.33 -0.15 4.05
C VAL A 30 -1.82 -0.96 5.26
N ALA A 31 -3.03 -0.66 5.72
CA ALA A 31 -3.60 -1.35 6.88
C ALA A 31 -5.12 -1.35 6.79
N VAL A 32 -5.70 -2.53 6.55
CA VAL A 32 -7.15 -2.66 6.44
C VAL A 32 -7.75 -3.14 7.77
N SER A 33 -8.57 -2.29 8.38
CA SER A 33 -9.21 -2.62 9.65
C SER A 33 -10.72 -2.78 9.47
N GLY A 34 -11.16 -4.01 9.27
CA GLY A 34 -12.57 -4.27 9.09
C GLY A 34 -13.14 -3.57 7.87
N LYS A 35 -13.94 -2.53 8.10
CA LYS A 35 -14.54 -1.78 7.01
C LYS A 35 -13.92 -0.38 6.91
N THR A 36 -12.68 -0.25 7.37
CA THR A 36 -11.98 1.02 7.34
C THR A 36 -10.66 0.91 6.58
N ILE A 37 -10.58 1.57 5.43
CA ILE A 37 -9.38 1.55 4.61
C ILE A 37 -8.39 2.62 5.05
N THR A 38 -7.37 2.23 5.80
CA THR A 38 -6.36 3.16 6.28
C THR A 38 -5.04 2.96 5.55
N VAL A 39 -4.54 4.03 4.94
CA VAL A 39 -3.27 3.97 4.21
C VAL A 39 -2.38 5.17 4.54
N GLU A 40 -1.08 4.92 4.65
CA GLU A 40 -0.13 5.99 4.95
C GLU A 40 1.04 5.95 3.98
N SER A 41 1.05 6.87 3.02
CA SER A 41 2.11 6.94 2.04
C SER A 41 2.42 8.39 1.67
N PRO A 42 3.44 8.99 2.33
CA PRO A 42 3.84 10.39 2.07
C PRO A 42 4.15 10.63 0.60
N ALA A 43 3.60 11.72 0.05
CA ALA A 43 3.82 12.08 -1.34
C ALA A 43 3.42 10.94 -2.27
N ALA A 44 2.11 10.78 -2.46
CA ALA A 44 1.59 9.73 -3.34
C ALA A 44 0.10 9.90 -3.59
N GLY A 45 -0.33 9.58 -4.80
CA GLY A 45 -1.73 9.70 -5.15
C GLY A 45 -2.53 8.48 -4.79
N LEU A 46 -3.35 8.59 -3.74
CA LEU A 46 -4.16 7.47 -3.28
C LEU A 46 -5.57 7.55 -3.85
N THR A 47 -5.90 6.61 -4.75
CA THR A 47 -7.21 6.58 -5.37
C THR A 47 -7.84 5.19 -5.22
N ILE A 48 -8.94 5.12 -4.47
CA ILE A 48 -9.62 3.86 -4.25
C ILE A 48 -10.63 3.57 -5.36
N PHE A 49 -10.85 2.28 -5.63
CA PHE A 49 -11.79 1.86 -6.66
C PHE A 49 -12.78 0.85 -6.10
N ASP A 50 -13.94 0.74 -6.75
CA ASP A 50 -14.97 -0.19 -6.31
C ASP A 50 -15.06 -1.41 -7.24
N MET A 51 -16.13 -2.18 -7.11
CA MET A 51 -16.33 -3.37 -7.93
C MET A 51 -16.22 -3.05 -9.41
N ASN A 52 -16.97 -2.05 -9.86
CA ASN A 52 -16.94 -1.64 -11.27
C ASN A 52 -15.55 -1.19 -11.68
N GLY A 53 -14.74 -0.79 -10.70
CA GLY A 53 -13.39 -0.34 -10.98
C GLY A 53 -13.30 1.16 -11.16
N ARG A 54 -14.44 1.84 -11.07
CA ARG A 54 -14.48 3.29 -11.22
C ARG A 54 -14.03 3.98 -9.94
N ARG A 55 -13.48 5.19 -10.09
CA ARG A 55 -13.00 5.96 -8.95
C ARG A 55 -14.10 6.13 -7.90
N VAL A 56 -13.71 6.10 -6.63
CA VAL A 56 -14.65 6.24 -5.53
C VAL A 56 -14.08 7.13 -4.43
N ALA A 57 -12.78 7.39 -4.49
CA ALA A 57 -12.11 8.22 -3.50
C ALA A 57 -10.72 8.66 -3.98
N THR A 58 -10.32 9.86 -3.59
CA THR A 58 -9.01 10.40 -3.98
C THR A 58 -8.42 11.25 -2.87
N ALA A 59 -7.13 11.08 -2.62
CA ALA A 59 -6.43 11.83 -1.59
C ALA A 59 -4.93 11.82 -1.81
N LYS A 60 -4.20 12.48 -0.92
CA LYS A 60 -2.74 12.54 -1.01
C LYS A 60 -2.12 12.30 0.36
N ASN A 61 -0.91 11.74 0.36
CA ASN A 61 -0.18 11.44 1.60
C ASN A 61 -0.93 10.41 2.43
N ARG A 62 -1.90 10.87 3.22
CA ARG A 62 -2.69 10.00 4.07
C ARG A 62 -4.15 10.01 3.63
N MET A 63 -4.81 8.87 3.76
CA MET A 63 -6.22 8.75 3.37
C MET A 63 -6.98 7.78 4.27
N VAL A 64 -8.26 8.06 4.49
CA VAL A 64 -9.11 7.22 5.33
C VAL A 64 -10.55 7.26 4.82
N PHE A 65 -11.02 6.13 4.30
CA PHE A 65 -12.37 6.02 3.77
C PHE A 65 -13.07 4.78 4.31
N GLU A 66 -14.36 4.93 4.59
CA GLU A 66 -15.17 3.82 5.11
C GLU A 66 -15.87 3.09 3.98
N ALA A 67 -15.34 1.93 3.60
CA ALA A 67 -15.91 1.13 2.53
C ALA A 67 -16.79 0.01 3.08
N GLN A 68 -17.84 -0.33 2.33
CA GLN A 68 -18.76 -1.39 2.73
C GLN A 68 -18.43 -2.70 2.02
N ASN A 69 -19.33 -3.67 2.10
CA ASN A 69 -19.13 -4.97 1.47
C ASN A 69 -18.86 -4.82 -0.02
N GLY A 70 -18.00 -5.69 -0.55
CA GLY A 70 -17.67 -5.65 -1.96
C GLY A 70 -16.17 -5.63 -2.21
N VAL A 71 -15.77 -5.77 -3.47
CA VAL A 71 -14.36 -5.78 -3.83
C VAL A 71 -13.89 -4.37 -4.18
N TYR A 72 -12.71 -4.00 -3.69
CA TYR A 72 -12.15 -2.69 -3.93
C TYR A 72 -10.70 -2.78 -4.42
N ALA A 73 -10.12 -1.64 -4.78
CA ALA A 73 -8.75 -1.59 -5.26
C ALA A 73 -8.09 -0.26 -4.91
N VAL A 74 -7.28 -0.27 -3.86
CA VAL A 74 -6.58 0.93 -3.41
C VAL A 74 -5.29 1.12 -4.18
N ARG A 75 -5.23 2.19 -4.98
CA ARG A 75 -4.05 2.49 -5.78
C ARG A 75 -3.13 3.47 -5.06
N ILE A 76 -1.83 3.20 -5.11
CA ILE A 76 -0.85 4.05 -4.46
C ILE A 76 0.27 4.41 -5.43
N ALA A 77 0.21 5.62 -5.99
CA ALA A 77 1.21 6.08 -6.94
C ALA A 77 2.36 6.79 -6.22
N THR A 78 3.47 6.08 -6.05
CA THR A 78 4.65 6.64 -5.39
C THR A 78 5.55 7.33 -6.40
N GLU A 79 6.57 8.03 -5.88
CA GLU A 79 7.50 8.74 -6.74
C GLU A 79 8.49 7.78 -7.39
N GLY A 80 8.05 7.13 -8.47
CA GLY A 80 8.90 6.19 -9.17
C GLY A 80 8.13 5.00 -9.72
N LYS A 81 7.23 4.45 -8.90
CA LYS A 81 6.43 3.30 -9.30
C LYS A 81 4.97 3.48 -8.87
N THR A 82 4.14 2.51 -9.23
CA THR A 82 2.72 2.54 -8.89
C THR A 82 2.25 1.19 -8.38
N TYR A 83 1.86 1.12 -7.11
CA TYR A 83 1.39 -0.12 -6.51
C TYR A 83 -0.14 -0.21 -6.57
N THR A 84 -0.65 -1.43 -6.45
CA THR A 84 -2.09 -1.66 -6.49
C THR A 84 -2.50 -2.77 -5.53
N GLU A 85 -3.10 -2.39 -4.41
CA GLU A 85 -3.54 -3.34 -3.40
C GLU A 85 -5.07 -3.34 -3.29
N LYS A 86 -5.68 -4.45 -3.69
CA LYS A 86 -7.13 -4.56 -3.65
C LYS A 86 -7.60 -4.94 -2.24
N VAL A 87 -8.80 -4.47 -1.88
CA VAL A 87 -9.35 -4.76 -0.56
C VAL A 87 -10.67 -5.49 -0.68
N ILE A 88 -10.65 -6.79 -0.36
CA ILE A 88 -11.85 -7.62 -0.43
C ILE A 88 -12.48 -7.78 0.95
N VAL A 89 -13.53 -7.00 1.21
CA VAL A 89 -14.23 -7.05 2.48
C VAL A 89 -15.55 -7.80 2.36
N LYS A 90 -15.78 -8.74 3.27
CA LYS A 90 -17.01 -9.53 3.27
C LYS A 90 -17.44 -9.85 4.69
N MET A 1 3.76 -0.95 -17.13
CA MET A 1 4.20 -2.10 -17.96
C MET A 1 5.26 -2.92 -17.24
N ALA A 2 5.22 -4.24 -17.43
CA ALA A 2 6.18 -5.14 -16.79
C ALA A 2 6.17 -4.97 -15.27
N HIS A 3 5.32 -5.74 -14.61
CA HIS A 3 5.21 -5.68 -13.16
C HIS A 3 5.95 -6.84 -12.50
N HIS A 4 6.03 -7.97 -13.20
CA HIS A 4 6.70 -9.14 -12.69
C HIS A 4 7.76 -9.65 -13.68
N HIS A 5 8.14 -8.79 -14.62
CA HIS A 5 9.13 -9.15 -15.62
C HIS A 5 10.53 -8.72 -15.18
N HIS A 6 10.61 -7.52 -14.60
CA HIS A 6 11.88 -6.98 -14.14
C HIS A 6 12.25 -7.58 -12.79
N HIS A 7 13.50 -8.02 -12.68
CA HIS A 7 13.99 -8.62 -11.44
C HIS A 7 14.49 -7.53 -10.48
N HIS A 8 13.55 -6.83 -9.86
CA HIS A 8 13.88 -5.76 -8.93
C HIS A 8 14.22 -6.32 -7.56
N VAL A 9 14.11 -7.64 -7.42
CA VAL A 9 14.41 -8.31 -6.16
C VAL A 9 15.90 -8.22 -5.82
N ASP A 10 16.20 -7.97 -4.55
CA ASP A 10 17.58 -7.85 -4.10
C ASP A 10 18.30 -6.70 -4.80
N ASP A 11 19.63 -6.67 -4.66
CA ASP A 11 20.45 -5.63 -5.28
C ASP A 11 20.16 -4.26 -4.69
N ASP A 12 19.06 -3.64 -5.14
CA ASP A 12 18.68 -2.32 -4.66
C ASP A 12 18.10 -2.39 -3.26
N ASP A 13 17.80 -3.60 -2.80
CA ASP A 13 17.24 -3.79 -1.46
C ASP A 13 17.98 -4.89 -0.71
N LYS A 14 17.68 -5.02 0.58
CA LYS A 14 18.32 -6.03 1.42
C LYS A 14 17.27 -6.81 2.20
N MET A 15 17.05 -8.07 1.80
CA MET A 15 16.08 -8.92 2.47
C MET A 15 16.76 -9.86 3.47
N GLY A 16 16.00 -10.34 4.44
CA GLY A 16 16.55 -11.24 5.43
C GLY A 16 16.79 -10.56 6.76
N THR A 17 15.73 -10.01 7.36
CA THR A 17 15.84 -9.33 8.64
C THR A 17 14.63 -9.60 9.52
N SER A 18 14.61 -9.02 10.71
CA SER A 18 13.51 -9.20 11.64
C SER A 18 12.21 -8.66 11.05
N ILE A 19 11.11 -8.79 11.81
CA ILE A 19 9.80 -8.33 11.38
C ILE A 19 9.30 -9.14 10.19
N ALA A 20 9.84 -8.87 9.00
CA ALA A 20 9.44 -9.58 7.79
C ALA A 20 10.65 -9.89 6.93
N ASP A 21 10.48 -10.84 6.00
CA ASP A 21 11.56 -11.25 5.11
C ASP A 21 11.14 -11.07 3.66
N VAL A 22 9.86 -11.28 3.38
CA VAL A 22 9.32 -11.14 2.04
C VAL A 22 8.47 -9.88 1.92
N ALA A 23 8.62 -8.97 2.88
CA ALA A 23 7.86 -7.73 2.87
C ALA A 23 8.43 -6.73 3.89
N ASN A 24 9.76 -6.61 3.90
CA ASN A 24 10.43 -5.70 4.81
C ASN A 24 10.96 -4.47 4.09
N ASP A 25 10.24 -4.04 3.05
CA ASP A 25 10.62 -2.87 2.28
C ASP A 25 9.48 -2.38 1.40
N LYS A 26 8.76 -1.36 1.89
CA LYS A 26 7.64 -0.79 1.15
C LYS A 26 7.52 0.70 1.42
N PRO A 27 7.45 1.54 0.35
CA PRO A 27 7.33 2.99 0.51
C PRO A 27 5.93 3.41 0.95
N TYR A 28 5.03 2.43 1.07
CA TYR A 28 3.66 2.70 1.49
C TYR A 28 3.24 1.76 2.62
N THR A 29 2.09 2.04 3.20
CA THR A 29 1.57 1.22 4.30
C THR A 29 0.06 1.10 4.24
N VAL A 30 -0.42 -0.04 3.73
CA VAL A 30 -1.86 -0.27 3.61
C VAL A 30 -2.37 -1.13 4.77
N ALA A 31 -3.34 -0.60 5.50
CA ALA A 31 -3.91 -1.31 6.64
C ALA A 31 -5.43 -1.25 6.62
N VAL A 32 -6.07 -2.19 7.32
CA VAL A 32 -7.52 -2.25 7.39
C VAL A 32 -7.99 -2.66 8.78
N SER A 33 -9.09 -2.06 9.22
CA SER A 33 -9.65 -2.36 10.54
C SER A 33 -11.16 -2.55 10.45
N GLY A 34 -11.58 -3.79 10.22
CA GLY A 34 -13.00 -4.09 10.12
C GLY A 34 -13.61 -3.59 8.83
N LYS A 35 -14.23 -2.42 8.88
CA LYS A 35 -14.85 -1.82 7.71
C LYS A 35 -14.22 -0.47 7.39
N THR A 36 -12.97 -0.30 7.80
CA THR A 36 -12.26 0.96 7.56
C THR A 36 -11.00 0.74 6.73
N ILE A 37 -10.80 1.58 5.72
CA ILE A 37 -9.65 1.49 4.85
C ILE A 37 -8.68 2.63 5.11
N THR A 38 -7.59 2.33 5.81
CA THR A 38 -6.59 3.34 6.14
C THR A 38 -5.27 3.08 5.43
N VAL A 39 -4.83 4.04 4.63
CA VAL A 39 -3.57 3.91 3.90
C VAL A 39 -2.74 5.19 4.01
N GLU A 40 -1.52 5.06 4.53
CA GLU A 40 -0.64 6.21 4.69
C GLU A 40 0.59 6.08 3.78
N SER A 41 0.74 7.03 2.87
CA SER A 41 1.86 7.04 1.94
C SER A 41 2.33 8.47 1.67
N PRO A 42 3.39 8.93 2.36
CA PRO A 42 3.91 10.28 2.19
C PRO A 42 4.30 10.58 0.75
N ALA A 43 3.81 11.70 0.23
CA ALA A 43 4.09 12.12 -1.14
C ALA A 43 3.71 11.02 -2.14
N ALA A 44 2.41 10.77 -2.26
CA ALA A 44 1.92 9.75 -3.17
C ALA A 44 0.46 10.00 -3.56
N GLY A 45 0.07 9.49 -4.71
CA GLY A 45 -1.30 9.67 -5.17
C GLY A 45 -2.17 8.45 -4.89
N LEU A 46 -3.00 8.54 -3.86
CA LEU A 46 -3.88 7.44 -3.49
C LEU A 46 -5.24 7.58 -4.17
N THR A 47 -5.73 6.49 -4.75
CA THR A 47 -7.02 6.48 -5.42
C THR A 47 -7.66 5.09 -5.35
N ILE A 48 -8.74 4.99 -4.58
CA ILE A 48 -9.46 3.72 -4.43
C ILE A 48 -10.47 3.52 -5.55
N PHE A 49 -10.53 2.31 -6.08
CA PHE A 49 -11.47 1.98 -7.15
C PHE A 49 -12.40 0.86 -6.73
N ASP A 50 -13.67 0.96 -7.13
CA ASP A 50 -14.65 -0.06 -6.80
C ASP A 50 -14.80 -1.07 -7.93
N MET A 51 -15.76 -1.97 -7.80
CA MET A 51 -15.99 -2.99 -8.83
C MET A 51 -16.83 -2.43 -9.98
N ASN A 52 -16.65 -1.14 -10.25
CA ASN A 52 -17.40 -0.49 -11.32
C ASN A 52 -16.44 0.30 -12.23
N GLY A 53 -15.30 0.69 -11.67
CA GLY A 53 -14.32 1.43 -12.44
C GLY A 53 -14.36 2.93 -12.13
N ARG A 54 -15.24 3.33 -11.23
CA ARG A 54 -15.37 4.73 -10.86
C ARG A 54 -14.65 5.01 -9.54
N ARG A 55 -13.94 6.14 -9.50
CA ARG A 55 -13.20 6.54 -8.30
C ARG A 55 -14.14 6.72 -7.12
N VAL A 56 -14.06 5.79 -6.17
CA VAL A 56 -14.91 5.83 -4.99
C VAL A 56 -14.30 6.70 -3.90
N ALA A 57 -12.99 6.94 -4.00
CA ALA A 57 -12.28 7.76 -3.03
C ALA A 57 -10.97 8.28 -3.61
N THR A 58 -10.70 9.57 -3.42
CA THR A 58 -9.48 10.19 -3.94
C THR A 58 -8.87 11.14 -2.91
N ALA A 59 -7.59 10.93 -2.63
CA ALA A 59 -6.86 11.77 -1.68
C ALA A 59 -5.36 11.66 -1.88
N LYS A 60 -4.61 12.51 -1.18
CA LYS A 60 -3.15 12.51 -1.28
C LYS A 60 -2.53 12.34 0.10
N ASN A 61 -1.31 11.80 0.14
CA ASN A 61 -0.59 11.57 1.39
C ASN A 61 -1.32 10.56 2.26
N ARG A 62 -2.33 11.01 2.98
CA ARG A 62 -3.12 10.14 3.85
C ARG A 62 -4.53 9.97 3.31
N MET A 63 -5.11 8.80 3.53
CA MET A 63 -6.47 8.52 3.06
C MET A 63 -7.22 7.61 4.04
N VAL A 64 -8.48 7.95 4.28
CA VAL A 64 -9.32 7.17 5.18
C VAL A 64 -10.79 7.24 4.76
N PHE A 65 -11.39 6.07 4.53
CA PHE A 65 -12.78 6.01 4.10
C PHE A 65 -13.46 4.76 4.65
N GLU A 66 -14.71 4.91 5.07
CA GLU A 66 -15.48 3.79 5.61
C GLU A 66 -16.10 2.96 4.49
N ALA A 67 -15.59 1.75 4.30
CA ALA A 67 -16.09 0.86 3.26
C ALA A 67 -16.54 -0.47 3.84
N GLN A 68 -17.68 -0.96 3.36
CA GLN A 68 -18.23 -2.23 3.82
C GLN A 68 -17.86 -3.35 2.86
N ASN A 69 -18.61 -4.46 2.92
CA ASN A 69 -18.37 -5.60 2.04
C ASN A 69 -18.28 -5.16 0.58
N GLY A 70 -17.30 -5.68 -0.13
CA GLY A 70 -17.13 -5.32 -1.53
C GLY A 70 -15.69 -5.43 -1.98
N VAL A 71 -15.48 -5.40 -3.29
CA VAL A 71 -14.13 -5.50 -3.85
C VAL A 71 -13.62 -4.12 -4.27
N TYR A 72 -12.56 -3.67 -3.59
CA TYR A 72 -11.97 -2.38 -3.89
C TYR A 72 -10.56 -2.53 -4.45
N ALA A 73 -9.97 -1.41 -4.86
CA ALA A 73 -8.63 -1.42 -5.44
C ALA A 73 -7.90 -0.10 -5.15
N VAL A 74 -7.02 -0.13 -4.16
CA VAL A 74 -6.27 1.06 -3.78
C VAL A 74 -5.04 1.23 -4.67
N ARG A 75 -4.89 2.40 -5.26
CA ARG A 75 -3.77 2.69 -6.14
C ARG A 75 -2.79 3.65 -5.49
N ILE A 76 -1.60 3.15 -5.15
CA ILE A 76 -0.57 3.96 -4.52
C ILE A 76 0.49 4.38 -5.54
N ALA A 77 0.44 5.63 -5.97
CA ALA A 77 1.39 6.16 -6.94
C ALA A 77 2.56 6.84 -6.24
N THR A 78 3.68 6.12 -6.14
CA THR A 78 4.87 6.66 -5.49
C THR A 78 5.84 7.24 -6.53
N GLU A 79 6.91 7.86 -6.04
CA GLU A 79 7.91 8.46 -6.92
C GLU A 79 8.81 7.39 -7.53
N GLY A 80 8.28 6.67 -8.51
CA GLY A 80 9.05 5.62 -9.16
C GLY A 80 8.17 4.58 -9.81
N LYS A 81 7.41 3.86 -9.00
CA LYS A 81 6.51 2.81 -9.51
C LYS A 81 5.16 2.88 -8.82
N THR A 82 4.09 2.87 -9.61
CA THR A 82 2.73 2.93 -9.08
C THR A 82 2.22 1.54 -8.74
N TYR A 83 2.14 1.24 -7.44
CA TYR A 83 1.65 -0.06 -6.98
C TYR A 83 0.13 -0.06 -6.90
N THR A 84 -0.47 -1.25 -6.83
CA THR A 84 -1.91 -1.38 -6.76
C THR A 84 -2.32 -2.57 -5.88
N GLU A 85 -2.88 -2.27 -4.72
CA GLU A 85 -3.33 -3.30 -3.80
C GLU A 85 -4.85 -3.24 -3.62
N LYS A 86 -5.53 -4.31 -4.02
CA LYS A 86 -6.99 -4.37 -3.90
C LYS A 86 -7.41 -4.77 -2.49
N VAL A 87 -8.24 -3.94 -1.87
CA VAL A 87 -8.73 -4.21 -0.52
C VAL A 87 -10.09 -4.88 -0.55
N ILE A 88 -10.09 -6.19 -0.36
CA ILE A 88 -11.34 -6.96 -0.37
C ILE A 88 -11.89 -7.13 1.05
N VAL A 89 -13.19 -6.86 1.19
CA VAL A 89 -13.84 -6.98 2.49
C VAL A 89 -14.75 -8.19 2.54
N LYS A 90 -14.90 -8.78 3.72
CA LYS A 90 -15.75 -9.95 3.88
C LYS A 90 -16.50 -9.88 5.21
N MET A 1 33.40 -0.03 11.72
CA MET A 1 33.72 -0.70 10.42
C MET A 1 32.48 -1.34 9.81
N ALA A 2 32.32 -1.17 8.51
CA ALA A 2 31.18 -1.72 7.80
C ALA A 2 31.62 -2.46 6.53
N HIS A 3 32.92 -2.74 6.45
CA HIS A 3 33.48 -3.44 5.29
C HIS A 3 33.27 -2.66 4.01
N HIS A 4 33.76 -3.20 2.89
CA HIS A 4 33.62 -2.55 1.59
C HIS A 4 33.15 -3.56 0.54
N HIS A 5 31.84 -3.78 0.49
CA HIS A 5 31.25 -4.71 -0.46
C HIS A 5 29.98 -4.13 -1.07
N HIS A 6 29.30 -3.27 -0.32
CA HIS A 6 28.07 -2.64 -0.77
C HIS A 6 28.38 -1.52 -1.76
N HIS A 7 27.32 -0.92 -2.30
CA HIS A 7 27.47 0.17 -3.26
C HIS A 7 26.25 1.09 -3.24
N HIS A 8 26.52 2.39 -3.13
CA HIS A 8 25.46 3.39 -3.09
C HIS A 8 24.46 3.11 -1.96
N VAL A 9 24.96 3.05 -0.74
CA VAL A 9 24.12 2.79 0.42
C VAL A 9 23.78 4.09 1.15
N ASP A 10 22.55 4.19 1.65
CA ASP A 10 22.10 5.38 2.36
C ASP A 10 21.74 5.04 3.80
N ASP A 11 21.86 6.04 4.68
CA ASP A 11 21.55 5.85 6.09
C ASP A 11 20.08 6.20 6.37
N ASP A 12 19.18 5.35 5.90
CA ASP A 12 17.74 5.57 6.09
C ASP A 12 17.00 4.24 6.21
N ASP A 13 17.51 3.22 5.53
CA ASP A 13 16.89 1.90 5.57
C ASP A 13 17.90 0.81 5.23
N LYS A 14 17.51 -0.44 5.42
CA LYS A 14 18.38 -1.58 5.14
C LYS A 14 18.07 -2.18 3.77
N MET A 15 18.84 -1.78 2.77
CA MET A 15 18.65 -2.26 1.41
C MET A 15 19.44 -3.55 1.17
N GLY A 16 18.98 -4.35 0.22
CA GLY A 16 19.66 -5.60 -0.09
C GLY A 16 19.44 -6.66 0.97
N THR A 17 18.18 -7.04 1.18
CA THR A 17 17.85 -8.06 2.17
C THR A 17 17.81 -9.44 1.54
N SER A 18 17.85 -10.47 2.38
CA SER A 18 17.83 -11.86 1.90
C SER A 18 16.46 -12.48 2.10
N ILE A 19 15.43 -11.65 2.16
CA ILE A 19 14.06 -12.13 2.35
C ILE A 19 13.31 -12.16 1.02
N ALA A 20 13.31 -11.02 0.32
CA ALA A 20 12.63 -10.92 -0.97
C ALA A 20 13.07 -9.65 -1.71
N ASP A 21 14.01 -8.92 -1.11
CA ASP A 21 14.52 -7.69 -1.69
C ASP A 21 13.44 -6.62 -1.84
N VAL A 22 13.68 -5.46 -1.24
CA VAL A 22 12.73 -4.35 -1.29
C VAL A 22 11.36 -4.78 -0.78
N ALA A 23 11.35 -5.76 0.11
CA ALA A 23 10.10 -6.26 0.68
C ALA A 23 10.05 -5.99 2.18
N ASN A 24 10.62 -4.86 2.60
CA ASN A 24 10.64 -4.48 4.01
C ASN A 24 10.68 -2.96 4.15
N ASP A 25 11.46 -2.31 3.30
CA ASP A 25 11.58 -0.85 3.33
C ASP A 25 10.74 -0.21 2.24
N LYS A 26 9.49 -0.65 2.13
CA LYS A 26 8.57 -0.11 1.12
C LYS A 26 8.09 1.29 1.52
N PRO A 27 7.94 2.20 0.54
CA PRO A 27 7.49 3.57 0.79
C PRO A 27 5.97 3.67 0.92
N TYR A 28 5.34 2.57 1.32
CA TYR A 28 3.90 2.54 1.49
C TYR A 28 3.48 1.45 2.48
N THR A 29 2.38 1.69 3.19
CA THR A 29 1.89 0.72 4.17
C THR A 29 0.36 0.77 4.25
N VAL A 30 -0.28 -0.26 3.70
CA VAL A 30 -1.74 -0.34 3.72
C VAL A 30 -2.22 -1.17 4.89
N ALA A 31 -3.45 -0.90 5.34
CA ALA A 31 -4.04 -1.63 6.45
C ALA A 31 -5.56 -1.50 6.46
N VAL A 32 -6.23 -2.63 6.67
CA VAL A 32 -7.69 -2.64 6.69
C VAL A 32 -8.21 -2.93 8.10
N SER A 33 -9.33 -2.30 8.45
CA SER A 33 -9.93 -2.48 9.77
C SER A 33 -11.44 -2.61 9.66
N GLY A 34 -11.92 -3.85 9.54
CA GLY A 34 -13.35 -4.09 9.44
C GLY A 34 -13.96 -3.42 8.23
N LYS A 35 -14.53 -2.23 8.43
CA LYS A 35 -15.16 -1.49 7.34
C LYS A 35 -14.45 -0.16 7.12
N THR A 36 -13.15 -0.12 7.40
CA THR A 36 -12.37 1.10 7.23
C THR A 36 -11.11 0.83 6.42
N ILE A 37 -10.76 1.76 5.54
CA ILE A 37 -9.58 1.63 4.71
C ILE A 37 -8.53 2.68 5.06
N THR A 38 -7.47 2.24 5.75
CA THR A 38 -6.42 3.16 6.17
C THR A 38 -5.12 2.90 5.39
N VAL A 39 -4.56 3.95 4.82
CA VAL A 39 -3.31 3.85 4.06
C VAL A 39 -2.37 5.01 4.39
N GLU A 40 -1.11 4.68 4.63
CA GLU A 40 -0.11 5.69 4.95
C GLU A 40 1.06 5.64 3.97
N SER A 41 1.05 6.56 3.00
CA SER A 41 2.12 6.62 2.00
C SER A 41 2.49 8.07 1.71
N PRO A 42 3.38 8.66 2.52
CA PRO A 42 3.81 10.05 2.34
C PRO A 42 4.27 10.34 0.91
N ALA A 43 3.80 11.46 0.36
CA ALA A 43 4.14 11.86 -1.01
C ALA A 43 3.74 10.78 -2.01
N ALA A 44 2.43 10.61 -2.19
CA ALA A 44 1.91 9.61 -3.13
C ALA A 44 0.43 9.83 -3.39
N GLY A 45 0.02 9.67 -4.65
CA GLY A 45 -1.37 9.84 -5.00
C GLY A 45 -2.19 8.58 -4.80
N LEU A 46 -3.13 8.64 -3.87
CA LEU A 46 -3.99 7.49 -3.58
C LEU A 46 -5.34 7.63 -4.25
N THR A 47 -5.83 6.53 -4.81
CA THR A 47 -7.13 6.51 -5.49
C THR A 47 -7.84 5.19 -5.29
N ILE A 48 -8.93 5.22 -4.53
CA ILE A 48 -9.71 4.01 -4.26
C ILE A 48 -10.77 3.76 -5.34
N PHE A 49 -11.02 2.48 -5.62
CA PHE A 49 -12.01 2.10 -6.62
C PHE A 49 -13.00 1.09 -6.04
N ASP A 50 -14.22 1.09 -6.56
CA ASP A 50 -15.25 0.18 -6.09
C ASP A 50 -15.41 -1.01 -7.04
N MET A 51 -16.49 -1.77 -6.86
CA MET A 51 -16.76 -2.94 -7.69
C MET A 51 -16.85 -2.56 -9.16
N ASN A 52 -17.60 -1.51 -9.46
CA ASN A 52 -17.78 -1.04 -10.83
C ASN A 52 -16.43 -0.66 -11.45
N GLY A 53 -15.41 -0.53 -10.60
CA GLY A 53 -14.09 -0.16 -11.09
C GLY A 53 -13.93 1.33 -11.28
N ARG A 54 -14.92 2.09 -10.83
CA ARG A 54 -14.88 3.54 -10.96
C ARG A 54 -14.40 4.18 -9.66
N ARG A 55 -13.82 5.38 -9.80
CA ARG A 55 -13.31 6.12 -8.65
C ARG A 55 -14.38 6.27 -7.57
N VAL A 56 -13.94 6.26 -6.31
CA VAL A 56 -14.87 6.40 -5.19
C VAL A 56 -14.30 7.36 -4.14
N ALA A 57 -12.98 7.55 -4.17
CA ALA A 57 -12.31 8.44 -3.23
C ALA A 57 -10.88 8.74 -3.67
N THR A 58 -10.41 9.95 -3.38
CA THR A 58 -9.06 10.35 -3.74
C THR A 58 -8.44 11.26 -2.68
N ALA A 59 -7.17 11.01 -2.36
CA ALA A 59 -6.45 11.80 -1.37
C ALA A 59 -4.95 11.64 -1.52
N LYS A 60 -4.19 12.51 -0.88
CA LYS A 60 -2.74 12.47 -0.95
C LYS A 60 -2.14 12.15 0.42
N ASN A 61 -0.92 11.64 0.42
CA ASN A 61 -0.22 11.27 1.66
C ASN A 61 -0.96 10.18 2.42
N ARG A 62 -1.93 10.58 3.23
CA ARG A 62 -2.72 9.63 4.01
C ARG A 62 -4.18 9.64 3.57
N MET A 63 -4.82 8.47 3.62
CA MET A 63 -6.21 8.34 3.22
C MET A 63 -6.98 7.47 4.21
N VAL A 64 -8.22 7.84 4.47
CA VAL A 64 -9.08 7.11 5.39
C VAL A 64 -10.55 7.21 4.97
N PHE A 65 -11.15 6.07 4.63
CA PHE A 65 -12.53 6.04 4.21
C PHE A 65 -13.21 4.74 4.64
N GLU A 66 -14.42 4.87 5.21
CA GLU A 66 -15.17 3.72 5.67
C GLU A 66 -15.95 3.09 4.52
N ALA A 67 -15.46 1.94 4.05
CA ALA A 67 -16.10 1.24 2.94
C ALA A 67 -16.89 0.04 3.44
N GLN A 68 -17.87 -0.38 2.66
CA GLN A 68 -18.71 -1.52 3.01
C GLN A 68 -18.23 -2.79 2.30
N ASN A 69 -19.04 -3.84 2.39
CA ASN A 69 -18.71 -5.11 1.74
C ASN A 69 -18.55 -4.94 0.24
N GLY A 70 -17.64 -5.71 -0.35
CA GLY A 70 -17.40 -5.64 -1.78
C GLY A 70 -15.93 -5.60 -2.13
N VAL A 71 -15.62 -5.68 -3.42
CA VAL A 71 -14.24 -5.64 -3.88
C VAL A 71 -13.80 -4.21 -4.19
N TYR A 72 -12.59 -3.86 -3.77
CA TYR A 72 -12.05 -2.53 -3.99
C TYR A 72 -10.64 -2.59 -4.56
N ALA A 73 -10.10 -1.43 -4.90
CA ALA A 73 -8.76 -1.34 -5.45
C ALA A 73 -8.08 -0.02 -5.09
N VAL A 74 -7.18 -0.07 -4.11
CA VAL A 74 -6.48 1.12 -3.66
C VAL A 74 -5.17 1.30 -4.43
N ARG A 75 -5.09 2.35 -5.23
CA ARG A 75 -3.90 2.63 -6.02
C ARG A 75 -2.90 3.46 -5.23
N ILE A 76 -1.62 3.16 -5.42
CA ILE A 76 -0.56 3.87 -4.71
C ILE A 76 0.55 4.29 -5.68
N ALA A 77 0.51 5.56 -6.08
CA ALA A 77 1.50 6.09 -7.02
C ALA A 77 2.63 6.80 -6.28
N THR A 78 3.79 6.14 -6.21
CA THR A 78 4.95 6.70 -5.55
C THR A 78 5.92 7.31 -6.56
N GLU A 79 6.94 8.01 -6.06
CA GLU A 79 7.92 8.64 -6.92
C GLU A 79 8.78 7.58 -7.63
N GLY A 80 8.29 7.09 -8.76
CA GLY A 80 9.03 6.09 -9.52
C GLY A 80 8.11 5.08 -10.18
N LYS A 81 7.35 4.35 -9.37
CA LYS A 81 6.42 3.35 -9.88
C LYS A 81 5.02 3.56 -9.32
N THR A 82 4.08 2.73 -9.75
CA THR A 82 2.70 2.83 -9.29
C THR A 82 2.16 1.46 -8.91
N TYR A 83 2.13 1.17 -7.61
CA TYR A 83 1.64 -0.11 -7.12
C TYR A 83 0.12 -0.10 -7.06
N THR A 84 -0.47 -1.29 -6.93
CA THR A 84 -1.92 -1.42 -6.87
C THR A 84 -2.32 -2.56 -5.94
N GLU A 85 -2.95 -2.21 -4.82
CA GLU A 85 -3.39 -3.20 -3.85
C GLU A 85 -4.90 -3.16 -3.69
N LYS A 86 -5.56 -4.26 -4.04
CA LYS A 86 -7.01 -4.33 -3.93
C LYS A 86 -7.44 -4.68 -2.52
N VAL A 87 -8.53 -4.07 -2.06
CA VAL A 87 -9.03 -4.32 -0.72
C VAL A 87 -10.28 -5.19 -0.76
N ILE A 88 -10.17 -6.38 -0.16
CA ILE A 88 -11.29 -7.32 -0.13
C ILE A 88 -11.88 -7.42 1.26
N VAL A 89 -13.12 -6.95 1.41
CA VAL A 89 -13.80 -6.99 2.70
C VAL A 89 -15.14 -7.72 2.60
N LYS A 90 -15.30 -8.75 3.43
CA LYS A 90 -16.53 -9.53 3.44
C LYS A 90 -17.08 -9.64 4.86
N MET A 1 25.80 -13.39 14.30
CA MET A 1 26.41 -14.48 13.51
C MET A 1 25.51 -14.89 12.35
N ALA A 2 25.83 -14.40 11.15
CA ALA A 2 25.05 -14.70 9.96
C ALA A 2 25.78 -15.68 9.05
N HIS A 3 25.25 -16.89 8.94
CA HIS A 3 25.85 -17.92 8.11
C HIS A 3 24.97 -18.21 6.89
N HIS A 4 23.73 -17.76 6.95
CA HIS A 4 22.78 -17.96 5.85
C HIS A 4 22.66 -16.71 4.99
N HIS A 5 22.38 -16.90 3.71
CA HIS A 5 22.23 -15.79 2.78
C HIS A 5 23.49 -14.92 2.77
N HIS A 6 24.52 -15.38 2.07
CA HIS A 6 25.78 -14.65 1.98
C HIS A 6 25.81 -13.74 0.76
N HIS A 7 24.62 -13.43 0.24
CA HIS A 7 24.51 -12.56 -0.92
C HIS A 7 24.67 -11.10 -0.53
N HIS A 8 25.68 -10.44 -1.09
CA HIS A 8 25.93 -9.04 -0.79
C HIS A 8 24.92 -8.13 -1.48
N VAL A 9 24.08 -7.49 -0.68
CA VAL A 9 23.06 -6.59 -1.21
C VAL A 9 22.99 -5.30 -0.39
N ASP A 10 22.70 -5.44 0.89
CA ASP A 10 22.61 -4.30 1.80
C ASP A 10 21.61 -3.27 1.27
N ASP A 11 20.34 -3.45 1.61
CA ASP A 11 19.29 -2.54 1.18
C ASP A 11 19.29 -1.28 2.05
N ASP A 12 18.22 -0.48 1.92
CA ASP A 12 18.10 0.75 2.68
C ASP A 12 18.17 0.47 4.18
N ASP A 13 17.32 -0.44 4.66
CA ASP A 13 17.30 -0.80 6.06
C ASP A 13 17.21 -2.32 6.24
N LYS A 14 16.19 -2.92 5.62
CA LYS A 14 16.01 -4.36 5.71
C LYS A 14 16.72 -5.07 4.56
N MET A 15 17.83 -5.73 4.88
CA MET A 15 18.61 -6.44 3.87
C MET A 15 17.86 -7.68 3.38
N GLY A 16 16.98 -8.21 4.22
CA GLY A 16 16.21 -9.38 3.85
C GLY A 16 15.70 -10.14 5.06
N THR A 17 14.45 -10.58 4.99
CA THR A 17 13.83 -11.32 6.10
C THR A 17 13.25 -12.64 5.61
N SER A 18 13.14 -13.61 6.51
CA SER A 18 12.60 -14.92 6.17
C SER A 18 11.07 -14.91 6.19
N ILE A 19 10.48 -13.83 5.67
CA ILE A 19 9.03 -13.70 5.64
C ILE A 19 8.56 -13.33 4.23
N ALA A 20 9.33 -12.47 3.56
CA ALA A 20 9.00 -12.03 2.21
C ALA A 20 10.16 -11.24 1.60
N ASP A 21 11.26 -11.93 1.34
CA ASP A 21 12.45 -11.29 0.76
C ASP A 21 12.11 -10.63 -0.58
N VAL A 22 12.90 -9.63 -0.94
CA VAL A 22 12.70 -8.90 -2.19
C VAL A 22 11.28 -8.33 -2.27
N ALA A 23 10.83 -7.75 -1.16
CA ALA A 23 9.49 -7.18 -1.09
C ALA A 23 9.34 -6.27 0.13
N ASN A 24 10.42 -6.15 0.91
CA ASN A 24 10.40 -5.32 2.10
C ASN A 24 10.78 -3.87 1.77
N ASP A 25 10.82 -3.03 2.80
CA ASP A 25 11.16 -1.63 2.63
C ASP A 25 10.21 -0.94 1.64
N LYS A 26 8.91 -1.07 1.91
CA LYS A 26 7.90 -0.47 1.04
C LYS A 26 7.71 1.01 1.37
N PRO A 27 7.55 1.86 0.35
CA PRO A 27 7.36 3.30 0.53
C PRO A 27 5.96 3.67 0.98
N TYR A 28 5.13 2.65 1.23
CA TYR A 28 3.76 2.87 1.66
C TYR A 28 3.41 1.93 2.83
N THR A 29 2.33 2.26 3.53
CA THR A 29 1.88 1.45 4.66
C THR A 29 0.36 1.36 4.70
N VAL A 30 -0.16 0.19 4.35
CA VAL A 30 -1.61 -0.03 4.35
C VAL A 30 -2.07 -0.61 5.69
N ALA A 31 -3.33 -0.35 6.03
CA ALA A 31 -3.89 -0.84 7.29
C ALA A 31 -5.41 -0.90 7.22
N VAL A 32 -5.96 -2.11 7.20
CA VAL A 32 -7.40 -2.30 7.14
C VAL A 32 -7.97 -2.65 8.51
N SER A 33 -9.02 -1.93 8.90
CA SER A 33 -9.65 -2.15 10.19
C SER A 33 -11.16 -2.39 10.03
N GLY A 34 -11.54 -3.66 9.89
CA GLY A 34 -12.93 -4.01 9.72
C GLY A 34 -13.52 -3.49 8.43
N LYS A 35 -14.19 -2.34 8.50
CA LYS A 35 -14.81 -1.73 7.33
C LYS A 35 -14.20 -0.36 7.04
N THR A 36 -12.94 -0.18 7.42
CA THR A 36 -12.25 1.07 7.20
C THR A 36 -10.92 0.87 6.47
N ILE A 37 -10.76 1.55 5.35
CA ILE A 37 -9.55 1.45 4.55
C ILE A 37 -8.63 2.64 4.80
N THR A 38 -7.61 2.42 5.63
CA THR A 38 -6.65 3.47 5.96
C THR A 38 -5.27 3.17 5.39
N VAL A 39 -4.82 4.02 4.47
CA VAL A 39 -3.52 3.86 3.85
C VAL A 39 -2.73 5.17 3.87
N GLU A 40 -1.48 5.10 4.31
CA GLU A 40 -0.62 6.27 4.38
C GLU A 40 0.68 6.05 3.62
N SER A 41 0.97 6.96 2.70
CA SER A 41 2.18 6.88 1.89
C SER A 41 2.77 8.26 1.64
N PRO A 42 3.83 8.64 2.39
CA PRO A 42 4.47 9.96 2.24
C PRO A 42 4.76 10.29 0.78
N ALA A 43 4.17 11.40 0.31
CA ALA A 43 4.36 11.85 -1.06
C ALA A 43 3.93 10.76 -2.05
N ALA A 44 2.63 10.56 -2.19
CA ALA A 44 2.10 9.55 -3.10
C ALA A 44 0.60 9.77 -3.35
N GLY A 45 0.17 9.54 -4.59
CA GLY A 45 -1.23 9.71 -4.94
C GLY A 45 -2.04 8.44 -4.74
N LEU A 46 -2.98 8.49 -3.79
CA LEU A 46 -3.83 7.34 -3.51
C LEU A 46 -5.17 7.47 -4.22
N THR A 47 -5.70 6.33 -4.69
CA THR A 47 -6.97 6.32 -5.39
C THR A 47 -7.71 4.99 -5.17
N ILE A 48 -8.82 5.05 -4.45
CA ILE A 48 -9.61 3.85 -4.16
C ILE A 48 -10.68 3.64 -5.22
N PHE A 49 -10.79 2.39 -5.69
CA PHE A 49 -11.78 2.04 -6.70
C PHE A 49 -12.82 1.08 -6.13
N ASP A 50 -14.07 1.21 -6.60
CA ASP A 50 -15.15 0.35 -6.13
C ASP A 50 -15.40 -0.80 -7.11
N MET A 51 -16.46 -1.56 -6.86
CA MET A 51 -16.80 -2.69 -7.71
C MET A 51 -16.99 -2.26 -9.17
N ASN A 52 -17.72 -1.17 -9.36
CA ASN A 52 -17.97 -0.65 -10.71
C ASN A 52 -16.67 -0.27 -11.40
N GLY A 53 -15.65 0.06 -10.61
CA GLY A 53 -14.36 0.44 -11.17
C GLY A 53 -14.16 1.94 -11.18
N ARG A 54 -15.19 2.68 -10.76
CA ARG A 54 -15.11 4.14 -10.72
C ARG A 54 -14.41 4.61 -9.45
N ARG A 55 -13.85 5.81 -9.51
CA ARG A 55 -13.15 6.40 -8.37
C ARG A 55 -14.13 6.75 -7.26
N VAL A 56 -14.23 5.90 -6.25
CA VAL A 56 -15.13 6.14 -5.13
C VAL A 56 -14.57 7.20 -4.19
N ALA A 57 -13.25 7.30 -4.15
CA ALA A 57 -12.57 8.27 -3.30
C ALA A 57 -11.15 8.52 -3.78
N THR A 58 -10.70 9.77 -3.64
CA THR A 58 -9.35 10.15 -4.06
C THR A 58 -8.70 11.07 -3.05
N ALA A 59 -7.45 10.75 -2.70
CA ALA A 59 -6.70 11.55 -1.74
C ALA A 59 -5.20 11.38 -1.95
N LYS A 60 -4.41 12.12 -1.18
CA LYS A 60 -2.95 12.04 -1.28
C LYS A 60 -2.32 11.84 0.10
N ASN A 61 -1.22 11.09 0.13
CA ASN A 61 -0.51 10.82 1.38
C ASN A 61 -1.40 10.03 2.35
N ARG A 62 -2.13 10.76 3.20
CA ARG A 62 -3.02 10.13 4.16
C ARG A 62 -4.43 10.02 3.59
N MET A 63 -4.99 8.81 3.62
CA MET A 63 -6.32 8.58 3.09
C MET A 63 -7.11 7.63 3.97
N VAL A 64 -8.36 7.99 4.26
CA VAL A 64 -9.24 7.17 5.08
C VAL A 64 -10.67 7.22 4.55
N PHE A 65 -11.28 6.06 4.39
CA PHE A 65 -12.65 5.97 3.89
C PHE A 65 -13.36 4.72 4.40
N GLU A 66 -14.60 4.89 4.86
CA GLU A 66 -15.38 3.78 5.37
C GLU A 66 -16.07 3.04 4.22
N ALA A 67 -15.57 1.84 3.92
CA ALA A 67 -16.13 1.03 2.84
C ALA A 67 -16.83 -0.21 3.39
N GLN A 68 -17.93 -0.59 2.75
CA GLN A 68 -18.68 -1.76 3.16
C GLN A 68 -18.32 -2.97 2.31
N ASN A 69 -19.07 -4.06 2.47
CA ASN A 69 -18.81 -5.29 1.73
C ASN A 69 -18.66 -5.00 0.24
N GLY A 70 -17.62 -5.56 -0.37
CA GLY A 70 -17.38 -5.35 -1.78
C GLY A 70 -15.90 -5.41 -2.13
N VAL A 71 -15.60 -5.48 -3.43
CA VAL A 71 -14.22 -5.54 -3.89
C VAL A 71 -13.67 -4.14 -4.17
N TYR A 72 -12.49 -3.86 -3.64
CA TYR A 72 -11.86 -2.56 -3.84
C TYR A 72 -10.40 -2.72 -4.24
N ALA A 73 -9.81 -1.64 -4.75
CA ALA A 73 -8.42 -1.65 -5.17
C ALA A 73 -7.77 -0.29 -4.95
N VAL A 74 -6.98 -0.19 -3.88
CA VAL A 74 -6.31 1.05 -3.55
C VAL A 74 -4.98 1.17 -4.28
N ARG A 75 -4.88 2.18 -5.15
CA ARG A 75 -3.66 2.40 -5.92
C ARG A 75 -2.73 3.38 -5.21
N ILE A 76 -1.44 3.08 -5.25
CA ILE A 76 -0.42 3.92 -4.62
C ILE A 76 0.63 4.34 -5.64
N ALA A 77 0.52 5.56 -6.13
CA ALA A 77 1.45 6.09 -7.12
C ALA A 77 2.55 6.93 -6.47
N THR A 78 3.73 6.33 -6.31
CA THR A 78 4.86 7.01 -5.71
C THR A 78 5.65 7.80 -6.76
N GLU A 79 6.70 8.48 -6.32
CA GLU A 79 7.54 9.26 -7.22
C GLU A 79 8.53 8.37 -7.96
N GLY A 80 8.06 7.23 -8.45
CA GLY A 80 8.92 6.31 -9.16
C GLY A 80 8.16 5.11 -9.71
N LYS A 81 7.29 4.54 -8.89
CA LYS A 81 6.50 3.37 -9.29
C LYS A 81 5.04 3.54 -8.88
N THR A 82 4.24 2.50 -9.13
CA THR A 82 2.82 2.52 -8.80
C THR A 82 2.35 1.14 -8.32
N TYR A 83 2.19 1.01 -7.00
CA TYR A 83 1.74 -0.24 -6.41
C TYR A 83 0.24 -0.23 -6.18
N THR A 84 -0.49 -1.06 -6.92
CA THR A 84 -1.94 -1.15 -6.79
C THR A 84 -2.36 -2.41 -6.06
N GLU A 85 -2.92 -2.23 -4.86
CA GLU A 85 -3.36 -3.36 -4.05
C GLU A 85 -4.88 -3.49 -4.07
N LYS A 86 -5.36 -4.73 -4.06
CA LYS A 86 -6.80 -5.00 -4.07
C LYS A 86 -7.30 -5.30 -2.67
N VAL A 87 -7.99 -4.35 -2.05
CA VAL A 87 -8.52 -4.54 -0.70
C VAL A 87 -9.94 -5.07 -0.75
N ILE A 88 -10.08 -6.38 -0.56
CA ILE A 88 -11.39 -7.03 -0.57
C ILE A 88 -11.92 -7.23 0.84
N VAL A 89 -13.18 -6.84 1.05
CA VAL A 89 -13.82 -6.97 2.35
C VAL A 89 -15.09 -7.81 2.27
N LYS A 90 -15.31 -8.63 3.30
CA LYS A 90 -16.49 -9.50 3.35
C LYS A 90 -17.32 -9.21 4.59
#